data_8X82
#
_entry.id   8X82
#
_cell.length_a   1.00
_cell.length_b   1.00
_cell.length_c   1.00
_cell.angle_alpha   90.00
_cell.angle_beta   90.00
_cell.angle_gamma   90.00
#
_symmetry.space_group_name_H-M   'P 1'
#
_entity_poly.entity_id   1
_entity_poly.type   'polypeptide(L)'
_entity_poly.pdbx_seq_one_letter_code
;MEISQPSIGIFYISKVLALAPYATVRNSKGRVEIGRSWLFTVYSATLTVVMVFLTYRGLLFDANSEIPVRMKSATSKVVT
ALDVSVVVMAIVSGVYCGLFSLNDTLELNDRLNKIDNTLNAYNNFRRDRWRALGMAAVSLLAISILVGLDVGTWMRIAQD
MNIAQSDTELNVHWYIPFYSLYFILTGLQVNIANTAYGLGRRFGRLNRMLSSSFLAENNATSAIKPQKVSTVKNVSVNRP
AMPSALHASLTKLNGETLPSEAAAKNKGLLLKSLADSHESLGKCVHLLSNSFGIAVLFILVSCLLHLVATAYFLFLELLS
KRDNGYLWVQMLWICFHFLRLLMVVEPCHLAARESRKTIQIVCEIERKVHEPILAEAVKKFWQQLLVVDADFSACGLCRV
NRTILTSFASAIATYLVALIQFQRTNGLEGGSSGGWSHPQFEK
;
_entity_poly.pdbx_strand_id   A,B,C,D
#
# COMPACT_ATOMS: atom_id res chain seq x y z
N MET A 1 -24.46 -3.06 -17.09
CA MET A 1 -25.03 -1.79 -17.54
C MET A 1 -26.54 -1.75 -17.27
N GLU A 2 -27.00 -0.66 -16.67
CA GLU A 2 -28.39 -0.53 -16.26
C GLU A 2 -29.19 0.21 -17.32
N ILE A 3 -30.31 -0.39 -17.74
CA ILE A 3 -31.28 0.27 -18.63
C ILE A 3 -32.65 0.13 -17.96
N SER A 4 -33.06 1.16 -17.23
CA SER A 4 -34.37 1.23 -16.61
C SER A 4 -35.17 2.37 -17.24
N GLN A 5 -36.48 2.34 -17.01
CA GLN A 5 -37.38 3.36 -17.55
C GLN A 5 -37.02 4.75 -17.02
N PRO A 6 -36.75 4.95 -15.72
CA PRO A 6 -36.33 6.28 -15.27
C PRO A 6 -35.06 6.77 -15.94
N SER A 7 -34.11 5.87 -16.22
CA SER A 7 -32.83 6.22 -16.80
C SER A 7 -32.75 5.86 -18.29
N ILE A 8 -33.89 5.78 -18.98
CA ILE A 8 -33.88 5.41 -20.38
C ILE A 8 -33.23 6.49 -21.23
N GLY A 9 -33.23 7.74 -20.75
CA GLY A 9 -32.58 8.80 -21.49
C GLY A 9 -31.08 8.61 -21.58
N ILE A 10 -30.46 8.20 -20.48
CA ILE A 10 -29.03 7.92 -20.49
C ILE A 10 -28.72 6.75 -21.42
N PHE A 11 -29.60 5.74 -21.44
CA PHE A 11 -29.41 4.63 -22.36
C PHE A 11 -29.48 5.07 -23.81
N TYR A 12 -30.44 5.95 -24.14
CA TYR A 12 -30.53 6.44 -25.52
C TYR A 12 -29.31 7.26 -25.89
N ILE A 13 -28.81 8.09 -24.97
CA ILE A 13 -27.60 8.85 -25.22
C ILE A 13 -26.42 7.92 -25.48
N SER A 14 -26.30 6.87 -24.66
CA SER A 14 -25.23 5.90 -24.87
C SER A 14 -25.42 5.11 -26.16
N LYS A 15 -26.67 4.87 -26.55
CA LYS A 15 -26.94 4.11 -27.75
C LYS A 15 -26.55 4.89 -29.01
N VAL A 16 -26.88 6.18 -29.06
CA VAL A 16 -26.50 6.99 -30.20
C VAL A 16 -25.01 7.32 -30.20
N LEU A 17 -24.33 7.12 -29.06
CA LEU A 17 -22.90 7.35 -28.96
C LEU A 17 -22.09 6.07 -29.09
N ALA A 18 -22.67 5.03 -29.69
CA ALA A 18 -22.00 3.76 -29.99
C ALA A 18 -21.55 3.01 -28.74
N LEU A 19 -22.26 3.14 -27.63
CA LEU A 19 -21.87 2.48 -26.39
C LEU A 19 -22.87 1.45 -25.89
N ALA A 20 -24.12 1.50 -26.35
CA ALA A 20 -25.16 0.57 -25.91
C ALA A 20 -25.86 0.00 -27.12
N PRO A 21 -25.25 -0.99 -27.78
CA PRO A 21 -25.87 -1.59 -28.98
C PRO A 21 -26.94 -2.62 -28.64
N TYR A 22 -27.96 -2.18 -27.90
CA TYR A 22 -29.04 -3.05 -27.47
C TYR A 22 -30.38 -2.46 -27.91
N ALA A 23 -31.28 -3.33 -28.34
CA ALA A 23 -32.63 -2.95 -28.71
C ALA A 23 -33.57 -3.29 -27.56
N THR A 24 -34.28 -2.29 -27.05
CA THR A 24 -35.15 -2.46 -25.89
C THR A 24 -36.58 -2.08 -26.28
N VAL A 25 -37.51 -2.99 -26.02
CA VAL A 25 -38.94 -2.75 -26.21
C VAL A 25 -39.62 -2.81 -24.86
N ARG A 26 -40.34 -1.75 -24.51
CA ARG A 26 -41.01 -1.68 -23.22
C ARG A 26 -42.23 -2.58 -23.21
N ASN A 27 -42.36 -3.40 -22.16
CA ASN A 27 -43.52 -4.28 -22.02
C ASN A 27 -44.73 -3.51 -21.51
N SER A 28 -45.90 -4.14 -21.57
CA SER A 28 -47.10 -3.53 -21.01
C SER A 28 -47.05 -3.47 -19.48
N LYS A 29 -46.18 -4.27 -18.85
CA LYS A 29 -46.04 -4.29 -17.40
C LYS A 29 -45.06 -3.24 -16.90
N GLY A 30 -44.43 -2.47 -17.79
CA GLY A 30 -43.43 -1.51 -17.40
C GLY A 30 -42.02 -2.03 -17.37
N ARG A 31 -41.82 -3.33 -17.57
CA ARG A 31 -40.50 -3.94 -17.59
C ARG A 31 -39.87 -3.75 -18.97
N VAL A 32 -38.57 -3.49 -18.99
CA VAL A 32 -37.83 -3.23 -20.22
C VAL A 32 -37.04 -4.48 -20.57
N GLU A 33 -37.40 -5.11 -21.69
CA GLU A 33 -36.62 -6.22 -22.22
C GLU A 33 -35.45 -5.70 -23.02
N ILE A 34 -34.36 -6.47 -23.03
CA ILE A 34 -33.12 -6.07 -23.69
C ILE A 34 -32.69 -7.18 -24.64
N GLY A 35 -32.33 -6.79 -25.86
CA GLY A 35 -31.81 -7.74 -26.82
C GLY A 35 -30.78 -7.06 -27.70
N ARG A 36 -29.93 -7.90 -28.30
CA ARG A 36 -28.89 -7.38 -29.19
C ARG A 36 -29.50 -6.73 -30.41
N SER A 37 -29.00 -5.56 -30.77
CA SER A 37 -29.43 -4.83 -31.96
C SER A 37 -28.27 -4.88 -32.95
N TRP A 38 -28.37 -5.78 -33.93
CA TRP A 38 -27.28 -5.95 -34.89
C TRP A 38 -27.09 -4.70 -35.74
N LEU A 39 -28.17 -3.97 -36.03
CA LEU A 39 -28.03 -2.70 -36.74
C LEU A 39 -27.17 -1.73 -35.94
N PHE A 40 -27.49 -1.54 -34.66
CA PHE A 40 -26.69 -0.67 -33.82
C PHE A 40 -25.36 -1.32 -33.40
N THR A 41 -25.27 -2.65 -33.45
CA THR A 41 -23.98 -3.30 -33.18
C THR A 41 -22.97 -2.97 -34.27
N VAL A 42 -23.36 -3.15 -35.54
CA VAL A 42 -22.46 -2.79 -36.63
C VAL A 42 -22.30 -1.28 -36.70
N TYR A 43 -23.34 -0.51 -36.34
CA TYR A 43 -23.20 0.94 -36.30
C TYR A 43 -22.16 1.37 -35.27
N SER A 44 -22.18 0.76 -34.09
CA SER A 44 -21.21 1.11 -33.06
C SER A 44 -19.79 0.75 -33.48
N ALA A 45 -19.60 -0.45 -34.02
CA ALA A 45 -18.27 -0.85 -34.46
C ALA A 45 -17.77 0.04 -35.60
N THR A 46 -18.63 0.30 -36.59
CA THR A 46 -18.23 1.13 -37.71
C THR A 46 -17.93 2.55 -37.28
N LEU A 47 -18.78 3.14 -36.43
CA LEU A 47 -18.54 4.51 -35.98
C LEU A 47 -17.26 4.61 -35.17
N THR A 48 -17.00 3.65 -34.29
CA THR A 48 -15.78 3.68 -33.49
C THR A 48 -14.54 3.62 -34.37
N VAL A 49 -14.52 2.66 -35.32
CA VAL A 49 -13.36 2.52 -36.19
C VAL A 49 -13.18 3.76 -37.05
N VAL A 50 -14.28 4.26 -37.62
CA VAL A 50 -14.18 5.39 -38.55
C VAL A 50 -13.69 6.64 -37.83
N MET A 51 -14.29 6.97 -36.69
CA MET A 51 -13.91 8.22 -36.03
C MET A 51 -12.56 8.13 -35.34
N VAL A 52 -12.16 6.94 -34.88
CA VAL A 52 -10.79 6.77 -34.40
C VAL A 52 -9.80 6.99 -35.52
N PHE A 53 -10.07 6.42 -36.69
CA PHE A 53 -9.20 6.63 -37.85
C PHE A 53 -9.17 8.11 -38.24
N LEU A 54 -10.32 8.77 -38.20
CA LEU A 54 -10.37 10.19 -38.53
C LEU A 54 -9.60 11.04 -37.52
N THR A 55 -9.69 10.70 -36.24
CA THR A 55 -8.95 11.45 -35.22
C THR A 55 -7.45 11.34 -35.43
N TYR A 56 -6.95 10.13 -35.67
CA TYR A 56 -5.53 9.96 -35.95
C TYR A 56 -5.12 10.51 -37.31
N ARG A 57 -6.02 10.50 -38.29
CA ARG A 57 -5.74 11.15 -39.57
C ARG A 57 -5.56 12.64 -39.39
N GLY A 58 -6.43 13.27 -38.60
CA GLY A 58 -6.25 14.69 -38.29
C GLY A 58 -4.99 14.97 -37.51
N LEU A 59 -4.62 14.07 -36.60
CA LEU A 59 -3.37 14.22 -35.86
C LEU A 59 -2.17 14.19 -36.81
N LEU A 60 -2.15 13.23 -37.74
CA LEU A 60 -1.07 13.14 -38.70
C LEU A 60 -1.07 14.34 -39.64
N PHE A 61 -2.26 14.79 -40.04
CA PHE A 61 -2.37 15.96 -40.90
C PHE A 61 -1.80 17.20 -40.21
N ASP A 62 -2.10 17.38 -38.93
CA ASP A 62 -1.54 18.49 -38.17
C ASP A 62 -0.02 18.37 -38.08
N ALA A 63 0.48 17.16 -37.86
CA ALA A 63 1.92 16.96 -37.78
C ALA A 63 2.61 17.19 -39.12
N ASN A 64 1.92 16.89 -40.23
CA ASN A 64 2.48 17.01 -41.56
C ASN A 64 2.04 18.29 -42.28
N SER A 65 1.35 19.19 -41.59
CA SER A 65 0.92 20.43 -42.21
C SER A 65 2.09 21.40 -42.32
N GLU A 66 1.91 22.43 -43.14
CA GLU A 66 2.94 23.45 -43.31
C GLU A 66 3.20 24.17 -41.99
N ILE A 67 2.14 24.61 -41.32
CA ILE A 67 2.25 25.24 -40.01
C ILE A 67 1.42 24.44 -39.01
N PRO A 68 2.02 23.53 -38.25
CA PRO A 68 1.26 22.77 -37.24
C PRO A 68 0.70 23.71 -36.17
N VAL A 69 -0.46 23.33 -35.64
CA VAL A 69 -1.10 24.14 -34.60
C VAL A 69 -0.85 23.53 -33.22
N ARG A 70 -1.09 22.23 -33.09
CA ARG A 70 -0.89 21.53 -31.84
C ARG A 70 0.37 20.67 -31.82
N MET A 71 0.73 20.06 -32.94
CA MET A 71 1.90 19.20 -33.03
C MET A 71 3.07 20.02 -33.55
N LYS A 72 3.46 21.02 -32.77
CA LYS A 72 4.53 21.94 -33.15
C LYS A 72 5.89 21.49 -32.64
N SER A 73 6.05 21.35 -31.33
CA SER A 73 7.32 20.93 -30.77
C SER A 73 7.29 19.44 -30.45
N ALA A 74 8.49 18.87 -30.26
CA ALA A 74 8.59 17.45 -29.93
C ALA A 74 7.87 17.15 -28.61
N THR A 75 8.06 17.98 -27.60
CA THR A 75 7.30 17.84 -26.36
C THR A 75 5.82 18.02 -26.61
N SER A 76 5.45 19.03 -27.41
CA SER A 76 4.06 19.23 -27.76
C SER A 76 3.51 18.06 -28.57
N LYS A 77 4.32 17.52 -29.48
CA LYS A 77 3.88 16.38 -30.28
C LYS A 77 3.60 15.17 -29.39
N VAL A 78 4.49 14.88 -28.44
CA VAL A 78 4.30 13.73 -27.57
C VAL A 78 3.09 13.94 -26.66
N VAL A 79 2.95 15.14 -26.10
CA VAL A 79 1.82 15.40 -25.20
C VAL A 79 0.50 15.32 -25.95
N THR A 80 0.43 15.92 -27.14
CA THR A 80 -0.80 15.86 -27.92
C THR A 80 -1.13 14.44 -28.37
N ALA A 81 -0.12 13.68 -28.79
CA ALA A 81 -0.35 12.29 -29.19
C ALA A 81 -0.86 11.47 -28.00
N LEU A 82 -0.26 11.65 -26.83
CA LEU A 82 -0.74 10.95 -25.63
C LEU A 82 -2.15 11.39 -25.26
N ASP A 83 -2.45 12.69 -25.39
CA ASP A 83 -3.78 13.19 -25.11
C ASP A 83 -4.83 12.54 -26.00
N VAL A 84 -4.52 12.39 -27.29
CA VAL A 84 -5.44 11.71 -28.19
C VAL A 84 -5.49 10.21 -27.88
N SER A 85 -4.34 9.62 -27.54
CA SER A 85 -4.28 8.18 -27.34
C SER A 85 -5.12 7.73 -26.15
N VAL A 86 -5.07 8.47 -25.04
CA VAL A 86 -5.83 8.06 -23.85
C VAL A 86 -7.32 8.13 -24.13
N VAL A 87 -7.77 9.16 -24.83
CA VAL A 87 -9.18 9.27 -25.21
C VAL A 87 -9.56 8.11 -26.12
N VAL A 88 -8.71 7.80 -27.10
CA VAL A 88 -9.02 6.71 -28.03
C VAL A 88 -9.11 5.38 -27.30
N MET A 89 -8.15 5.10 -26.40
CA MET A 89 -8.20 3.85 -25.65
C MET A 89 -9.43 3.78 -24.76
N ALA A 90 -9.79 4.90 -24.12
CA ALA A 90 -10.96 4.91 -23.25
C ALA A 90 -12.24 4.64 -24.02
N ILE A 91 -12.43 5.34 -25.15
CA ILE A 91 -13.66 5.17 -25.91
C ILE A 91 -13.72 3.80 -26.57
N VAL A 92 -12.56 3.30 -27.06
CA VAL A 92 -12.54 1.99 -27.67
C VAL A 92 -12.84 0.90 -26.63
N SER A 93 -12.27 1.03 -25.44
CA SER A 93 -12.58 0.08 -24.37
C SER A 93 -14.05 0.15 -23.98
N GLY A 94 -14.62 1.36 -23.94
CA GLY A 94 -16.04 1.47 -23.63
C GLY A 94 -16.93 0.84 -24.68
N VAL A 95 -16.62 1.06 -25.96
CA VAL A 95 -17.40 0.45 -27.03
C VAL A 95 -17.24 -1.07 -27.00
N TYR A 96 -16.01 -1.55 -26.79
CA TYR A 96 -15.78 -2.99 -26.68
C TYR A 96 -16.55 -3.58 -25.52
N CYS A 97 -16.59 -2.88 -24.38
CA CYS A 97 -17.38 -3.34 -23.25
C CYS A 97 -18.86 -3.40 -23.59
N GLY A 98 -19.38 -2.36 -24.25
CA GLY A 98 -20.78 -2.36 -24.63
C GLY A 98 -21.15 -3.41 -25.65
N LEU A 99 -20.21 -3.82 -26.50
CA LEU A 99 -20.49 -4.82 -27.52
C LEU A 99 -20.55 -6.22 -26.93
N PHE A 100 -19.70 -6.53 -25.95
CA PHE A 100 -19.55 -7.88 -25.43
C PHE A 100 -20.00 -7.99 -23.97
N SER A 101 -21.06 -7.28 -23.60
CA SER A 101 -21.61 -7.37 -22.26
C SER A 101 -23.13 -7.45 -22.29
N LEU A 102 -23.68 -8.13 -23.30
CA LEU A 102 -25.13 -8.27 -23.38
C LEU A 102 -25.65 -9.24 -22.33
N ASN A 103 -24.97 -10.37 -22.14
CA ASN A 103 -25.42 -11.36 -21.17
C ASN A 103 -25.35 -10.81 -19.74
N ASP A 104 -24.26 -10.12 -19.41
CA ASP A 104 -24.13 -9.52 -18.09
C ASP A 104 -25.14 -8.39 -17.90
N THR A 105 -25.44 -7.64 -18.97
CA THR A 105 -26.46 -6.62 -18.89
C THR A 105 -27.83 -7.23 -18.60
N LEU A 106 -28.15 -8.35 -19.26
CA LEU A 106 -29.41 -9.04 -19.00
C LEU A 106 -29.48 -9.51 -17.56
N GLU A 107 -28.41 -10.13 -17.06
CA GLU A 107 -28.40 -10.61 -15.68
C GLU A 107 -28.52 -9.45 -14.70
N LEU A 108 -27.79 -8.36 -14.95
CA LEU A 108 -27.83 -7.22 -14.05
C LEU A 108 -29.23 -6.60 -13.99
N ASN A 109 -29.89 -6.46 -15.14
CA ASN A 109 -31.22 -5.87 -15.14
C ASN A 109 -32.27 -6.79 -14.55
N ASP A 110 -32.14 -8.11 -14.75
CA ASP A 110 -33.06 -9.04 -14.10
C ASP A 110 -32.91 -8.97 -12.58
N ARG A 111 -31.67 -8.95 -12.09
CA ARG A 111 -31.44 -8.83 -10.67
C ARG A 111 -31.96 -7.51 -10.13
N LEU A 112 -31.74 -6.42 -10.87
CA LEU A 112 -32.21 -5.11 -10.44
C LEU A 112 -33.74 -5.05 -10.42
N ASN A 113 -34.40 -5.73 -11.35
CA ASN A 113 -35.86 -5.78 -11.33
C ASN A 113 -36.36 -6.48 -10.07
N LYS A 114 -35.72 -7.60 -9.71
CA LYS A 114 -36.10 -8.30 -8.49
C LYS A 114 -35.85 -7.45 -7.26
N ILE A 115 -34.70 -6.76 -7.23
CA ILE A 115 -34.37 -5.91 -6.08
C ILE A 115 -35.36 -4.74 -5.98
N ASP A 116 -35.70 -4.13 -7.11
CA ASP A 116 -36.67 -3.04 -7.11
C ASP A 116 -38.04 -3.51 -6.62
N ASN A 117 -38.44 -4.73 -7.00
CA ASN A 117 -39.69 -5.28 -6.48
C ASN A 117 -39.60 -5.47 -4.96
N THR A 118 -38.44 -5.92 -4.47
CA THR A 118 -38.27 -6.11 -3.04
C THR A 118 -38.33 -4.78 -2.29
N LEU A 119 -37.67 -3.75 -2.82
CA LEU A 119 -37.60 -2.44 -2.18
C LEU A 119 -38.59 -1.45 -2.77
N ASN A 120 -39.78 -1.91 -3.18
CA ASN A 120 -40.72 -1.02 -3.88
C ASN A 120 -41.18 0.13 -3.02
N ALA A 121 -41.05 0.01 -1.69
CA ALA A 121 -41.43 1.10 -0.80
C ALA A 121 -40.52 2.32 -0.92
N TYR A 122 -39.30 2.14 -1.44
CA TYR A 122 -38.33 3.24 -1.53
C TYR A 122 -38.04 3.66 -2.96
N ASN A 123 -38.78 3.15 -3.94
CA ASN A 123 -38.58 3.56 -5.32
C ASN A 123 -39.22 4.91 -5.58
N ASN A 124 -38.51 5.77 -6.31
CA ASN A 124 -39.00 7.09 -6.68
C ASN A 124 -38.70 7.29 -8.17
N PHE A 125 -39.72 7.03 -9.01
CA PHE A 125 -39.55 7.15 -10.45
C PHE A 125 -39.20 8.58 -10.85
N ARG A 126 -39.89 9.56 -10.27
CA ARG A 126 -39.67 10.95 -10.64
C ARG A 126 -38.27 11.41 -10.24
N ARG A 127 -37.87 11.15 -8.99
CA ARG A 127 -36.55 11.57 -8.53
C ARG A 127 -35.44 10.86 -9.29
N ASP A 128 -35.59 9.56 -9.53
CA ASP A 128 -34.56 8.84 -10.28
C ASP A 128 -34.46 9.34 -11.71
N ARG A 129 -35.60 9.58 -12.36
CA ARG A 129 -35.57 10.07 -13.75
C ARG A 129 -34.94 11.45 -13.83
N TRP A 130 -35.30 12.35 -12.93
CA TRP A 130 -34.72 13.69 -12.96
C TRP A 130 -33.25 13.70 -12.58
N ARG A 131 -32.83 12.84 -11.65
CA ARG A 131 -31.41 12.74 -11.32
C ARG A 131 -30.60 12.22 -12.50
N ALA A 132 -31.11 11.18 -13.18
CA ALA A 132 -30.39 10.62 -14.32
C ALA A 132 -30.30 11.63 -15.46
N LEU A 133 -31.45 12.25 -15.80
CA LEU A 133 -31.46 13.25 -16.86
C LEU A 133 -30.62 14.47 -16.49
N GLY A 134 -30.65 14.88 -15.22
CA GLY A 134 -29.84 16.00 -14.80
C GLY A 134 -28.35 15.72 -14.92
N MET A 135 -27.92 14.54 -14.49
CA MET A 135 -26.51 14.18 -14.60
C MET A 135 -26.08 14.13 -16.06
N ALA A 136 -26.89 13.50 -16.91
CA ALA A 136 -26.55 13.43 -18.33
C ALA A 136 -26.53 14.82 -18.96
N ALA A 137 -27.52 15.66 -18.64
CA ALA A 137 -27.58 16.99 -19.23
C ALA A 137 -26.40 17.85 -18.77
N VAL A 138 -26.07 17.79 -17.48
CA VAL A 138 -24.94 18.58 -16.98
C VAL A 138 -23.63 18.13 -17.61
N SER A 139 -23.41 16.82 -17.71
CA SER A 139 -22.18 16.32 -18.31
C SER A 139 -22.07 16.70 -19.78
N LEU A 140 -23.16 16.53 -20.53
CA LEU A 140 -23.14 16.88 -21.94
C LEU A 140 -23.00 18.39 -22.15
N LEU A 141 -23.66 19.19 -21.32
CA LEU A 141 -23.52 20.63 -21.42
C LEU A 141 -22.09 21.07 -21.09
N ALA A 142 -21.49 20.47 -20.07
CA ALA A 142 -20.12 20.82 -19.70
C ALA A 142 -19.14 20.49 -20.82
N ILE A 143 -19.26 19.28 -21.39
CA ILE A 143 -18.34 18.90 -22.45
C ILE A 143 -18.59 19.73 -23.71
N SER A 144 -19.85 20.06 -24.00
CA SER A 144 -20.15 20.90 -25.15
C SER A 144 -19.56 22.29 -24.99
N ILE A 145 -19.72 22.89 -23.81
CA ILE A 145 -19.18 24.22 -23.57
C ILE A 145 -17.67 24.21 -23.65
N LEU A 146 -17.03 23.21 -23.05
CA LEU A 146 -15.57 23.15 -23.06
C LEU A 146 -15.04 22.86 -24.45
N VAL A 147 -15.74 22.06 -25.25
CA VAL A 147 -15.33 21.83 -26.63
C VAL A 147 -15.43 23.13 -27.43
N GLY A 148 -16.50 23.89 -27.25
CA GLY A 148 -16.61 25.17 -27.94
C GLY A 148 -15.52 26.14 -27.52
N LEU A 149 -15.25 26.23 -26.23
CA LEU A 149 -14.19 27.11 -25.75
C LEU A 149 -12.83 26.67 -26.25
N ASP A 150 -12.57 25.36 -26.25
CA ASP A 150 -11.28 24.84 -26.68
C ASP A 150 -11.06 25.09 -28.18
N VAL A 151 -12.09 24.84 -28.99
CA VAL A 151 -11.94 25.06 -30.43
C VAL A 151 -11.82 26.55 -30.73
N GLY A 152 -12.52 27.40 -29.99
CA GLY A 152 -12.36 28.83 -30.20
C GLY A 152 -10.98 29.33 -29.81
N THR A 153 -10.47 28.87 -28.67
CA THR A 153 -9.13 29.27 -28.24
C THR A 153 -8.07 28.79 -29.22
N TRP A 154 -8.18 27.55 -29.69
CA TRP A 154 -7.22 27.04 -30.66
C TRP A 154 -7.34 27.73 -32.01
N MET A 155 -8.56 28.13 -32.39
CA MET A 155 -8.74 28.91 -33.61
C MET A 155 -8.04 30.26 -33.49
N ARG A 156 -8.17 30.91 -32.33
CA ARG A 156 -7.47 32.17 -32.11
C ARG A 156 -5.96 31.98 -32.15
N ILE A 157 -5.47 30.90 -31.52
CA ILE A 157 -4.03 30.63 -31.53
C ILE A 157 -3.54 30.38 -32.94
N ALA A 158 -4.29 29.63 -33.74
CA ALA A 158 -3.95 29.42 -35.14
C ALA A 158 -3.95 30.70 -35.94
N GLN A 159 -4.92 31.59 -35.71
CA GLN A 159 -4.94 32.87 -36.41
C GLN A 159 -3.74 33.72 -36.06
N ASP A 160 -3.32 33.71 -34.78
CA ASP A 160 -2.16 34.49 -34.38
C ASP A 160 -0.89 33.99 -35.06
N MET A 161 -0.72 32.68 -35.19
CA MET A 161 0.45 32.11 -35.83
C MET A 161 0.32 31.99 -37.35
N ASN A 162 -0.82 32.41 -37.91
CA ASN A 162 -1.09 32.21 -39.33
C ASN A 162 -0.10 33.00 -40.18
N ILE A 163 0.36 32.38 -41.26
CA ILE A 163 1.22 33.02 -42.25
C ILE A 163 0.51 32.95 -43.60
N ALA A 164 0.67 34.00 -44.40
CA ALA A 164 -0.09 34.13 -45.65
C ALA A 164 0.17 32.96 -46.60
N GLN A 165 1.28 32.26 -46.44
CA GLN A 165 1.64 31.16 -47.33
C GLN A 165 1.15 29.80 -46.84
N SER A 166 0.21 29.77 -45.90
CA SER A 166 -0.31 28.52 -45.38
C SER A 166 -1.63 28.78 -44.66
N ASP A 167 -2.40 27.72 -44.44
CA ASP A 167 -3.67 27.80 -43.73
C ASP A 167 -3.57 27.03 -42.42
N THR A 168 -3.89 27.69 -41.31
CA THR A 168 -3.85 27.06 -39.99
C THR A 168 -5.23 26.78 -39.43
N GLU A 169 -6.28 27.40 -39.98
CA GLU A 169 -7.63 27.15 -39.47
C GLU A 169 -8.08 25.72 -39.76
N LEU A 170 -7.70 25.18 -40.92
CA LEU A 170 -8.05 23.80 -41.24
C LEU A 170 -7.39 22.82 -40.28
N ASN A 171 -6.23 23.19 -39.74
CA ASN A 171 -5.59 22.33 -38.72
C ASN A 171 -6.48 22.18 -37.49
N VAL A 172 -7.09 23.27 -37.04
CA VAL A 172 -8.04 23.19 -35.94
C VAL A 172 -9.31 22.46 -36.37
N HIS A 173 -9.76 22.68 -37.61
CA HIS A 173 -10.96 22.01 -38.11
C HIS A 173 -10.80 20.50 -38.20
N TRP A 174 -9.57 20.00 -38.30
CA TRP A 174 -9.33 18.57 -38.38
C TRP A 174 -9.31 17.89 -37.02
N TYR A 175 -9.46 18.65 -35.93
CA TYR A 175 -9.52 18.09 -34.59
C TYR A 175 -10.95 17.86 -34.11
N ILE A 176 -11.94 18.07 -34.99
CA ILE A 176 -13.34 17.84 -34.66
C ILE A 176 -13.59 16.39 -34.27
N PRO A 177 -13.05 15.39 -34.99
CA PRO A 177 -13.25 14.01 -34.54
C PRO A 177 -12.72 13.74 -33.13
N PHE A 178 -11.64 14.42 -32.73
CA PHE A 178 -11.13 14.26 -31.38
C PHE A 178 -12.15 14.74 -30.35
N TYR A 179 -12.80 15.86 -30.61
CA TYR A 179 -13.82 16.36 -29.70
C TYR A 179 -15.06 15.48 -29.70
N SER A 180 -15.40 14.89 -30.85
CA SER A 180 -16.49 13.91 -30.87
C SER A 180 -16.13 12.70 -30.02
N LEU A 181 -14.87 12.28 -30.04
CA LEU A 181 -14.43 11.22 -29.15
C LEU A 181 -14.57 11.63 -27.69
N TYR A 182 -14.34 12.91 -27.40
CA TYR A 182 -14.62 13.41 -26.05
C TYR A 182 -16.09 13.27 -25.70
N PHE A 183 -16.99 13.54 -26.66
CA PHE A 183 -18.41 13.35 -26.41
C PHE A 183 -18.73 11.88 -26.12
N ILE A 184 -18.14 10.95 -26.88
CA ILE A 184 -18.36 9.54 -26.64
C ILE A 184 -17.84 9.15 -25.26
N LEU A 185 -16.67 9.67 -24.88
CA LEU A 185 -16.14 9.40 -23.55
C LEU A 185 -17.05 9.93 -22.46
N THR A 186 -17.62 11.12 -22.66
CA THR A 186 -18.55 11.66 -21.68
C THR A 186 -19.79 10.77 -21.55
N GLY A 187 -20.32 10.30 -22.68
CA GLY A 187 -21.47 9.40 -22.62
C GLY A 187 -21.14 8.09 -21.92
N LEU A 188 -19.97 7.54 -22.20
CA LEU A 188 -19.56 6.30 -21.54
C LEU A 188 -19.42 6.49 -20.03
N GLN A 189 -18.81 7.60 -19.62
CA GLN A 189 -18.69 7.88 -18.20
C GLN A 189 -20.04 8.10 -17.54
N VAL A 190 -20.97 8.76 -18.24
CA VAL A 190 -22.31 8.95 -17.70
C VAL A 190 -23.01 7.61 -17.51
N ASN A 191 -22.88 6.71 -18.49
CA ASN A 191 -23.52 5.40 -18.39
C ASN A 191 -22.95 4.60 -17.22
N ILE A 192 -21.61 4.58 -17.10
CA ILE A 192 -20.98 3.83 -16.01
C ILE A 192 -21.36 4.43 -14.67
N ALA A 193 -21.33 5.77 -14.57
CA ALA A 193 -21.70 6.42 -13.32
C ALA A 193 -23.15 6.17 -12.97
N ASN A 194 -24.04 6.16 -13.96
CA ASN A 194 -25.45 5.89 -13.69
C ASN A 194 -25.64 4.49 -13.11
N THR A 195 -24.99 3.49 -13.71
CA THR A 195 -25.13 2.12 -13.21
C THR A 195 -24.56 2.00 -11.79
N ALA A 196 -23.36 2.52 -11.57
CA ALA A 196 -22.72 2.39 -10.27
C ALA A 196 -23.47 3.18 -9.21
N TYR A 197 -23.96 4.38 -9.55
CA TYR A 197 -24.76 5.16 -8.61
C TYR A 197 -26.07 4.44 -8.28
N GLY A 198 -26.68 3.79 -9.27
CA GLY A 198 -27.88 3.02 -8.99
C GLY A 198 -27.63 1.88 -8.03
N LEU A 199 -26.49 1.18 -8.20
CA LEU A 199 -26.15 0.10 -7.28
C LEU A 199 -25.93 0.62 -5.87
N GLY A 200 -25.21 1.74 -5.73
CA GLY A 200 -25.00 2.31 -4.41
C GLY A 200 -26.30 2.83 -3.80
N ARG A 201 -27.16 3.43 -4.62
CA ARG A 201 -28.44 3.93 -4.12
C ARG A 201 -29.32 2.78 -3.64
N ARG A 202 -29.33 1.67 -4.36
CA ARG A 202 -30.12 0.51 -3.94
C ARG A 202 -29.55 -0.10 -2.66
N PHE A 203 -28.22 -0.09 -2.52
CA PHE A 203 -27.62 -0.53 -1.27
C PHE A 203 -28.07 0.35 -0.11
N GLY A 204 -28.11 1.67 -0.31
CA GLY A 204 -28.58 2.57 0.72
C GLY A 204 -30.05 2.37 1.04
N ARG A 205 -30.87 2.11 0.01
CA ARG A 205 -32.28 1.81 0.24
C ARG A 205 -32.45 0.53 1.04
N LEU A 206 -31.62 -0.48 0.76
CA LEU A 206 -31.67 -1.71 1.52
C LEU A 206 -31.31 -1.47 2.98
N ASN A 207 -30.29 -0.66 3.23
CA ASN A 207 -29.93 -0.33 4.60
C ASN A 207 -31.04 0.43 5.31
N ARG A 208 -31.68 1.38 4.61
CA ARG A 208 -32.79 2.11 5.19
C ARG A 208 -33.95 1.18 5.51
N MET A 209 -34.25 0.24 4.60
CA MET A 209 -35.33 -0.71 4.84
C MET A 209 -35.02 -1.61 6.03
N LEU A 210 -33.77 -2.05 6.15
CA LEU A 210 -33.38 -2.87 7.30
C LEU A 210 -33.58 -2.11 8.60
N SER A 211 -33.13 -0.85 8.65
CA SER A 211 -33.27 -0.07 9.87
C SER A 211 -34.71 0.30 10.16
N SER A 212 -35.54 0.49 9.14
CA SER A 212 -36.93 0.87 9.34
C SER A 212 -37.86 -0.31 9.59
N SER A 213 -37.41 -1.53 9.31
CA SER A 213 -38.22 -2.72 9.53
C SER A 213 -37.71 -3.59 10.67
N PHE A 214 -36.52 -3.32 11.20
CA PHE A 214 -35.96 -4.13 12.28
C PHE A 214 -35.35 -3.32 13.40
N LEU A 215 -35.38 -1.99 13.35
CA LEU A 215 -34.83 -1.18 14.42
C LEU A 215 -35.70 0.01 14.77
N ALA A 216 -36.93 0.06 14.25
CA ALA A 216 -37.84 1.17 14.53
C ALA A 216 -39.30 0.72 14.39
N ALA A 262 -47.08 -16.01 13.13
CA ALA A 262 -47.92 -15.26 12.21
C ALA A 262 -47.15 -14.07 11.64
N ALA A 263 -47.13 -12.97 12.39
CA ALA A 263 -46.40 -11.78 11.96
C ALA A 263 -44.90 -12.04 11.88
N ALA A 264 -44.37 -12.83 12.82
CA ALA A 264 -42.94 -13.13 12.83
C ALA A 264 -42.52 -13.91 11.60
N LYS A 265 -43.38 -14.79 11.07
CA LYS A 265 -43.05 -15.52 9.85
C LYS A 265 -42.92 -14.55 8.67
N ASN A 266 -43.83 -13.60 8.55
CA ASN A 266 -43.74 -12.61 7.49
C ASN A 266 -42.51 -11.73 7.65
N LYS A 267 -42.18 -11.34 8.88
CA LYS A 267 -40.99 -10.53 9.13
C LYS A 267 -39.72 -11.29 8.77
N GLY A 268 -39.67 -12.59 9.11
CA GLY A 268 -38.53 -13.41 8.70
C GLY A 268 -38.43 -13.56 7.21
N LEU A 269 -39.56 -13.70 6.52
CA LEU A 269 -39.54 -13.75 5.06
C LEU A 269 -39.04 -12.43 4.48
N LEU A 270 -39.43 -11.30 5.10
CA LEU A 270 -38.95 -10.01 4.65
C LEU A 270 -37.44 -9.90 4.81
N LEU A 271 -36.91 -10.38 5.94
CA LEU A 271 -35.46 -10.38 6.12
C LEU A 271 -34.76 -11.28 5.12
N LYS A 272 -35.36 -12.43 4.80
CA LYS A 272 -34.79 -13.31 3.78
C LYS A 272 -34.73 -12.60 2.44
N SER A 273 -35.78 -11.85 2.10
CA SER A 273 -35.77 -11.07 0.86
C SER A 273 -34.68 -10.00 0.90
N LEU A 274 -34.49 -9.34 2.03
CA LEU A 274 -33.44 -8.33 2.14
C LEU A 274 -32.05 -8.95 1.99
N ALA A 275 -31.83 -10.11 2.60
CA ALA A 275 -30.55 -10.79 2.47
C ALA A 275 -30.29 -11.21 1.02
N ASP A 276 -31.32 -11.74 0.36
CA ASP A 276 -31.18 -12.09 -1.05
C ASP A 276 -30.91 -10.86 -1.90
N SER A 277 -31.55 -9.74 -1.58
CA SER A 277 -31.32 -8.51 -2.32
C SER A 277 -29.90 -8.01 -2.13
N HIS A 278 -29.36 -8.12 -0.91
CA HIS A 278 -27.98 -7.69 -0.69
C HIS A 278 -27.00 -8.56 -1.46
N GLU A 279 -27.20 -9.87 -1.45
CA GLU A 279 -26.33 -10.77 -2.22
C GLU A 279 -26.45 -10.48 -3.71
N SER A 280 -27.67 -10.24 -4.19
CA SER A 280 -27.88 -9.91 -5.60
C SER A 280 -27.26 -8.57 -5.96
N LEU A 281 -27.31 -7.58 -5.07
CA LEU A 281 -26.67 -6.31 -5.33
C LEU A 281 -25.15 -6.45 -5.41
N GLY A 282 -24.57 -7.28 -4.54
CA GLY A 282 -23.15 -7.56 -4.64
C GLY A 282 -22.78 -8.24 -5.94
N LYS A 283 -23.61 -9.19 -6.38
CA LYS A 283 -23.40 -9.81 -7.68
C LYS A 283 -23.56 -8.80 -8.81
N CYS A 284 -24.47 -7.83 -8.65
CA CYS A 284 -24.63 -6.78 -9.64
C CYS A 284 -23.38 -5.92 -9.72
N VAL A 285 -22.77 -5.60 -8.58
CA VAL A 285 -21.52 -4.86 -8.57
C VAL A 285 -20.44 -5.64 -9.30
N HIS A 286 -20.38 -6.95 -9.04
CA HIS A 286 -19.42 -7.79 -9.76
C HIS A 286 -19.72 -7.86 -11.25
N LEU A 287 -21.01 -7.86 -11.63
CA LEU A 287 -21.36 -7.85 -13.05
C LEU A 287 -20.90 -6.56 -13.72
N LEU A 288 -21.12 -5.42 -13.06
CA LEU A 288 -20.65 -4.15 -13.62
C LEU A 288 -19.14 -4.12 -13.72
N SER A 289 -18.45 -4.63 -12.70
CA SER A 289 -17.00 -4.68 -12.75
C SER A 289 -16.51 -5.60 -13.86
N ASN A 290 -17.10 -6.79 -14.00
CA ASN A 290 -16.67 -7.71 -15.04
C ASN A 290 -16.97 -7.19 -16.43
N SER A 291 -18.03 -6.39 -16.58
CA SER A 291 -18.39 -5.88 -17.89
C SER A 291 -17.58 -4.65 -18.28
N PHE A 292 -17.46 -3.68 -17.38
CA PHE A 292 -16.84 -2.39 -17.70
C PHE A 292 -15.58 -2.14 -16.88
N GLY A 293 -14.89 -3.19 -16.43
CA GLY A 293 -13.67 -2.99 -15.68
C GLY A 293 -12.55 -2.38 -16.48
N ILE A 294 -12.35 -2.87 -17.71
CA ILE A 294 -11.30 -2.30 -18.56
C ILE A 294 -11.67 -0.89 -19.00
N ALA A 295 -12.96 -0.63 -19.19
CA ALA A 295 -13.39 0.73 -19.51
C ALA A 295 -13.11 1.67 -18.35
N VAL A 296 -13.39 1.24 -17.11
CA VAL A 296 -13.10 2.09 -15.96
C VAL A 296 -11.60 2.26 -15.78
N LEU A 297 -10.83 1.19 -16.03
CA LEU A 297 -9.38 1.28 -15.91
C LEU A 297 -8.80 2.27 -16.90
N PHE A 298 -9.28 2.23 -18.15
CA PHE A 298 -8.79 3.17 -19.15
C PHE A 298 -9.31 4.59 -18.90
N ILE A 299 -10.49 4.73 -18.30
CA ILE A 299 -10.96 6.05 -17.89
C ILE A 299 -10.04 6.61 -16.81
N LEU A 300 -9.66 5.78 -15.85
CA LEU A 300 -8.73 6.24 -14.80
C LEU A 300 -7.38 6.62 -15.39
N VAL A 301 -6.86 5.81 -16.32
CA VAL A 301 -5.60 6.14 -16.98
C VAL A 301 -5.72 7.44 -17.75
N SER A 302 -6.85 7.63 -18.45
CA SER A 302 -7.09 8.86 -19.19
C SER A 302 -7.13 10.05 -18.25
N CYS A 303 -7.81 9.91 -17.10
CA CYS A 303 -7.91 11.01 -16.15
C CYS A 303 -6.53 11.38 -15.60
N LEU A 304 -5.73 10.37 -15.26
CA LEU A 304 -4.40 10.64 -14.72
C LEU A 304 -3.53 11.36 -15.73
N LEU A 305 -3.46 10.81 -16.95
CA LEU A 305 -2.62 11.43 -17.98
C LEU A 305 -3.14 12.82 -18.36
N HIS A 306 -4.46 12.98 -18.44
CA HIS A 306 -5.02 14.28 -18.79
C HIS A 306 -4.70 15.32 -17.73
N LEU A 307 -4.86 14.97 -16.46
CA LEU A 307 -4.56 15.93 -15.39
C LEU A 307 -3.10 16.32 -15.40
N VAL A 308 -2.20 15.34 -15.53
CA VAL A 308 -0.78 15.66 -15.54
C VAL A 308 -0.41 16.51 -16.76
N ALA A 309 -0.86 16.12 -17.95
CA ALA A 309 -0.49 16.84 -19.16
C ALA A 309 -1.09 18.23 -19.21
N THR A 310 -2.37 18.36 -18.86
CA THR A 310 -3.01 19.67 -18.89
C THR A 310 -2.42 20.61 -17.86
N ALA A 311 -2.12 20.09 -16.65
CA ALA A 311 -1.46 20.93 -15.65
C ALA A 311 -0.07 21.34 -16.10
N TYR A 312 0.66 20.44 -16.77
CA TYR A 312 1.97 20.79 -17.30
C TYR A 312 1.88 21.88 -18.35
N PHE A 313 0.89 21.78 -19.25
CA PHE A 313 0.70 22.83 -20.25
C PHE A 313 0.27 24.14 -19.59
N LEU A 314 -0.56 24.05 -18.54
CA LEU A 314 -0.94 25.27 -17.82
C LEU A 314 0.27 25.92 -17.18
N PHE A 315 1.19 25.12 -16.63
CA PHE A 315 2.42 25.69 -16.07
C PHE A 315 3.26 26.33 -17.16
N LEU A 316 3.35 25.69 -18.33
CA LEU A 316 4.12 26.26 -19.43
C LEU A 316 3.54 27.59 -19.88
N GLU A 317 2.22 27.66 -20.03
CA GLU A 317 1.59 28.91 -20.44
C GLU A 317 1.71 29.98 -19.36
N LEU A 318 1.62 29.56 -18.09
CA LEU A 318 1.79 30.51 -16.99
C LEU A 318 3.21 31.06 -16.96
N LEU A 319 4.20 30.21 -17.24
CA LEU A 319 5.58 30.68 -17.31
C LEU A 319 5.78 31.62 -18.48
N SER A 320 5.17 31.30 -19.63
CA SER A 320 5.33 32.14 -20.81
C SER A 320 4.48 33.39 -20.73
N LYS A 321 3.29 33.30 -20.12
CA LYS A 321 2.34 34.40 -20.03
C LYS A 321 2.00 34.95 -21.40
N ARG A 322 1.83 34.04 -22.37
CA ARG A 322 1.54 34.44 -23.74
C ARG A 322 0.06 34.68 -23.98
N ASP A 323 -0.82 33.93 -23.34
CA ASP A 323 -2.26 34.09 -23.51
C ASP A 323 -2.96 33.81 -22.18
N ASN A 324 -4.01 34.59 -21.90
CA ASN A 324 -4.77 34.45 -20.67
C ASN A 324 -6.00 33.57 -20.85
N GLY A 325 -6.70 33.73 -21.97
CA GLY A 325 -7.85 32.87 -22.24
C GLY A 325 -7.47 31.40 -22.32
N TYR A 326 -6.28 31.11 -22.86
CA TYR A 326 -5.79 29.75 -22.86
C TYR A 326 -5.60 29.23 -21.44
N LEU A 327 -5.11 30.09 -20.54
CA LEU A 327 -4.95 29.68 -19.14
C LEU A 327 -6.29 29.34 -18.51
N TRP A 328 -7.32 30.17 -18.76
CA TRP A 328 -8.63 29.89 -18.20
C TRP A 328 -9.23 28.60 -18.79
N VAL A 329 -9.04 28.37 -20.09
CA VAL A 329 -9.53 27.14 -20.69
C VAL A 329 -8.83 25.92 -20.11
N GLN A 330 -7.52 26.01 -19.89
CA GLN A 330 -6.80 24.90 -19.28
C GLN A 330 -7.27 24.65 -17.85
N MET A 331 -7.57 25.72 -17.11
CA MET A 331 -8.11 25.55 -15.76
C MET A 331 -9.47 24.85 -15.80
N LEU A 332 -10.32 25.22 -16.77
CA LEU A 332 -11.58 24.53 -16.94
C LEU A 332 -11.38 23.06 -17.30
N TRP A 333 -10.37 22.77 -18.12
CA TRP A 333 -10.06 21.38 -18.45
C TRP A 333 -9.61 20.60 -17.23
N ILE A 334 -8.83 21.23 -16.35
CA ILE A 334 -8.46 20.58 -15.09
C ILE A 334 -9.70 20.28 -14.27
N CYS A 335 -10.63 21.24 -14.19
CA CYS A 335 -11.86 21.01 -13.46
C CYS A 335 -12.67 19.87 -14.07
N PHE A 336 -12.74 19.81 -15.40
CA PHE A 336 -13.50 18.76 -16.06
C PHE A 336 -12.88 17.38 -15.81
N HIS A 337 -11.56 17.29 -15.94
CA HIS A 337 -10.89 16.00 -15.71
C HIS A 337 -11.02 15.56 -14.26
N PHE A 338 -10.91 16.49 -13.31
CA PHE A 338 -11.11 16.14 -11.91
C PHE A 338 -12.55 15.72 -11.66
N LEU A 339 -13.52 16.40 -12.29
CA LEU A 339 -14.92 16.06 -12.07
C LEU A 339 -15.26 14.68 -12.65
N ARG A 340 -14.73 14.36 -13.83
CA ARG A 340 -14.98 13.04 -14.38
C ARG A 340 -14.23 11.95 -13.62
N LEU A 341 -13.06 12.26 -13.06
CA LEU A 341 -12.40 11.33 -12.15
C LEU A 341 -13.27 11.05 -10.93
N LEU A 342 -13.87 12.10 -10.35
CA LEU A 342 -14.81 11.90 -9.25
C LEU A 342 -16.04 11.13 -9.70
N MET A 343 -16.54 11.44 -10.90
CA MET A 343 -17.73 10.76 -11.42
C MET A 343 -17.50 9.26 -11.62
N VAL A 344 -16.26 8.83 -11.85
CA VAL A 344 -15.95 7.43 -11.94
C VAL A 344 -15.51 6.82 -10.60
N VAL A 345 -15.04 7.65 -9.66
CA VAL A 345 -14.55 7.11 -8.39
C VAL A 345 -15.62 7.10 -7.29
N GLU A 346 -16.35 8.19 -7.11
CA GLU A 346 -17.34 8.34 -6.06
C GLU A 346 -18.42 7.28 -6.05
N PRO A 347 -19.05 6.93 -7.18
CA PRO A 347 -20.10 5.90 -7.13
C PRO A 347 -19.63 4.57 -6.60
N CYS A 348 -18.41 4.14 -6.96
CA CYS A 348 -17.90 2.86 -6.46
C CYS A 348 -17.63 2.93 -4.96
N HIS A 349 -17.06 4.04 -4.50
CA HIS A 349 -16.83 4.21 -3.07
C HIS A 349 -18.13 4.23 -2.29
N LEU A 350 -19.14 4.92 -2.83
CA LEU A 350 -20.45 4.97 -2.18
C LEU A 350 -21.08 3.59 -2.10
N ALA A 351 -21.00 2.81 -3.18
CA ALA A 351 -21.57 1.46 -3.17
C ALA A 351 -20.87 0.59 -2.14
N ALA A 352 -19.54 0.68 -2.07
CA ALA A 352 -18.80 -0.13 -1.10
C ALA A 352 -19.16 0.26 0.33
N ARG A 353 -19.25 1.55 0.62
CA ARG A 353 -19.59 1.99 1.97
C ARG A 353 -20.99 1.56 2.37
N GLU A 354 -21.95 1.74 1.46
CA GLU A 354 -23.34 1.36 1.76
C GLU A 354 -23.45 -0.14 1.98
N SER A 355 -22.75 -0.93 1.18
CA SER A 355 -22.78 -2.38 1.34
C SER A 355 -22.04 -2.84 2.60
N ARG A 356 -21.06 -2.07 3.07
CA ARG A 356 -20.28 -2.47 4.23
C ARG A 356 -20.89 -2.05 5.57
N LYS A 357 -21.85 -1.12 5.57
CA LYS A 357 -22.53 -0.78 6.82
C LYS A 357 -23.72 -1.68 7.12
N THR A 358 -24.10 -2.54 6.17
CA THR A 358 -25.22 -3.45 6.39
C THR A 358 -24.90 -4.44 7.51
N ILE A 359 -23.65 -4.88 7.62
CA ILE A 359 -23.29 -5.83 8.66
C ILE A 359 -23.40 -5.20 10.05
N GLN A 360 -23.09 -3.91 10.17
CA GLN A 360 -23.29 -3.24 11.45
C GLN A 360 -24.76 -3.15 11.80
N ILE A 361 -25.61 -2.86 10.81
CA ILE A 361 -27.05 -2.85 11.07
C ILE A 361 -27.53 -4.23 11.51
N VAL A 362 -27.03 -5.28 10.85
CA VAL A 362 -27.42 -6.63 11.20
C VAL A 362 -26.92 -7.02 12.59
N CYS A 363 -25.72 -6.54 12.97
CA CYS A 363 -25.24 -6.78 14.32
C CYS A 363 -26.17 -6.18 15.37
N GLU A 364 -26.66 -4.96 15.11
CA GLU A 364 -27.64 -4.36 16.01
C GLU A 364 -28.92 -5.19 16.05
N ILE A 365 -29.35 -5.70 14.89
CA ILE A 365 -30.55 -6.53 14.85
C ILE A 365 -30.34 -7.80 15.67
N GLU A 366 -29.15 -8.39 15.59
CA GLU A 366 -28.81 -9.55 16.43
C GLU A 366 -28.94 -9.20 17.90
N ARG A 367 -28.46 -8.02 18.28
CA ARG A 367 -28.50 -7.58 19.66
C ARG A 367 -29.92 -7.22 20.09
N LYS A 368 -30.85 -7.15 19.14
CA LYS A 368 -32.23 -6.77 19.44
C LYS A 368 -33.23 -7.90 19.20
N VAL A 369 -32.85 -8.94 18.47
CA VAL A 369 -33.78 -10.00 18.07
C VAL A 369 -33.88 -11.02 19.19
N HIS A 370 -35.07 -11.62 19.34
CA HIS A 370 -35.29 -12.66 20.34
C HIS A 370 -36.04 -13.85 19.75
N GLU A 371 -36.79 -13.61 18.68
CA GLU A 371 -37.58 -14.69 18.07
C GLU A 371 -36.65 -15.75 17.50
N PRO A 372 -36.96 -17.04 17.68
CA PRO A 372 -36.02 -18.10 17.26
C PRO A 372 -35.77 -18.12 15.75
N ILE A 373 -36.84 -18.20 14.96
CA ILE A 373 -36.67 -18.24 13.51
C ILE A 373 -36.09 -16.92 13.00
N LEU A 374 -36.53 -15.80 13.59
CA LEU A 374 -35.99 -14.51 13.18
C LEU A 374 -34.51 -14.40 13.53
N ALA A 375 -34.13 -14.85 14.73
CA ALA A 375 -32.72 -14.79 15.13
C ALA A 375 -31.87 -15.68 14.23
N GLU A 376 -32.39 -16.85 13.85
CA GLU A 376 -31.66 -17.72 12.92
C GLU A 376 -31.48 -17.05 11.57
N ALA A 377 -32.53 -16.36 11.07
CA ALA A 377 -32.41 -15.66 9.80
C ALA A 377 -31.39 -14.54 9.88
N VAL A 378 -31.38 -13.80 10.99
CA VAL A 378 -30.40 -12.73 11.15
C VAL A 378 -28.99 -13.29 11.26
N LYS A 379 -28.85 -14.45 11.90
CA LYS A 379 -27.55 -15.12 11.96
C LYS A 379 -27.07 -15.51 10.58
N LYS A 380 -27.98 -16.03 9.73
CA LYS A 380 -27.62 -16.35 8.36
C LYS A 380 -27.18 -15.11 7.59
N PHE A 381 -27.92 -14.01 7.78
CA PHE A 381 -27.57 -12.77 7.10
C PHE A 381 -26.20 -12.26 7.55
N TRP A 382 -25.92 -12.31 8.85
CA TRP A 382 -24.62 -11.87 9.35
C TRP A 382 -23.50 -12.74 8.79
N GLN A 383 -23.73 -14.06 8.73
CA GLN A 383 -22.75 -14.96 8.15
C GLN A 383 -22.48 -14.64 6.69
N GLN A 384 -23.53 -14.32 5.93
CA GLN A 384 -23.36 -13.94 4.53
C GLN A 384 -22.57 -12.64 4.41
N LEU A 385 -22.88 -11.66 5.27
CA LEU A 385 -22.20 -10.37 5.22
C LEU A 385 -20.77 -10.43 5.72
N LEU A 386 -20.36 -11.54 6.34
CA LEU A 386 -18.98 -11.65 6.80
C LEU A 386 -17.99 -11.65 5.65
N VAL A 387 -18.36 -12.24 4.52
CA VAL A 387 -17.40 -12.51 3.44
C VAL A 387 -17.82 -11.87 2.13
N VAL A 388 -18.53 -10.75 2.20
CA VAL A 388 -18.99 -10.07 1.00
C VAL A 388 -17.83 -9.31 0.37
N ASP A 389 -17.66 -9.49 -0.94
CA ASP A 389 -16.68 -8.72 -1.72
C ASP A 389 -17.39 -7.47 -2.22
N ALA A 390 -17.08 -6.34 -1.59
CA ALA A 390 -17.84 -5.11 -1.84
C ALA A 390 -17.15 -4.16 -2.80
N ASP A 391 -15.83 -4.06 -2.74
CA ASP A 391 -15.12 -3.04 -3.50
C ASP A 391 -15.19 -3.32 -5.00
N PHE A 392 -15.37 -2.25 -5.78
CA PHE A 392 -15.35 -2.34 -7.22
C PHE A 392 -13.92 -2.50 -7.70
N SER A 393 -13.69 -3.46 -8.59
CA SER A 393 -12.36 -3.78 -9.08
C SER A 393 -12.30 -3.54 -10.59
N ALA A 394 -11.27 -2.82 -11.02
CA ALA A 394 -11.03 -2.57 -12.44
C ALA A 394 -10.07 -3.63 -12.96
N CYS A 395 -10.64 -4.80 -13.28
CA CYS A 395 -9.91 -5.97 -13.76
C CYS A 395 -8.84 -6.45 -12.77
N GLY A 396 -8.99 -6.14 -11.49
CA GLY A 396 -8.01 -6.54 -10.50
C GLY A 396 -6.78 -5.66 -10.45
N LEU A 397 -6.64 -4.69 -11.35
CA LEU A 397 -5.50 -3.79 -11.32
C LEU A 397 -5.51 -2.90 -10.09
N CYS A 398 -6.69 -2.40 -9.72
CA CYS A 398 -6.83 -1.54 -8.56
C CYS A 398 -8.27 -1.58 -8.08
N ARG A 399 -8.47 -1.20 -6.82
CA ARG A 399 -9.79 -1.11 -6.23
C ARG A 399 -10.27 0.33 -6.33
N VAL A 400 -11.44 0.52 -6.94
CA VAL A 400 -11.94 1.85 -7.27
C VAL A 400 -12.68 2.38 -6.04
N ASN A 401 -12.02 3.28 -5.31
CA ASN A 401 -12.61 3.98 -4.19
C ASN A 401 -11.91 5.32 -4.06
N ARG A 402 -12.16 6.03 -2.96
CA ARG A 402 -11.57 7.36 -2.79
C ARG A 402 -10.08 7.29 -2.48
N THR A 403 -9.55 6.11 -2.16
CA THR A 403 -8.11 5.95 -2.02
C THR A 403 -7.40 6.18 -3.36
N ILE A 404 -8.06 5.86 -4.47
CA ILE A 404 -7.52 6.15 -5.79
C ILE A 404 -7.24 7.64 -5.95
N LEU A 405 -8.06 8.49 -5.33
CA LEU A 405 -7.82 9.92 -5.39
C LEU A 405 -6.49 10.29 -4.74
N THR A 406 -6.19 9.69 -3.58
CA THR A 406 -4.92 9.95 -2.93
C THR A 406 -3.75 9.46 -3.76
N SER A 407 -3.86 8.25 -4.33
CA SER A 407 -2.82 7.73 -5.19
C SER A 407 -2.64 8.60 -6.43
N PHE A 408 -3.74 9.06 -7.01
CA PHE A 408 -3.68 9.95 -8.16
C PHE A 408 -3.00 11.26 -7.82
N ALA A 409 -3.33 11.83 -6.65
CA ALA A 409 -2.71 13.09 -6.25
C ALA A 409 -1.21 12.94 -6.08
N SER A 410 -0.78 11.86 -5.42
CA SER A 410 0.65 11.62 -5.24
C SER A 410 1.35 11.43 -6.59
N ALA A 411 0.75 10.64 -7.48
CA ALA A 411 1.36 10.41 -8.78
C ALA A 411 1.41 11.69 -9.60
N ILE A 412 0.34 12.48 -9.56
CA ILE A 412 0.31 13.73 -10.30
C ILE A 412 1.40 14.67 -9.82
N ALA A 413 1.56 14.80 -8.50
CA ALA A 413 2.59 15.67 -7.96
C ALA A 413 3.98 15.20 -8.37
N THR A 414 4.23 13.89 -8.29
CA THR A 414 5.54 13.36 -8.64
C THR A 414 5.87 13.60 -10.11
N TYR A 415 4.95 13.21 -11.00
CA TYR A 415 5.22 13.36 -12.43
C TYR A 415 5.29 14.83 -12.83
N LEU A 416 4.44 15.67 -12.23
CA LEU A 416 4.46 17.10 -12.56
C LEU A 416 5.80 17.72 -12.18
N VAL A 417 6.30 17.45 -10.97
CA VAL A 417 7.56 18.02 -10.54
C VAL A 417 8.69 17.52 -11.44
N ALA A 418 8.67 16.23 -11.78
CA ALA A 418 9.67 15.69 -12.69
C ALA A 418 9.61 16.38 -14.05
N LEU A 419 8.42 16.68 -14.54
CA LEU A 419 8.29 17.38 -15.82
C LEU A 419 8.81 18.80 -15.73
N ILE A 420 8.66 19.45 -14.57
CA ILE A 420 9.22 20.79 -14.39
C ILE A 420 10.73 20.73 -14.50
N GLN A 421 11.35 19.76 -13.84
CA GLN A 421 12.79 19.59 -13.96
C GLN A 421 13.20 19.25 -15.39
N PHE A 422 12.33 18.51 -16.10
CA PHE A 422 12.57 18.24 -17.52
C PHE A 422 12.59 19.53 -18.33
N GLN A 423 11.66 20.43 -18.07
CA GLN A 423 11.56 21.65 -18.87
C GLN A 423 12.72 22.59 -18.59
N ARG A 424 13.12 22.73 -17.33
CA ARG A 424 14.20 23.64 -16.99
C ARG A 424 15.52 23.19 -17.60
N THR A 425 15.79 21.88 -17.59
CA THR A 425 17.02 21.34 -18.13
C THR A 425 17.11 21.56 -19.64
N MET B 1 6.13 -28.00 -8.85
CA MET B 1 6.22 -28.15 -10.30
C MET B 1 5.38 -29.34 -10.77
N GLU B 2 4.56 -29.11 -11.78
CA GLU B 2 3.62 -30.12 -12.27
C GLU B 2 4.21 -30.88 -13.44
N ILE B 3 4.19 -32.22 -13.35
CA ILE B 3 4.57 -33.10 -14.46
C ILE B 3 3.43 -34.10 -14.63
N SER B 4 2.52 -33.81 -15.55
CA SER B 4 1.42 -34.70 -15.90
C SER B 4 1.59 -35.16 -17.35
N GLN B 5 0.87 -36.22 -17.69
CA GLN B 5 0.92 -36.78 -19.05
C GLN B 5 0.47 -35.76 -20.10
N PRO B 6 -0.62 -35.01 -19.90
CA PRO B 6 -0.97 -33.98 -20.89
C PRO B 6 0.11 -32.93 -21.08
N SER B 7 0.81 -32.56 -20.00
CA SER B 7 1.83 -31.52 -20.04
C SER B 7 3.24 -32.10 -20.01
N ILE B 8 3.43 -33.35 -20.45
CA ILE B 8 4.74 -33.96 -20.42
C ILE B 8 5.69 -33.27 -21.38
N GLY B 9 5.16 -32.64 -22.43
CA GLY B 9 6.01 -31.92 -23.37
C GLY B 9 6.70 -30.73 -22.72
N ILE B 10 5.96 -29.98 -21.89
CA ILE B 10 6.57 -28.87 -21.18
C ILE B 10 7.64 -29.37 -20.21
N PHE B 11 7.39 -30.52 -19.57
CA PHE B 11 8.39 -31.09 -18.68
C PHE B 11 9.66 -31.48 -19.44
N TYR B 12 9.50 -32.08 -20.62
CA TYR B 12 10.68 -32.45 -21.41
C TYR B 12 11.45 -31.21 -21.85
N ILE B 13 10.74 -30.15 -22.24
CA ILE B 13 11.40 -28.89 -22.62
C ILE B 13 12.18 -28.33 -21.43
N SER B 14 11.56 -28.35 -20.25
CA SER B 14 12.25 -27.86 -19.05
C SER B 14 13.41 -28.78 -18.67
N LYS B 15 13.29 -30.08 -18.94
CA LYS B 15 14.34 -31.01 -18.59
C LYS B 15 15.59 -30.80 -19.45
N VAL B 16 15.40 -30.61 -20.76
CA VAL B 16 16.53 -30.36 -21.63
C VAL B 16 17.09 -28.96 -21.45
N LEU B 17 16.34 -28.06 -20.80
CA LEU B 17 16.80 -26.71 -20.53
C LEU B 17 17.33 -26.55 -19.11
N ALA B 18 17.74 -27.65 -18.48
CA ALA B 18 18.38 -27.66 -17.16
C ALA B 18 17.48 -27.14 -16.05
N LEU B 19 16.16 -27.32 -16.15
CA LEU B 19 15.24 -26.82 -15.15
C LEU B 19 14.46 -27.90 -14.42
N ALA B 20 14.38 -29.10 -14.97
CA ALA B 20 13.64 -30.21 -14.35
C ALA B 20 14.52 -31.45 -14.32
N PRO B 21 15.44 -31.53 -13.35
CA PRO B 21 16.33 -32.69 -13.26
C PRO B 21 15.68 -33.89 -12.59
N TYR B 22 14.56 -34.35 -13.16
CA TYR B 22 13.81 -35.46 -12.62
C TYR B 22 13.62 -36.54 -13.68
N ALA B 23 13.74 -37.79 -13.28
CA ALA B 23 13.50 -38.93 -14.15
C ALA B 23 12.11 -39.48 -13.88
N THR B 24 11.27 -39.51 -14.91
CA THR B 24 9.88 -39.94 -14.79
C THR B 24 9.65 -41.15 -15.68
N VAL B 25 9.11 -42.21 -15.10
CA VAL B 25 8.70 -43.41 -15.83
C VAL B 25 7.19 -43.57 -15.69
N ARG B 26 6.50 -43.66 -16.82
CA ARG B 26 5.06 -43.76 -16.82
C ARG B 26 4.62 -45.16 -16.39
N ASN B 27 3.68 -45.22 -15.45
CA ASN B 27 3.17 -46.50 -14.98
C ASN B 27 2.15 -47.07 -15.97
N SER B 28 1.79 -48.34 -15.78
CA SER B 28 0.75 -48.94 -16.60
C SER B 28 -0.63 -48.36 -16.31
N LYS B 29 -0.80 -47.72 -15.15
CA LYS B 29 -2.06 -47.10 -14.78
C LYS B 29 -2.22 -45.69 -15.32
N GLY B 30 -1.21 -45.16 -16.02
CA GLY B 30 -1.24 -43.79 -16.49
C GLY B 30 -0.67 -42.76 -15.54
N ARG B 31 -0.31 -43.17 -14.33
CA ARG B 31 0.29 -42.27 -13.35
C ARG B 31 1.78 -42.13 -13.62
N VAL B 32 2.30 -40.92 -13.44
CA VAL B 32 3.69 -40.60 -13.71
C VAL B 32 4.43 -40.53 -12.38
N GLU B 33 5.36 -41.46 -12.17
CA GLU B 33 6.23 -41.40 -11.00
C GLU B 33 7.40 -40.46 -11.28
N ILE B 34 7.90 -39.83 -10.22
CA ILE B 34 8.96 -38.83 -10.33
C ILE B 34 10.09 -39.21 -9.38
N GLY B 35 11.32 -39.17 -9.89
CA GLY B 35 12.48 -39.42 -9.06
C GLY B 35 13.64 -38.58 -9.53
N ARG B 36 14.59 -38.37 -8.63
CA ARG B 36 15.77 -37.58 -8.97
C ARG B 36 16.60 -38.27 -10.03
N SER B 37 17.03 -37.51 -11.02
CA SER B 37 17.90 -38.00 -12.09
C SER B 37 19.26 -37.37 -11.89
N TRP B 38 20.19 -38.13 -11.30
CA TRP B 38 21.52 -37.59 -11.01
C TRP B 38 22.27 -37.24 -12.28
N LEU B 39 22.05 -37.98 -13.37
CA LEU B 39 22.65 -37.62 -14.64
C LEU B 39 22.19 -36.23 -15.08
N PHE B 40 20.88 -36.00 -15.09
CA PHE B 40 20.36 -34.68 -15.43
C PHE B 40 20.56 -33.66 -14.32
N THR B 41 20.74 -34.10 -13.08
CA THR B 41 21.06 -33.16 -12.00
C THR B 41 22.43 -32.54 -12.22
N VAL B 42 23.45 -33.37 -12.45
CA VAL B 42 24.77 -32.83 -12.74
C VAL B 42 24.79 -32.14 -14.09
N TYR B 43 23.99 -32.61 -15.05
CA TYR B 43 23.89 -31.93 -16.34
C TYR B 43 23.33 -30.52 -16.17
N SER B 44 22.29 -30.37 -15.35
CA SER B 44 21.70 -29.05 -15.14
C SER B 44 22.68 -28.11 -14.44
N ALA B 45 23.35 -28.59 -13.39
CA ALA B 45 24.31 -27.75 -12.69
C ALA B 45 25.48 -27.37 -13.59
N THR B 46 26.02 -28.34 -14.33
CA THR B 46 27.14 -28.07 -15.21
C THR B 46 26.76 -27.11 -16.32
N LEU B 47 25.60 -27.33 -16.95
CA LEU B 47 25.16 -26.46 -18.03
C LEU B 47 24.94 -25.03 -17.54
N THR B 48 24.30 -24.89 -16.37
CA THR B 48 24.06 -23.54 -15.84
C THR B 48 25.36 -22.81 -15.57
N VAL B 49 26.30 -23.48 -14.89
CA VAL B 49 27.58 -22.83 -14.58
C VAL B 49 28.34 -22.50 -15.85
N VAL B 50 28.38 -23.44 -16.79
CA VAL B 50 29.19 -23.25 -18.00
C VAL B 50 28.63 -22.10 -18.84
N MET B 51 27.32 -22.10 -19.08
CA MET B 51 26.77 -21.07 -19.96
C MET B 51 26.69 -19.71 -19.30
N VAL B 52 26.52 -19.66 -17.97
CA VAL B 52 26.63 -18.39 -17.27
C VAL B 52 28.04 -17.84 -17.39
N PHE B 53 29.04 -18.69 -17.21
CA PHE B 53 30.42 -18.26 -17.38
C PHE B 53 30.68 -17.79 -18.81
N LEU B 54 30.14 -18.51 -19.80
CA LEU B 54 30.31 -18.12 -21.18
C LEU B 54 29.63 -16.79 -21.49
N THR B 55 28.45 -16.56 -20.93
CA THR B 55 27.75 -15.30 -21.15
C THR B 55 28.54 -14.12 -20.62
N TYR B 56 29.06 -14.24 -19.39
CA TYR B 56 29.90 -13.18 -18.83
C TYR B 56 31.25 -13.08 -19.52
N ARG B 57 31.80 -14.19 -20.01
CA ARG B 57 33.03 -14.13 -20.79
C ARG B 57 32.82 -13.36 -22.07
N GLY B 58 31.69 -13.59 -22.76
CA GLY B 58 31.37 -12.79 -23.93
C GLY B 58 31.14 -11.33 -23.62
N LEU B 59 30.53 -11.04 -22.46
CA LEU B 59 30.34 -9.66 -22.04
C LEU B 59 31.69 -8.97 -21.83
N LEU B 60 32.61 -9.64 -21.14
CA LEU B 60 33.94 -9.07 -20.92
C LEU B 60 34.70 -8.93 -22.23
N PHE B 61 34.56 -9.92 -23.13
CA PHE B 61 35.21 -9.85 -24.42
C PHE B 61 34.71 -8.66 -25.23
N ASP B 62 33.41 -8.41 -25.21
CA ASP B 62 32.85 -7.24 -25.89
C ASP B 62 33.38 -5.95 -25.26
N ALA B 63 33.47 -5.91 -23.94
CA ALA B 63 33.98 -4.72 -23.27
C ALA B 63 35.47 -4.51 -23.55
N ASN B 64 36.23 -5.59 -23.74
CA ASN B 64 37.66 -5.52 -23.96
C ASN B 64 38.04 -5.64 -25.43
N SER B 65 37.07 -5.66 -26.34
CA SER B 65 37.37 -5.76 -27.76
C SER B 65 37.85 -4.42 -28.30
N GLU B 66 38.46 -4.46 -29.48
CA GLU B 66 38.94 -3.24 -30.12
C GLU B 66 37.78 -2.30 -30.42
N ILE B 67 36.71 -2.82 -31.01
CA ILE B 67 35.50 -2.03 -31.27
C ILE B 67 34.33 -2.71 -30.59
N PRO B 68 33.95 -2.28 -29.38
CA PRO B 68 32.77 -2.88 -28.72
C PRO B 68 31.50 -2.64 -29.52
N VAL B 69 30.59 -3.60 -29.43
CA VAL B 69 29.32 -3.49 -30.16
C VAL B 69 28.21 -3.04 -29.22
N ARG B 70 28.08 -3.69 -28.06
CA ARG B 70 27.07 -3.37 -27.07
C ARG B 70 27.63 -2.61 -25.88
N MET B 71 28.85 -2.91 -25.45
CA MET B 71 29.46 -2.26 -24.30
C MET B 71 30.34 -1.12 -24.78
N LYS B 72 29.70 -0.13 -25.41
CA LYS B 72 30.40 1.01 -25.99
C LYS B 72 30.51 2.17 -25.02
N SER B 73 29.39 2.70 -24.56
CA SER B 73 29.41 3.83 -23.64
C SER B 73 29.22 3.34 -22.21
N ALA B 74 29.57 4.21 -21.25
CA ALA B 74 29.41 3.85 -19.84
C ALA B 74 27.95 3.57 -19.50
N THR B 75 27.04 4.41 -20.00
CA THR B 75 25.61 4.13 -19.83
C THR B 75 25.24 2.83 -20.53
N SER B 76 25.75 2.63 -21.76
CA SER B 76 25.49 1.39 -22.47
C SER B 76 26.11 0.20 -21.75
N LYS B 77 27.31 0.37 -21.19
CA LYS B 77 27.94 -0.71 -20.45
C LYS B 77 27.12 -1.11 -19.24
N VAL B 78 26.63 -0.13 -18.48
CA VAL B 78 25.85 -0.44 -17.29
C VAL B 78 24.52 -1.09 -17.67
N VAL B 79 23.85 -0.56 -18.70
CA VAL B 79 22.56 -1.12 -19.11
C VAL B 79 22.74 -2.54 -19.62
N THR B 80 23.75 -2.78 -20.45
CA THR B 80 23.97 -4.13 -20.97
C THR B 80 24.36 -5.10 -19.87
N ALA B 81 25.21 -4.67 -18.94
CA ALA B 81 25.58 -5.55 -17.82
C ALA B 81 24.37 -5.88 -16.97
N LEU B 82 23.50 -4.91 -16.69
CA LEU B 82 22.28 -5.17 -15.94
C LEU B 82 21.35 -6.09 -16.72
N ASP B 83 21.26 -5.89 -18.03
CA ASP B 83 20.43 -6.75 -18.87
C ASP B 83 20.88 -8.20 -18.80
N VAL B 84 22.19 -8.43 -18.85
CA VAL B 84 22.71 -9.79 -18.72
C VAL B 84 22.51 -10.30 -17.29
N SER B 85 22.70 -9.43 -16.30
CA SER B 85 22.66 -9.86 -14.90
C SER B 85 21.26 -10.35 -14.50
N VAL B 86 20.22 -9.64 -14.93
CA VAL B 86 18.87 -10.04 -14.53
C VAL B 86 18.51 -11.40 -15.14
N VAL B 87 18.90 -11.62 -16.39
CA VAL B 87 18.67 -12.92 -17.03
C VAL B 87 19.45 -14.00 -16.29
N VAL B 88 20.70 -13.72 -15.93
CA VAL B 88 21.52 -14.72 -15.24
C VAL B 88 20.92 -15.06 -13.89
N MET B 89 20.50 -14.04 -13.12
CA MET B 89 19.89 -14.30 -11.81
C MET B 89 18.60 -15.08 -11.96
N ALA B 90 17.78 -14.75 -12.97
CA ALA B 90 16.51 -15.45 -13.16
C ALA B 90 16.74 -16.92 -13.50
N ILE B 91 17.63 -17.19 -14.45
CA ILE B 91 17.84 -18.58 -14.85
C ILE B 91 18.54 -19.38 -13.76
N VAL B 92 19.48 -18.74 -13.04
CA VAL B 92 20.17 -19.43 -11.94
C VAL B 92 19.18 -19.75 -10.82
N SER B 93 18.30 -18.81 -10.50
CA SER B 93 17.27 -19.07 -9.49
C SER B 93 16.33 -20.18 -9.94
N GLY B 94 15.97 -20.19 -11.23
CA GLY B 94 15.11 -21.25 -11.73
C GLY B 94 15.77 -22.62 -11.66
N VAL B 95 17.04 -22.70 -12.04
CA VAL B 95 17.76 -23.97 -11.97
C VAL B 95 17.92 -24.41 -10.52
N TYR B 96 18.24 -23.47 -9.63
CA TYR B 96 18.35 -23.78 -8.21
C TYR B 96 17.02 -24.28 -7.66
N CYS B 97 15.92 -23.66 -8.07
CA CYS B 97 14.60 -24.12 -7.65
C CYS B 97 14.33 -25.53 -8.15
N GLY B 98 14.65 -25.81 -9.42
CA GLY B 98 14.44 -27.13 -9.96
C GLY B 98 15.30 -28.21 -9.33
N LEU B 99 16.49 -27.84 -8.84
CA LEU B 99 17.39 -28.81 -8.23
C LEU B 99 16.93 -29.21 -6.83
N PHE B 100 16.40 -28.26 -6.06
CA PHE B 100 16.09 -28.47 -4.65
C PHE B 100 14.59 -28.40 -4.38
N SER B 101 13.77 -28.91 -5.29
CA SER B 101 12.33 -28.96 -5.09
C SER B 101 11.77 -30.31 -5.52
N LEU B 102 12.52 -31.38 -5.30
CA LEU B 102 12.03 -32.71 -5.65
C LEU B 102 10.93 -33.17 -4.70
N ASN B 103 11.12 -32.96 -3.39
CA ASN B 103 10.13 -33.39 -2.42
C ASN B 103 8.81 -32.63 -2.59
N ASP B 104 8.89 -31.32 -2.80
CA ASP B 104 7.68 -30.53 -3.02
C ASP B 104 7.02 -30.90 -4.34
N THR B 105 7.82 -31.23 -5.36
CA THR B 105 7.26 -31.69 -6.62
C THR B 105 6.50 -33.00 -6.43
N LEU B 106 7.06 -33.93 -5.66
CA LEU B 106 6.38 -35.19 -5.37
C LEU B 106 5.07 -34.94 -4.64
N GLU B 107 5.09 -34.09 -3.61
CA GLU B 107 3.88 -33.79 -2.87
C GLU B 107 2.84 -33.11 -3.76
N LEU B 108 3.27 -32.16 -4.58
CA LEU B 108 2.33 -31.44 -5.45
C LEU B 108 1.67 -32.40 -6.45
N ASN B 109 2.46 -33.30 -7.05
CA ASN B 109 1.89 -34.21 -8.03
C ASN B 109 1.00 -35.27 -7.39
N ASP B 110 1.34 -35.73 -6.18
CA ASP B 110 0.45 -36.65 -5.48
C ASP B 110 -0.88 -35.98 -5.16
N ARG B 111 -0.84 -34.74 -4.67
CA ARG B 111 -2.06 -34.01 -4.39
C ARG B 111 -2.86 -33.77 -5.66
N LEU B 112 -2.18 -33.42 -6.75
CA LEU B 112 -2.87 -33.17 -8.01
C LEU B 112 -3.50 -34.44 -8.56
N ASN B 113 -2.85 -35.60 -8.36
CA ASN B 113 -3.45 -36.86 -8.78
C ASN B 113 -4.74 -37.13 -8.02
N LYS B 114 -4.73 -36.89 -6.70
CA LYS B 114 -5.95 -37.07 -5.91
C LYS B 114 -7.04 -36.11 -6.35
N ILE B 115 -6.67 -34.85 -6.60
CA ILE B 115 -7.64 -33.84 -7.03
C ILE B 115 -8.22 -34.20 -8.39
N ASP B 116 -7.37 -34.66 -9.32
CA ASP B 116 -7.85 -35.07 -10.63
C ASP B 116 -8.80 -36.25 -10.54
N ASN B 117 -8.52 -37.20 -9.63
CA ASN B 117 -9.45 -38.30 -9.41
C ASN B 117 -10.79 -37.78 -8.89
N THR B 118 -10.73 -36.80 -7.98
CA THR B 118 -11.96 -36.23 -7.43
C THR B 118 -12.78 -35.52 -8.52
N LEU B 119 -12.10 -34.74 -9.37
CA LEU B 119 -12.77 -33.96 -10.41
C LEU B 119 -12.69 -34.63 -11.77
N ASN B 120 -12.76 -35.96 -11.83
CA ASN B 120 -12.56 -36.67 -13.10
C ASN B 120 -13.63 -36.32 -14.12
N ALA B 121 -14.78 -35.82 -13.67
CA ALA B 121 -15.83 -35.42 -14.61
C ALA B 121 -15.44 -34.21 -15.45
N TYR B 122 -14.47 -33.41 -15.01
CA TYR B 122 -14.10 -32.19 -15.72
C TYR B 122 -12.70 -32.27 -16.33
N ASN B 123 -12.06 -33.43 -16.32
CA ASN B 123 -10.75 -33.57 -16.94
C ASN B 123 -10.88 -33.69 -18.45
N ASN B 124 -9.99 -33.01 -19.16
CA ASN B 124 -9.95 -33.04 -20.63
C ASN B 124 -8.48 -33.22 -21.02
N PHE B 125 -8.11 -34.48 -21.31
CA PHE B 125 -6.72 -34.78 -21.68
C PHE B 125 -6.33 -34.07 -22.97
N ARG B 126 -7.22 -34.09 -23.97
CA ARG B 126 -6.89 -33.49 -25.26
C ARG B 126 -6.75 -31.98 -25.14
N ARG B 127 -7.71 -31.31 -24.50
CA ARG B 127 -7.63 -29.85 -24.36
C ARG B 127 -6.44 -29.43 -23.51
N ASP B 128 -6.18 -30.14 -22.41
CA ASP B 128 -5.03 -29.79 -21.58
C ASP B 128 -3.72 -29.99 -22.33
N ARG B 129 -3.60 -31.11 -23.06
CA ARG B 129 -2.36 -31.36 -23.80
C ARG B 129 -2.14 -30.31 -24.88
N TRP B 130 -3.18 -29.98 -25.64
CA TRP B 130 -3.02 -28.98 -26.69
C TRP B 130 -2.79 -27.59 -26.13
N ARG B 131 -3.41 -27.24 -25.00
CA ARG B 131 -3.13 -25.94 -24.38
C ARG B 131 -1.69 -25.85 -23.90
N ALA B 132 -1.19 -26.91 -23.26
CA ALA B 132 0.18 -26.89 -22.76
C ALA B 132 1.18 -26.83 -23.90
N LEU B 133 0.99 -27.69 -24.92
CA LEU B 133 1.87 -27.67 -26.08
C LEU B 133 1.77 -26.37 -26.84
N GLY B 134 0.57 -25.80 -26.95
CA GLY B 134 0.42 -24.53 -27.64
C GLY B 134 1.14 -23.40 -26.92
N MET B 135 1.01 -23.34 -25.59
CA MET B 135 1.71 -22.30 -24.84
C MET B 135 3.21 -22.44 -24.96
N ALA B 136 3.72 -23.68 -24.85
CA ALA B 136 5.15 -23.89 -24.97
C ALA B 136 5.63 -23.56 -26.38
N ALA B 137 4.89 -23.98 -27.41
CA ALA B 137 5.29 -23.71 -28.78
C ALA B 137 5.27 -22.22 -29.10
N VAL B 138 4.23 -21.51 -28.64
CA VAL B 138 4.16 -20.08 -28.90
C VAL B 138 5.29 -19.34 -28.19
N SER B 139 5.57 -19.69 -26.95
CA SER B 139 6.65 -19.02 -26.22
C SER B 139 8.01 -19.29 -26.85
N LEU B 140 8.27 -20.54 -27.21
CA LEU B 140 9.54 -20.87 -27.84
C LEU B 140 9.67 -20.24 -29.22
N LEU B 141 8.59 -20.23 -30.00
CA LEU B 141 8.63 -19.58 -31.30
C LEU B 141 8.85 -18.08 -31.17
N ALA B 142 8.22 -17.44 -30.19
CA ALA B 142 8.39 -16.00 -30.00
C ALA B 142 9.83 -15.67 -29.62
N ILE B 143 10.40 -16.42 -28.67
CA ILE B 143 11.76 -16.15 -28.26
C ILE B 143 12.75 -16.48 -29.38
N SER B 144 12.49 -17.53 -30.15
CA SER B 144 13.36 -17.86 -31.28
C SER B 144 13.34 -16.76 -32.33
N ILE B 145 12.15 -16.27 -32.67
CA ILE B 145 12.04 -15.21 -33.67
C ILE B 145 12.71 -13.95 -33.19
N LEU B 146 12.49 -13.58 -31.93
CA LEU B 146 13.09 -12.35 -31.41
C LEU B 146 14.60 -12.48 -31.27
N VAL B 147 15.10 -13.67 -30.93
CA VAL B 147 16.55 -13.87 -30.90
C VAL B 147 17.14 -13.73 -32.29
N GLY B 148 16.49 -14.30 -33.31
CA GLY B 148 16.98 -14.13 -34.67
C GLY B 148 16.96 -12.69 -35.11
N LEU B 149 15.87 -11.98 -34.83
CA LEU B 149 15.79 -10.56 -35.19
C LEU B 149 16.83 -9.74 -34.45
N ASP B 150 17.03 -10.02 -33.16
CA ASP B 150 17.98 -9.26 -32.37
C ASP B 150 19.41 -9.48 -32.85
N VAL B 151 19.77 -10.74 -33.13
CA VAL B 151 21.11 -11.02 -33.60
C VAL B 151 21.33 -10.44 -35.00
N GLY B 152 20.31 -10.46 -35.85
CA GLY B 152 20.45 -9.85 -37.15
C GLY B 152 20.61 -8.34 -37.08
N THR B 153 19.80 -7.70 -36.24
CA THR B 153 19.91 -6.25 -36.08
C THR B 153 21.27 -5.86 -35.51
N TRP B 154 21.75 -6.59 -34.51
CA TRP B 154 23.05 -6.28 -33.95
C TRP B 154 24.19 -6.58 -34.91
N MET B 155 24.02 -7.60 -35.76
CA MET B 155 25.00 -7.88 -36.81
C MET B 155 25.07 -6.72 -37.80
N ARG B 156 23.90 -6.18 -38.18
CA ARG B 156 23.88 -5.03 -39.07
C ARG B 156 24.53 -3.81 -38.41
N ILE B 157 24.24 -3.59 -37.12
CA ILE B 157 24.83 -2.47 -36.40
C ILE B 157 26.35 -2.62 -36.33
N ALA B 158 26.83 -3.83 -36.05
CA ALA B 158 28.27 -4.09 -36.06
C ALA B 158 28.90 -3.88 -37.42
N GLN B 159 28.23 -4.29 -38.50
CA GLN B 159 28.76 -4.06 -39.83
C GLN B 159 28.85 -2.57 -40.15
N ASP B 160 27.86 -1.79 -39.73
CA ASP B 160 27.89 -0.36 -39.98
C ASP B 160 29.05 0.32 -39.27
N MET B 161 29.34 -0.09 -38.02
CA MET B 161 30.43 0.48 -37.26
C MET B 161 31.78 -0.21 -37.53
N ASN B 162 31.81 -1.20 -38.40
CA ASN B 162 33.02 -1.99 -38.62
C ASN B 162 34.13 -1.13 -39.21
N ILE B 163 35.35 -1.34 -38.73
CA ILE B 163 36.55 -0.70 -39.26
C ILE B 163 37.49 -1.79 -39.73
N ALA B 164 38.22 -1.52 -40.81
CA ALA B 164 39.04 -2.55 -41.44
C ALA B 164 40.10 -3.10 -40.50
N GLN B 165 40.46 -2.36 -39.45
CA GLN B 165 41.50 -2.78 -38.52
C GLN B 165 40.96 -3.55 -37.32
N SER B 166 39.73 -4.05 -37.39
CA SER B 166 39.14 -4.80 -36.29
C SER B 166 37.94 -5.59 -36.80
N ASP B 167 37.52 -6.58 -36.03
CA ASP B 167 36.36 -7.41 -36.36
C ASP B 167 35.26 -7.16 -35.33
N THR B 168 34.07 -6.80 -35.80
CA THR B 168 32.93 -6.56 -34.92
C THR B 168 31.89 -7.66 -34.98
N GLU B 169 31.92 -8.52 -36.01
CA GLU B 169 30.94 -9.60 -36.11
C GLU B 169 31.13 -10.62 -35.00
N LEU B 170 32.39 -10.90 -34.64
CA LEU B 170 32.66 -11.84 -33.56
C LEU B 170 32.11 -11.32 -32.23
N ASN B 171 32.04 -10.01 -32.06
CA ASN B 171 31.44 -9.43 -30.86
C ASN B 171 29.98 -9.83 -30.73
N VAL B 172 29.23 -9.79 -31.84
CA VAL B 172 27.86 -10.26 -31.82
C VAL B 172 27.80 -11.78 -31.66
N HIS B 173 28.74 -12.51 -32.28
CA HIS B 173 28.76 -13.96 -32.16
C HIS B 173 29.03 -14.43 -30.74
N TRP B 174 29.65 -13.60 -29.90
CA TRP B 174 29.93 -13.97 -28.53
C TRP B 174 28.75 -13.75 -27.59
N TYR B 175 27.64 -13.22 -28.10
CA TYR B 175 26.43 -13.03 -27.32
C TYR B 175 25.44 -14.18 -27.46
N ILE B 176 25.83 -15.25 -28.17
CA ILE B 176 25.00 -16.43 -28.34
C ILE B 176 24.65 -17.06 -27.00
N PRO B 177 25.61 -17.23 -26.06
CA PRO B 177 25.22 -17.78 -24.75
C PRO B 177 24.17 -16.94 -24.03
N PHE B 178 24.18 -15.62 -24.22
CA PHE B 178 23.15 -14.78 -23.61
C PHE B 178 21.77 -15.13 -24.15
N TYR B 179 21.66 -15.34 -25.45
CA TYR B 179 20.39 -15.71 -26.05
C TYR B 179 19.96 -17.12 -25.63
N SER B 180 20.92 -18.03 -25.45
CA SER B 180 20.59 -19.34 -24.91
C SER B 180 20.04 -19.21 -23.49
N LEU B 181 20.60 -18.30 -22.70
CA LEU B 181 20.03 -18.03 -21.38
C LEU B 181 18.62 -17.48 -21.49
N TYR B 182 18.35 -16.70 -22.53
CA TYR B 182 16.96 -16.29 -22.78
C TYR B 182 16.07 -17.49 -23.06
N PHE B 183 16.57 -18.48 -23.80
CA PHE B 183 15.78 -19.69 -24.03
C PHE B 183 15.51 -20.43 -22.73
N ILE B 184 16.51 -20.53 -21.85
CA ILE B 184 16.31 -21.18 -20.56
C ILE B 184 15.30 -20.41 -19.72
N LEU B 185 15.36 -19.08 -19.76
CA LEU B 185 14.39 -18.28 -19.04
C LEU B 185 12.98 -18.49 -19.57
N THR B 186 12.85 -18.59 -20.90
CA THR B 186 11.54 -18.85 -21.49
C THR B 186 10.99 -20.20 -21.05
N GLY B 187 11.85 -21.23 -21.03
CA GLY B 187 11.40 -22.53 -20.56
C GLY B 187 11.00 -22.52 -19.10
N LEU B 188 11.77 -21.82 -18.27
CA LEU B 188 11.42 -21.72 -16.85
C LEU B 188 10.09 -21.01 -16.65
N GLN B 189 9.86 -19.92 -17.38
CA GLN B 189 8.59 -19.23 -17.29
C GLN B 189 7.44 -20.08 -17.79
N VAL B 190 7.66 -20.86 -18.85
CA VAL B 190 6.62 -21.76 -19.34
C VAL B 190 6.27 -22.80 -18.29
N ASN B 191 7.28 -23.37 -17.64
CA ASN B 191 7.04 -24.39 -16.62
C ASN B 191 6.26 -23.81 -15.44
N ILE B 192 6.68 -22.63 -14.96
CA ILE B 192 6.00 -22.00 -13.83
C ILE B 192 4.57 -21.64 -14.21
N ALA B 193 4.39 -21.07 -15.41
CA ALA B 193 3.05 -20.71 -15.86
C ALA B 193 2.17 -21.93 -16.02
N ASN B 194 2.73 -23.04 -16.52
CA ASN B 194 1.94 -24.26 -16.67
C ASN B 194 1.44 -24.76 -15.31
N THR B 195 2.32 -24.79 -14.31
CA THR B 195 1.92 -25.26 -12.99
C THR B 195 0.87 -24.34 -12.37
N ALA B 196 1.10 -23.03 -12.42
CA ALA B 196 0.17 -22.09 -11.81
C ALA B 196 -1.16 -22.07 -12.55
N TYR B 197 -1.14 -22.15 -13.88
CA TYR B 197 -2.37 -22.22 -14.65
C TYR B 197 -3.14 -23.50 -14.35
N GLY B 198 -2.43 -24.61 -14.16
CA GLY B 198 -3.10 -25.84 -13.78
C GLY B 198 -3.79 -25.73 -12.43
N LEU B 199 -3.13 -25.09 -11.46
CA LEU B 199 -3.75 -24.89 -10.16
C LEU B 199 -5.00 -24.02 -10.25
N GLY B 200 -4.93 -22.92 -11.01
CA GLY B 200 -6.09 -22.08 -11.19
C GLY B 200 -7.21 -22.78 -11.95
N ARG B 201 -6.85 -23.57 -12.96
CA ARG B 201 -7.84 -24.32 -13.73
C ARG B 201 -8.55 -25.34 -12.86
N ARG B 202 -7.80 -26.03 -11.99
CA ARG B 202 -8.42 -27.00 -11.09
C ARG B 202 -9.31 -26.32 -10.06
N PHE B 203 -8.91 -25.12 -9.61
CA PHE B 203 -9.78 -24.35 -8.74
C PHE B 203 -11.09 -24.00 -9.44
N GLY B 204 -11.02 -23.60 -10.71
CA GLY B 204 -12.22 -23.31 -11.46
C GLY B 204 -13.08 -24.54 -11.68
N ARG B 205 -12.45 -25.68 -11.94
CA ARG B 205 -13.19 -26.93 -12.07
C ARG B 205 -13.89 -27.30 -10.77
N LEU B 206 -13.23 -27.08 -9.64
CA LEU B 206 -13.85 -27.33 -8.34
C LEU B 206 -15.06 -26.43 -8.13
N ASN B 207 -14.95 -25.16 -8.50
CA ASN B 207 -16.08 -24.25 -8.38
C ASN B 207 -17.23 -24.68 -9.29
N ARG B 208 -16.92 -25.10 -10.52
CA ARG B 208 -17.95 -25.58 -11.43
C ARG B 208 -18.63 -26.82 -10.87
N MET B 209 -17.84 -27.74 -10.30
CA MET B 209 -18.42 -28.95 -9.73
C MET B 209 -19.31 -28.63 -8.54
N LEU B 210 -18.90 -27.69 -7.70
CA LEU B 210 -19.72 -27.27 -6.57
C LEU B 210 -21.05 -26.71 -7.05
N SER B 211 -21.02 -25.83 -8.04
CA SER B 211 -22.25 -25.22 -8.55
C SER B 211 -23.12 -26.22 -9.29
N SER B 212 -22.52 -27.21 -9.95
CA SER B 212 -23.28 -28.19 -10.71
C SER B 212 -23.79 -29.35 -9.87
N SER B 213 -23.27 -29.53 -8.66
CA SER B 213 -23.71 -30.61 -7.79
C SER B 213 -24.47 -30.12 -6.57
N PHE B 214 -24.50 -28.81 -6.32
CA PHE B 214 -25.20 -28.28 -5.16
C PHE B 214 -26.05 -27.05 -5.45
N LEU B 215 -26.12 -26.59 -6.70
CA LEU B 215 -26.94 -25.43 -7.03
C LEU B 215 -27.70 -25.62 -8.34
N ALA B 216 -27.71 -26.83 -8.89
CA ALA B 216 -28.42 -27.09 -10.15
C ALA B 216 -28.83 -28.56 -10.23
N ALA B 262 -29.48 -42.08 2.37
CA ALA B 262 -29.03 -42.82 1.21
C ALA B 262 -28.29 -41.91 0.23
N ALA B 263 -29.06 -41.21 -0.61
CA ALA B 263 -28.47 -40.27 -1.56
C ALA B 263 -27.78 -39.12 -0.85
N ALA B 264 -28.37 -38.64 0.25
CA ALA B 264 -27.79 -37.53 0.99
C ALA B 264 -26.42 -37.88 1.57
N LYS B 265 -26.23 -39.13 2.00
CA LYS B 265 -24.91 -39.55 2.50
C LYS B 265 -23.86 -39.46 1.40
N ASN B 266 -24.18 -39.93 0.20
CA ASN B 266 -23.25 -39.83 -0.92
C ASN B 266 -22.98 -38.39 -1.29
N LYS B 267 -24.02 -37.53 -1.26
CA LYS B 267 -23.82 -36.12 -1.58
C LYS B 267 -22.93 -35.45 -0.54
N GLY B 268 -23.12 -35.78 0.74
CA GLY B 268 -22.23 -35.25 1.77
C GLY B 268 -20.81 -35.73 1.62
N LEU B 269 -20.63 -36.99 1.23
CA LEU B 269 -19.28 -37.50 0.96
C LEU B 269 -18.65 -36.76 -0.23
N LEU B 270 -19.47 -36.45 -1.24
CA LEU B 270 -18.96 -35.69 -2.38
C LEU B 270 -18.51 -34.30 -1.96
N LEU B 271 -19.29 -33.64 -1.10
CA LEU B 271 -18.89 -32.34 -0.59
C LEU B 271 -17.62 -32.42 0.25
N LYS B 272 -17.48 -33.49 1.04
CA LYS B 272 -16.25 -33.68 1.81
C LYS B 272 -15.06 -33.81 0.89
N SER B 273 -15.22 -34.55 -0.22
CA SER B 273 -14.15 -34.65 -1.21
C SER B 273 -13.83 -33.30 -1.83
N LEU B 274 -14.84 -32.50 -2.13
CA LEU B 274 -14.60 -31.17 -2.70
C LEU B 274 -13.87 -30.26 -1.71
N ALA B 275 -14.25 -30.32 -0.43
CA ALA B 275 -13.56 -29.52 0.58
C ALA B 275 -12.11 -29.96 0.73
N ASP B 276 -11.86 -31.26 0.74
CA ASP B 276 -10.49 -31.76 0.80
C ASP B 276 -9.71 -31.35 -0.44
N SER B 277 -10.35 -31.36 -1.60
CA SER B 277 -9.68 -30.94 -2.83
C SER B 277 -9.31 -29.46 -2.78
N HIS B 278 -10.20 -28.63 -2.23
CA HIS B 278 -9.89 -27.20 -2.13
C HIS B 278 -8.74 -26.95 -1.19
N GLU B 279 -8.73 -27.63 -0.04
CA GLU B 279 -7.60 -27.49 0.89
C GLU B 279 -6.31 -27.99 0.26
N SER B 280 -6.37 -29.11 -0.45
CA SER B 280 -5.20 -29.64 -1.13
C SER B 280 -4.72 -28.72 -2.25
N LEU B 281 -5.63 -28.07 -2.97
CA LEU B 281 -5.23 -27.13 -4.00
C LEU B 281 -4.55 -25.91 -3.39
N GLY B 282 -5.06 -25.43 -2.25
CA GLY B 282 -4.37 -24.34 -1.56
C GLY B 282 -2.98 -24.74 -1.10
N LYS B 283 -2.84 -25.97 -0.59
CA LYS B 283 -1.51 -26.47 -0.23
C LYS B 283 -0.63 -26.61 -1.46
N CYS B 284 -1.21 -26.96 -2.61
CA CYS B 284 -0.44 -27.03 -3.85
C CYS B 284 0.06 -25.65 -4.26
N VAL B 285 -0.78 -24.62 -4.10
CA VAL B 285 -0.34 -23.26 -4.38
C VAL B 285 0.81 -22.88 -3.46
N HIS B 286 0.71 -23.24 -2.18
CA HIS B 286 1.81 -22.98 -1.25
C HIS B 286 3.05 -23.78 -1.62
N LEU B 287 2.89 -25.01 -2.12
CA LEU B 287 4.04 -25.78 -2.55
C LEU B 287 4.74 -25.13 -3.74
N LEU B 288 3.96 -24.66 -4.72
CA LEU B 288 4.56 -23.96 -5.85
C LEU B 288 5.25 -22.69 -5.41
N SER B 289 4.63 -21.94 -4.50
CA SER B 289 5.26 -20.73 -3.99
C SER B 289 6.54 -21.04 -3.23
N ASN B 290 6.53 -22.05 -2.36
CA ASN B 290 7.71 -22.39 -1.59
C ASN B 290 8.83 -22.92 -2.48
N SER B 291 8.48 -23.57 -3.59
CA SER B 291 9.49 -24.14 -4.46
C SER B 291 10.08 -23.11 -5.42
N PHE B 292 9.23 -22.33 -6.08
CA PHE B 292 9.68 -21.40 -7.13
C PHE B 292 9.41 -19.95 -6.78
N GLY B 293 9.35 -19.61 -5.49
CA GLY B 293 9.13 -18.22 -5.12
C GLY B 293 10.27 -17.30 -5.49
N ILE B 294 11.51 -17.74 -5.24
CA ILE B 294 12.65 -16.90 -5.61
C ILE B 294 12.81 -16.83 -7.12
N ALA B 295 12.44 -17.91 -7.82
CA ALA B 295 12.45 -17.87 -9.29
C ALA B 295 11.44 -16.87 -9.81
N VAL B 296 10.23 -16.85 -9.23
CA VAL B 296 9.21 -15.89 -9.66
C VAL B 296 9.64 -14.47 -9.29
N LEU B 297 10.25 -14.31 -8.12
CA LEU B 297 10.72 -12.98 -7.71
C LEU B 297 11.78 -12.45 -8.65
N PHE B 298 12.73 -13.30 -9.04
CA PHE B 298 13.77 -12.85 -9.96
C PHE B 298 13.22 -12.67 -11.38
N ILE B 299 12.19 -13.43 -11.76
CA ILE B 299 11.53 -13.19 -13.03
C ILE B 299 10.86 -11.82 -13.02
N LEU B 300 10.20 -11.47 -11.92
CA LEU B 300 9.57 -10.15 -11.81
C LEU B 300 10.62 -9.04 -11.85
N VAL B 301 11.74 -9.22 -11.14
CA VAL B 301 12.82 -8.24 -11.19
C VAL B 301 13.38 -8.11 -12.60
N SER B 302 13.55 -9.24 -13.28
CA SER B 302 14.04 -9.23 -14.65
C SER B 302 13.07 -8.49 -15.56
N CYS B 303 11.76 -8.73 -15.40
CA CYS B 303 10.76 -8.07 -16.24
C CYS B 303 10.77 -6.57 -16.01
N LEU B 304 10.86 -6.14 -14.75
CA LEU B 304 10.88 -4.72 -14.44
C LEU B 304 12.10 -4.04 -15.05
N LEU B 305 13.28 -4.60 -14.79
CA LEU B 305 14.51 -4.00 -15.31
C LEU B 305 14.54 -4.04 -16.84
N HIS B 306 14.08 -5.14 -17.44
CA HIS B 306 14.07 -5.24 -18.88
C HIS B 306 13.15 -4.20 -19.51
N LEU B 307 11.94 -4.04 -18.97
CA LEU B 307 11.02 -3.06 -19.51
C LEU B 307 11.58 -1.65 -19.40
N VAL B 308 12.13 -1.30 -18.24
CA VAL B 308 12.68 0.04 -18.07
C VAL B 308 13.87 0.26 -18.99
N ALA B 309 14.81 -0.68 -19.05
CA ALA B 309 16.01 -0.50 -19.85
C ALA B 309 15.71 -0.50 -21.35
N THR B 310 14.87 -1.42 -21.80
CA THR B 310 14.54 -1.49 -23.22
C THR B 310 13.76 -0.27 -23.67
N ALA B 311 12.82 0.21 -22.83
CA ALA B 311 12.09 1.43 -23.16
C ALA B 311 13.03 2.63 -23.19
N TYR B 312 14.01 2.68 -22.27
CA TYR B 312 14.97 3.76 -22.28
C TYR B 312 15.82 3.74 -23.55
N PHE B 313 16.27 2.55 -23.97
CA PHE B 313 17.01 2.45 -25.22
C PHE B 313 16.14 2.80 -26.42
N LEU B 314 14.86 2.42 -26.38
CA LEU B 314 13.95 2.80 -27.47
C LEU B 314 13.80 4.31 -27.53
N PHE B 315 13.73 4.98 -26.38
CA PHE B 315 13.66 6.44 -26.38
C PHE B 315 14.94 7.04 -26.93
N LEU B 316 16.09 6.47 -26.57
CA LEU B 316 17.36 6.98 -27.09
C LEU B 316 17.43 6.84 -28.61
N GLU B 317 17.04 5.68 -29.13
CA GLU B 317 17.07 5.48 -30.58
C GLU B 317 16.05 6.36 -31.28
N LEU B 318 14.88 6.55 -30.65
CA LEU B 318 13.87 7.43 -31.23
C LEU B 318 14.36 8.88 -31.27
N LEU B 319 15.08 9.30 -30.22
CA LEU B 319 15.65 10.65 -30.22
C LEU B 319 16.74 10.78 -31.28
N SER B 320 17.57 9.75 -31.43
CA SER B 320 18.65 9.80 -32.41
C SER B 320 18.13 9.58 -33.83
N LYS B 321 17.11 8.73 -33.99
CA LYS B 321 16.56 8.37 -35.29
C LYS B 321 17.64 7.82 -36.21
N ARG B 322 18.53 6.99 -35.64
CA ARG B 322 19.63 6.43 -36.40
C ARG B 322 19.25 5.17 -37.16
N ASP B 323 18.36 4.34 -36.60
CA ASP B 323 17.94 3.11 -37.26
C ASP B 323 16.47 2.86 -36.94
N ASN B 324 15.74 2.35 -37.93
CA ASN B 324 14.32 2.06 -37.78
C ASN B 324 14.06 0.61 -37.41
N GLY B 325 14.80 -0.33 -38.03
CA GLY B 325 14.66 -1.73 -37.67
C GLY B 325 14.99 -1.99 -36.22
N TYR B 326 15.98 -1.26 -35.68
CA TYR B 326 16.29 -1.36 -34.27
C TYR B 326 15.10 -0.91 -33.42
N LEU B 327 14.40 0.15 -33.85
CA LEU B 327 13.22 0.60 -33.11
C LEU B 327 12.13 -0.46 -33.10
N TRP B 328 11.89 -1.12 -34.25
CA TRP B 328 10.88 -2.16 -34.29
C TRP B 328 11.28 -3.37 -33.43
N VAL B 329 12.57 -3.73 -33.44
CA VAL B 329 13.02 -4.83 -32.60
C VAL B 329 12.86 -4.50 -31.12
N GLN B 330 13.17 -3.27 -30.73
CA GLN B 330 12.98 -2.86 -29.34
C GLN B 330 11.51 -2.88 -28.95
N MET B 331 10.63 -2.47 -29.88
CA MET B 331 9.20 -2.54 -29.60
C MET B 331 8.74 -3.99 -29.40
N LEU B 332 9.27 -4.91 -30.23
CA LEU B 332 8.97 -6.32 -30.04
C LEU B 332 9.50 -6.83 -28.70
N TRP B 333 10.67 -6.35 -28.29
CA TRP B 333 11.21 -6.73 -26.98
C TRP B 333 10.33 -6.23 -25.85
N ILE B 334 9.79 -5.02 -25.98
CA ILE B 334 8.83 -4.52 -24.99
C ILE B 334 7.61 -5.42 -24.94
N CYS B 335 7.09 -5.82 -26.10
CA CYS B 335 5.95 -6.71 -26.13
C CYS B 335 6.28 -8.05 -25.47
N PHE B 336 7.47 -8.59 -25.74
CA PHE B 336 7.85 -9.87 -25.16
C PHE B 336 7.98 -9.79 -23.64
N HIS B 337 8.63 -8.73 -23.15
CA HIS B 337 8.78 -8.57 -21.70
C HIS B 337 7.44 -8.36 -21.01
N PHE B 338 6.55 -7.58 -21.63
CA PHE B 338 5.21 -7.41 -21.06
C PHE B 338 4.44 -8.73 -21.09
N LEU B 339 4.58 -9.51 -22.16
CA LEU B 339 3.86 -10.77 -22.26
C LEU B 339 4.35 -11.78 -21.23
N ARG B 340 5.67 -11.85 -21.02
CA ARG B 340 6.18 -12.76 -20.00
C ARG B 340 5.86 -12.28 -18.59
N LEU B 341 5.79 -10.96 -18.38
CA LEU B 341 5.29 -10.45 -17.11
C LEU B 341 3.85 -10.88 -16.87
N LEU B 342 3.00 -10.80 -17.90
CA LEU B 342 1.64 -11.30 -17.78
C LEU B 342 1.62 -12.81 -17.57
N MET B 343 2.49 -13.54 -18.27
CA MET B 343 2.55 -14.99 -18.15
C MET B 343 2.95 -15.44 -16.74
N VAL B 344 3.68 -14.61 -15.99
CA VAL B 344 3.99 -14.92 -14.61
C VAL B 344 3.00 -14.31 -13.63
N VAL B 345 2.26 -13.28 -14.03
CA VAL B 345 1.34 -12.62 -13.10
C VAL B 345 -0.09 -13.17 -13.19
N GLU B 346 -0.63 -13.32 -14.39
CA GLU B 346 -2.01 -13.74 -14.62
C GLU B 346 -2.36 -15.09 -13.99
N PRO B 347 -1.55 -16.14 -14.12
CA PRO B 347 -1.93 -17.42 -13.51
C PRO B 347 -2.14 -17.35 -12.00
N CYS B 348 -1.28 -16.60 -11.31
CA CYS B 348 -1.43 -16.47 -9.85
C CYS B 348 -2.70 -15.70 -9.49
N HIS B 349 -2.98 -14.63 -10.23
CA HIS B 349 -4.22 -13.87 -9.99
C HIS B 349 -5.45 -14.73 -10.27
N LEU B 350 -5.40 -15.52 -11.35
CA LEU B 350 -6.53 -16.40 -11.68
C LEU B 350 -6.75 -17.44 -10.59
N ALA B 351 -5.67 -18.04 -10.09
CA ALA B 351 -5.79 -19.04 -9.03
C ALA B 351 -6.39 -18.43 -7.77
N ALA B 352 -5.93 -17.22 -7.40
CA ALA B 352 -6.46 -16.57 -6.21
C ALA B 352 -7.94 -16.24 -6.37
N ARG B 353 -8.34 -15.73 -7.53
CA ARG B 353 -9.75 -15.38 -7.75
C ARG B 353 -10.64 -16.62 -7.72
N GLU B 354 -10.20 -17.68 -8.39
CA GLU B 354 -11.00 -18.92 -8.42
C GLU B 354 -11.12 -19.51 -7.03
N SER B 355 -10.05 -19.48 -6.25
CA SER B 355 -10.10 -20.01 -4.89
C SER B 355 -10.92 -19.12 -3.96
N ARG B 356 -11.03 -17.84 -4.24
CA ARG B 356 -11.74 -16.91 -3.36
C ARG B 356 -13.24 -16.83 -3.66
N LYS B 357 -13.69 -17.29 -4.82
CA LYS B 357 -15.13 -17.31 -5.08
C LYS B 357 -15.81 -18.58 -4.57
N THR B 358 -15.02 -19.57 -4.11
CA THR B 358 -15.60 -20.79 -3.59
C THR B 358 -16.43 -20.52 -2.33
N ILE B 359 -15.99 -19.58 -1.50
CA ILE B 359 -16.72 -19.27 -0.27
C ILE B 359 -18.08 -18.66 -0.59
N GLN B 360 -18.17 -17.85 -1.64
CA GLN B 360 -19.48 -17.33 -2.05
C GLN B 360 -20.39 -18.44 -2.53
N ILE B 361 -19.85 -19.40 -3.30
CA ILE B 361 -20.65 -20.54 -3.71
C ILE B 361 -21.14 -21.33 -2.50
N VAL B 362 -20.25 -21.54 -1.52
CA VAL B 362 -20.62 -22.27 -0.32
C VAL B 362 -21.66 -21.51 0.50
N CYS B 363 -21.57 -20.17 0.53
CA CYS B 363 -22.61 -19.38 1.21
C CYS B 363 -23.97 -19.60 0.58
N GLU B 364 -24.03 -19.64 -0.76
CA GLU B 364 -25.28 -19.94 -1.43
C GLU B 364 -25.77 -21.35 -1.07
N ILE B 365 -24.84 -22.31 -1.00
CA ILE B 365 -25.22 -23.67 -0.62
C ILE B 365 -25.79 -23.70 0.79
N GLU B 366 -25.19 -22.92 1.70
CA GLU B 366 -25.73 -22.80 3.06
C GLU B 366 -27.16 -22.26 3.02
N ARG B 367 -27.41 -21.28 2.17
CA ARG B 367 -28.72 -20.67 2.06
C ARG B 367 -29.70 -21.60 1.36
N LYS B 368 -29.21 -22.71 0.78
CA LYS B 368 -30.06 -23.64 0.05
C LYS B 368 -30.15 -25.01 0.72
N VAL B 369 -29.25 -25.34 1.64
CA VAL B 369 -29.18 -26.67 2.23
C VAL B 369 -30.16 -26.76 3.39
N HIS B 370 -30.72 -27.97 3.57
CA HIS B 370 -31.64 -28.22 4.69
C HIS B 370 -31.30 -29.52 5.40
N GLU B 371 -30.65 -30.44 4.71
CA GLU B 371 -30.33 -31.73 5.31
C GLU B 371 -29.34 -31.53 6.46
N PRO B 372 -29.53 -32.24 7.59
CA PRO B 372 -28.69 -31.98 8.78
C PRO B 372 -27.22 -32.28 8.55
N ILE B 373 -26.90 -33.51 8.10
CA ILE B 373 -25.51 -33.87 7.88
C ILE B 373 -24.92 -33.05 6.74
N LEU B 374 -25.72 -32.79 5.69
CA LEU B 374 -25.23 -31.97 4.59
C LEU B 374 -24.97 -30.54 5.04
N ALA B 375 -25.88 -29.97 5.85
CA ALA B 375 -25.69 -28.61 6.33
C ALA B 375 -24.46 -28.52 7.23
N GLU B 376 -24.23 -29.54 8.06
CA GLU B 376 -23.02 -29.57 8.88
C GLU B 376 -21.77 -29.62 8.03
N ALA B 377 -21.79 -30.42 6.96
CA ALA B 377 -20.63 -30.49 6.07
C ALA B 377 -20.38 -29.16 5.38
N VAL B 378 -21.45 -28.48 4.95
CA VAL B 378 -21.30 -27.17 4.31
C VAL B 378 -20.79 -26.15 5.31
N LYS B 379 -21.23 -26.26 6.57
CA LYS B 379 -20.72 -25.37 7.62
C LYS B 379 -19.22 -25.58 7.82
N LYS B 380 -18.78 -26.85 7.81
CA LYS B 380 -17.35 -27.12 7.94
C LYS B 380 -16.57 -26.54 6.77
N PHE B 381 -17.12 -26.69 5.56
CA PHE B 381 -16.46 -26.14 4.38
C PHE B 381 -16.36 -24.62 4.45
N TRP B 382 -17.44 -23.95 4.88
CA TRP B 382 -17.42 -22.49 5.00
C TRP B 382 -16.39 -22.06 6.04
N GLN B 383 -16.32 -22.79 7.17
CA GLN B 383 -15.33 -22.49 8.18
C GLN B 383 -13.92 -22.63 7.66
N GLN B 384 -13.66 -23.67 6.86
CA GLN B 384 -12.34 -23.85 6.26
C GLN B 384 -12.03 -22.73 5.29
N LEU B 385 -13.01 -22.31 4.48
CA LEU B 385 -12.80 -21.26 3.50
C LEU B 385 -12.67 -19.88 4.13
N LEU B 386 -13.00 -19.74 5.41
CA LEU B 386 -12.86 -18.45 6.07
C LEU B 386 -11.41 -17.99 6.14
N VAL B 387 -10.48 -18.92 6.31
CA VAL B 387 -9.09 -18.56 6.63
C VAL B 387 -8.11 -19.12 5.61
N VAL B 388 -8.54 -19.28 4.37
CA VAL B 388 -7.69 -19.83 3.33
C VAL B 388 -6.70 -18.75 2.88
N ASP B 389 -5.42 -19.11 2.82
CA ASP B 389 -4.38 -18.25 2.25
C ASP B 389 -4.31 -18.54 0.76
N ALA B 390 -4.84 -17.64 -0.05
CA ALA B 390 -5.02 -17.90 -1.47
C ALA B 390 -3.93 -17.28 -2.34
N ASP B 391 -3.48 -16.07 -1.99
CA ASP B 391 -2.57 -15.34 -2.86
C ASP B 391 -1.22 -16.01 -2.96
N PHE B 392 -0.66 -16.03 -4.17
CA PHE B 392 0.67 -16.54 -4.40
C PHE B 392 1.70 -15.53 -3.89
N SER B 393 2.68 -16.01 -3.13
CA SER B 393 3.68 -15.16 -2.51
C SER B 393 5.06 -15.52 -3.04
N ALA B 394 5.82 -14.51 -3.47
CA ALA B 394 7.19 -14.70 -3.94
C ALA B 394 8.13 -14.45 -2.75
N CYS B 395 8.28 -15.50 -1.94
CA CYS B 395 9.11 -15.48 -0.73
C CYS B 395 8.66 -14.42 0.27
N GLY B 396 7.41 -13.99 0.23
CA GLY B 396 6.93 -12.96 1.12
C GLY B 396 7.30 -11.55 0.72
N LEU B 397 8.10 -11.37 -0.32
CA LEU B 397 8.46 -10.03 -0.78
C LEU B 397 7.26 -9.28 -1.33
N CYS B 398 6.42 -9.98 -2.09
CA CYS B 398 5.23 -9.37 -2.67
C CYS B 398 4.22 -10.47 -2.99
N ARG B 399 2.96 -10.05 -3.13
CA ARG B 399 1.89 -10.95 -3.52
C ARG B 399 1.68 -10.85 -5.02
N VAL B 400 1.76 -11.99 -5.71
CA VAL B 400 1.75 -12.02 -7.16
C VAL B 400 0.30 -12.03 -7.62
N ASN B 401 -0.17 -10.87 -8.07
CA ASN B 401 -1.50 -10.73 -8.67
C ASN B 401 -1.44 -9.57 -9.65
N ARG B 402 -2.60 -9.13 -10.13
CA ARG B 402 -2.63 -8.07 -11.13
C ARG B 402 -2.31 -6.70 -10.52
N THR B 403 -2.30 -6.59 -9.19
CA THR B 403 -1.84 -5.37 -8.55
C THR B 403 -0.36 -5.13 -8.82
N ILE B 404 0.43 -6.20 -8.99
CA ILE B 404 1.83 -6.07 -9.37
C ILE B 404 1.97 -5.32 -10.68
N LEU B 405 1.01 -5.48 -11.60
CA LEU B 405 1.05 -4.75 -12.85
C LEU B 405 0.95 -3.24 -12.61
N THR B 406 0.06 -2.82 -11.71
CA THR B 406 -0.06 -1.40 -11.39
C THR B 406 1.21 -0.88 -10.74
N SER B 407 1.77 -1.64 -9.79
CA SER B 407 3.02 -1.22 -9.17
C SER B 407 4.16 -1.16 -10.18
N PHE B 408 4.21 -2.13 -11.09
CA PHE B 408 5.23 -2.13 -12.14
C PHE B 408 5.08 -0.92 -13.05
N ALA B 409 3.84 -0.59 -13.42
CA ALA B 409 3.62 0.56 -14.30
C ALA B 409 4.07 1.85 -13.63
N SER B 410 3.72 2.03 -12.35
CA SER B 410 4.15 3.23 -11.63
C SER B 410 5.66 3.30 -11.53
N ALA B 411 6.31 2.17 -11.18
CA ALA B 411 7.76 2.16 -11.06
C ALA B 411 8.43 2.41 -12.41
N ILE B 412 7.90 1.82 -13.47
CA ILE B 412 8.47 2.02 -14.80
C ILE B 412 8.39 3.48 -15.20
N ALA B 413 7.24 4.11 -14.98
CA ALA B 413 7.09 5.52 -15.33
C ALA B 413 8.06 6.39 -14.53
N THR B 414 8.17 6.13 -13.23
CA THR B 414 9.06 6.93 -12.40
C THR B 414 10.52 6.80 -12.83
N TYR B 415 11.00 5.56 -12.96
CA TYR B 415 12.40 5.36 -13.33
C TYR B 415 12.68 5.85 -14.75
N LEU B 416 11.73 5.65 -15.67
CA LEU B 416 11.93 6.10 -17.04
C LEU B 416 12.06 7.62 -17.10
N VAL B 417 11.17 8.35 -16.42
CA VAL B 417 11.24 9.81 -16.45
C VAL B 417 12.55 10.28 -15.81
N ALA B 418 12.96 9.64 -14.72
CA ALA B 418 14.22 9.99 -14.09
C ALA B 418 15.40 9.74 -15.04
N LEU B 419 15.34 8.67 -15.81
CA LEU B 419 16.40 8.39 -16.78
C LEU B 419 16.42 9.41 -17.90
N ILE B 420 15.25 9.92 -18.29
CA ILE B 420 15.21 10.98 -19.30
C ILE B 420 15.90 12.22 -18.79
N GLN B 421 15.63 12.59 -17.54
CA GLN B 421 16.33 13.73 -16.95
C GLN B 421 17.82 13.46 -16.81
N PHE B 422 18.18 12.19 -16.57
CA PHE B 422 19.59 11.80 -16.56
C PHE B 422 20.24 12.05 -17.91
N GLN B 423 19.56 11.67 -18.99
CA GLN B 423 20.17 11.79 -20.32
C GLN B 423 20.30 13.24 -20.75
N ARG B 424 19.28 14.06 -20.46
CA ARG B 424 19.34 15.46 -20.88
C ARG B 424 20.45 16.21 -20.17
N THR B 425 20.65 15.94 -18.88
CA THR B 425 21.68 16.62 -18.10
C THR B 425 23.08 16.26 -18.60
N MET C 1 12.71 -8.48 25.81
CA MET C 1 14.08 -8.96 25.67
C MET C 1 14.27 -10.30 26.38
N GLU C 2 14.86 -11.26 25.69
CA GLU C 2 15.00 -12.61 26.21
C GLU C 2 16.37 -12.80 26.84
N ILE C 3 16.38 -13.29 28.08
CA ILE C 3 17.61 -13.69 28.77
C ILE C 3 17.38 -15.11 29.28
N SER C 4 17.84 -16.09 28.52
CA SER C 4 17.81 -17.50 28.91
C SER C 4 19.23 -18.02 29.07
N GLN C 5 19.34 -19.16 29.74
CA GLN C 5 20.64 -19.79 29.98
C GLN C 5 21.34 -20.14 28.66
N PRO C 6 20.67 -20.73 27.66
CA PRO C 6 21.35 -20.97 26.39
C PRO C 6 21.88 -19.71 25.73
N SER C 7 21.14 -18.60 25.84
CA SER C 7 21.50 -17.34 25.21
C SER C 7 22.08 -16.34 26.21
N ILE C 8 22.65 -16.81 27.31
CA ILE C 8 23.19 -15.91 28.32
C ILE C 8 24.40 -15.15 27.78
N GLY C 9 25.10 -15.72 26.79
CA GLY C 9 26.23 -15.03 26.20
C GLY C 9 25.83 -13.77 25.47
N ILE C 10 24.73 -13.83 24.73
CA ILE C 10 24.22 -12.63 24.06
C ILE C 10 23.81 -11.58 25.08
N PHE C 11 23.21 -12.02 26.19
CA PHE C 11 22.84 -11.08 27.24
C PHE C 11 24.06 -10.40 27.84
N TYR C 12 25.13 -11.16 28.08
CA TYR C 12 26.35 -10.57 28.63
C TYR C 12 26.96 -9.57 27.64
N ILE C 13 26.95 -9.91 26.35
CA ILE C 13 27.46 -8.99 25.33
C ILE C 13 26.64 -7.71 25.33
N SER C 14 25.31 -7.84 25.39
CA SER C 14 24.45 -6.65 25.44
C SER C 14 24.64 -5.88 26.74
N LYS C 15 24.94 -6.57 27.84
CA LYS C 15 25.11 -5.90 29.12
C LYS C 15 26.38 -5.05 29.13
N VAL C 16 27.48 -5.58 28.61
CA VAL C 16 28.72 -4.81 28.55
C VAL C 16 28.65 -3.73 27.48
N LEU C 17 27.70 -3.81 26.56
CA LEU C 17 27.53 -2.81 25.52
C LEU C 17 26.43 -1.81 25.86
N ALA C 18 26.10 -1.66 27.15
CA ALA C 18 25.15 -0.67 27.65
C ALA C 18 23.73 -0.87 27.12
N LEU C 19 23.32 -2.10 26.84
CA LEU C 19 22.00 -2.36 26.30
C LEU C 19 21.10 -3.19 27.20
N ALA C 20 21.67 -3.91 28.16
CA ALA C 20 20.90 -4.76 29.07
C ALA C 20 21.31 -4.47 30.50
N PRO C 21 20.80 -3.38 31.09
CA PRO C 21 21.17 -3.03 32.47
C PRO C 21 20.38 -3.82 33.51
N TYR C 22 20.50 -5.15 33.45
CA TYR C 22 19.79 -6.04 34.35
C TYR C 22 20.77 -6.97 35.04
N ALA C 23 20.54 -7.22 36.32
CA ALA C 23 21.33 -8.15 37.10
C ALA C 23 20.57 -9.46 37.22
N THR C 24 21.19 -10.55 36.75
CA THR C 24 20.56 -11.86 36.72
C THR C 24 21.38 -12.83 37.57
N VAL C 25 20.71 -13.50 38.49
CA VAL C 25 21.31 -14.56 39.30
C VAL C 25 20.59 -15.87 38.98
N ARG C 26 21.36 -16.88 38.60
CA ARG C 26 20.80 -18.16 38.23
C ARG C 26 20.34 -18.92 39.47
N ASN C 27 19.11 -19.43 39.43
CA ASN C 27 18.56 -20.21 40.53
C ASN C 27 19.12 -21.63 40.52
N SER C 28 18.90 -22.37 41.61
CA SER C 28 19.29 -23.77 41.65
C SER C 28 18.43 -24.63 40.73
N LYS C 29 17.25 -24.13 40.34
CA LYS C 29 16.36 -24.86 39.44
C LYS C 29 16.68 -24.63 37.98
N GLY C 30 17.67 -23.80 37.66
CA GLY C 30 17.99 -23.47 36.29
C GLY C 30 17.27 -22.26 35.73
N ARG C 31 16.33 -21.68 36.49
CA ARG C 31 15.61 -20.50 36.07
C ARG C 31 16.44 -19.26 36.36
N VAL C 32 16.39 -18.29 35.46
CA VAL C 32 17.16 -17.06 35.56
C VAL C 32 16.24 -15.95 36.02
N GLU C 33 16.48 -15.43 37.22
CA GLU C 33 15.76 -14.27 37.71
C GLU C 33 16.41 -13.00 37.16
N ILE C 34 15.59 -11.97 36.97
CA ILE C 34 16.03 -10.71 36.37
C ILE C 34 15.64 -9.56 37.30
N GLY C 35 16.59 -8.66 37.54
CA GLY C 35 16.31 -7.48 38.33
C GLY C 35 17.13 -6.32 37.83
N ARG C 36 16.67 -5.11 38.15
CA ARG C 36 17.39 -3.92 37.72
C ARG C 36 18.75 -3.83 38.40
N SER C 37 19.77 -3.51 37.62
CA SER C 37 21.13 -3.32 38.12
C SER C 37 21.44 -1.83 38.03
N TRP C 38 21.33 -1.13 39.15
CA TRP C 38 21.55 0.32 39.16
C TRP C 38 22.98 0.66 38.79
N LEU C 39 23.94 -0.18 39.16
CA LEU C 39 25.32 0.04 38.75
C LEU C 39 25.43 0.02 37.23
N PHE C 40 24.89 -1.01 36.59
CA PHE C 40 24.90 -1.07 35.13
C PHE C 40 23.89 -0.13 34.50
N THR C 41 22.86 0.28 35.24
CA THR C 41 21.93 1.28 34.71
C THR C 41 22.62 2.62 34.53
N VAL C 42 23.31 3.10 35.58
CA VAL C 42 24.05 4.35 35.45
C VAL C 42 25.24 4.16 34.52
N TYR C 43 25.84 2.96 34.49
CA TYR C 43 26.92 2.71 33.54
C TYR C 43 26.44 2.83 32.10
N SER C 44 25.26 2.27 31.81
CA SER C 44 24.73 2.34 30.45
C SER C 44 24.41 3.78 30.05
N ALA C 45 23.75 4.53 30.94
CA ALA C 45 23.43 5.91 30.63
C ALA C 45 24.69 6.75 30.47
N THR C 46 25.65 6.60 31.37
CA THR C 46 26.88 7.36 31.29
C THR C 46 27.67 7.02 30.04
N LEU C 47 27.81 5.73 29.73
CA LEU C 47 28.55 5.32 28.55
C LEU C 47 27.90 5.85 27.27
N THR C 48 26.57 5.74 27.18
CA THR C 48 25.88 6.23 25.99
C THR C 48 26.10 7.73 25.80
N VAL C 49 25.90 8.51 26.87
CA VAL C 49 26.06 9.96 26.74
C VAL C 49 27.51 10.31 26.41
N VAL C 50 28.46 9.66 27.08
CA VAL C 50 29.87 10.02 26.91
C VAL C 50 30.33 9.69 25.49
N MET C 51 30.03 8.49 25.00
CA MET C 51 30.54 8.10 23.69
C MET C 51 29.79 8.78 22.56
N VAL C 52 28.50 9.11 22.75
CA VAL C 52 27.81 9.93 21.76
C VAL C 52 28.44 11.31 21.68
N PHE C 53 28.74 11.90 22.83
CA PHE C 53 29.41 13.20 22.84
C PHE C 53 30.78 13.12 22.19
N LEU C 54 31.52 12.03 22.46
CA LEU C 54 32.83 11.86 21.85
C LEU C 54 32.74 11.68 20.34
N THR C 55 31.73 10.94 19.87
CA THR C 55 31.56 10.75 18.43
C THR C 55 31.30 12.07 17.72
N TYR C 56 30.39 12.89 18.27
CA TYR C 56 30.13 14.20 17.68
C TYR C 56 31.29 15.17 17.88
N ARG C 57 32.04 15.04 18.98
CA ARG C 57 33.24 15.86 19.15
C ARG C 57 34.27 15.54 18.08
N GLY C 58 34.47 14.25 17.78
CA GLY C 58 35.36 13.88 16.69
C GLY C 58 34.86 14.35 15.34
N LEU C 59 33.54 14.32 15.13
CA LEU C 59 32.97 14.84 13.89
C LEU C 59 33.26 16.33 13.73
N LEU C 60 33.04 17.10 14.80
CA LEU C 60 33.33 18.53 14.75
C LEU C 60 34.82 18.79 14.58
N PHE C 61 35.66 17.99 15.25
CA PHE C 61 37.10 18.13 15.12
C PHE C 61 37.54 17.89 13.67
N ASP C 62 36.99 16.86 13.03
CA ASP C 62 37.29 16.61 11.63
C ASP C 62 36.83 17.77 10.75
N ALA C 63 35.65 18.31 11.03
CA ALA C 63 35.15 19.44 10.25
C ALA C 63 35.99 20.70 10.48
N ASN C 64 36.55 20.87 11.67
CA ASN C 64 37.31 22.05 12.02
C ASN C 64 38.82 21.83 11.94
N SER C 65 39.26 20.68 11.44
CA SER C 65 40.68 20.41 11.32
C SER C 65 41.27 21.16 10.12
N GLU C 66 42.60 21.26 10.10
CA GLU C 66 43.28 21.92 8.99
C GLU C 66 43.01 21.19 7.68
N ILE C 67 43.17 19.87 7.69
CA ILE C 67 42.86 19.05 6.51
C ILE C 67 41.82 18.01 6.91
N PRO C 68 40.54 18.26 6.65
CA PRO C 68 39.52 17.25 6.97
C PRO C 68 39.72 15.98 6.16
N VAL C 69 39.35 14.85 6.76
CA VAL C 69 39.50 13.56 6.09
C VAL C 69 38.16 13.10 5.53
N ARG C 70 37.12 13.13 6.35
CA ARG C 70 35.78 12.73 5.93
C ARG C 70 34.85 13.90 5.68
N MET C 71 34.96 14.98 6.45
CA MET C 71 34.10 16.14 6.30
C MET C 71 34.81 17.17 5.43
N LYS C 72 35.05 16.79 4.17
CA LYS C 72 35.77 17.63 3.22
C LYS C 72 34.84 18.50 2.40
N SER C 73 33.93 17.90 1.65
CA SER C 73 33.01 18.66 0.82
C SER C 73 31.66 18.80 1.52
N ALA C 74 30.86 19.76 1.05
CA ALA C 74 29.53 19.97 1.63
C ALA C 74 28.67 18.72 1.49
N THR C 75 28.69 18.09 0.32
CA THR C 75 27.99 16.81 0.15
C THR C 75 28.58 15.76 1.07
N SER C 76 29.92 15.70 1.15
CA SER C 76 30.57 14.76 2.05
C SER C 76 30.25 15.08 3.50
N LYS C 77 30.20 16.37 3.85
CA LYS C 77 29.86 16.75 5.22
C LYS C 77 28.46 16.30 5.58
N VAL C 78 27.49 16.52 4.70
CA VAL C 78 26.12 16.13 4.99
C VAL C 78 25.99 14.61 5.07
N VAL C 79 26.62 13.89 4.14
CA VAL C 79 26.53 12.43 4.15
C VAL C 79 27.18 11.86 5.40
N THR C 80 28.36 12.35 5.76
CA THR C 80 29.03 11.85 6.97
C THR C 80 28.25 12.19 8.23
N ALA C 81 27.70 13.40 8.31
CA ALA C 81 26.89 13.76 9.48
C ALA C 81 25.66 12.88 9.59
N LEU C 82 24.99 12.61 8.47
CA LEU C 82 23.84 11.72 8.49
C LEU C 82 24.25 10.30 8.85
N ASP C 83 25.40 9.85 8.35
CA ASP C 83 25.90 8.52 8.69
C ASP C 83 26.13 8.37 10.19
N VAL C 84 26.71 9.40 10.81
CA VAL C 84 26.90 9.36 12.26
C VAL C 84 25.56 9.48 12.98
N SER C 85 24.66 10.32 12.45
CA SER C 85 23.40 10.59 13.14
C SER C 85 22.52 9.35 13.23
N VAL C 86 22.43 8.58 12.14
CA VAL C 86 21.57 7.40 12.17
C VAL C 86 22.09 6.36 13.17
N VAL C 87 23.41 6.19 13.22
CA VAL C 87 24.00 5.28 14.20
C VAL C 87 23.71 5.78 15.61
N VAL C 88 23.87 7.09 15.84
CA VAL C 88 23.63 7.64 17.18
C VAL C 88 22.18 7.45 17.58
N MET C 89 21.24 7.75 16.68
CA MET C 89 19.83 7.57 17.02
C MET C 89 19.51 6.11 17.28
N ALA C 90 20.07 5.19 16.49
CA ALA C 90 19.80 3.77 16.68
C ALA C 90 20.31 3.29 18.03
N ILE C 91 21.56 3.63 18.37
CA ILE C 91 22.12 3.14 19.63
C ILE C 91 21.46 3.81 20.82
N VAL C 92 21.13 5.10 20.70
CA VAL C 92 20.45 5.80 21.80
C VAL C 92 19.06 5.20 22.02
N SER C 93 18.34 4.92 20.94
CA SER C 93 17.03 4.29 21.07
C SER C 93 17.15 2.90 21.68
N GLY C 94 18.19 2.15 21.29
CA GLY C 94 18.38 0.83 21.89
C GLY C 94 18.69 0.89 23.37
N VAL C 95 19.55 1.83 23.78
CA VAL C 95 19.87 1.98 25.19
C VAL C 95 18.64 2.44 25.96
N TYR C 96 17.88 3.39 25.40
CA TYR C 96 16.65 3.84 26.03
C TYR C 96 15.66 2.70 26.18
N CYS C 97 15.55 1.85 25.16
CA CYS C 97 14.68 0.69 25.25
C CYS C 97 15.14 -0.26 26.35
N GLY C 98 16.44 -0.52 26.43
CA GLY C 98 16.96 -1.40 27.47
C GLY C 98 16.80 -0.85 28.87
N LEU C 99 16.80 0.47 29.02
CA LEU C 99 16.68 1.08 30.35
C LEU C 99 15.25 1.01 30.87
N PHE C 100 14.26 1.19 29.99
CA PHE C 100 12.86 1.32 30.39
C PHE C 100 12.01 0.15 29.90
N SER C 101 12.56 -1.06 29.91
CA SER C 101 11.81 -2.25 29.53
C SER C 101 12.08 -3.39 30.50
N LEU C 102 12.26 -3.08 31.78
CA LEU C 102 12.49 -4.13 32.76
C LEU C 102 11.23 -4.93 33.04
N ASN C 103 10.09 -4.24 33.19
CA ASN C 103 8.84 -4.93 33.48
C ASN C 103 8.41 -5.82 32.32
N ASP C 104 8.53 -5.32 31.09
CA ASP C 104 8.20 -6.13 29.93
C ASP C 104 9.17 -7.29 29.76
N THR C 105 10.44 -7.08 30.10
CA THR C 105 11.41 -8.17 30.07
C THR C 105 11.04 -9.26 31.07
N LEU C 106 10.62 -8.86 32.28
CA LEU C 106 10.18 -9.84 33.28
C LEU C 106 8.98 -10.62 32.78
N GLU C 107 7.98 -9.92 32.23
CA GLU C 107 6.80 -10.60 31.73
C GLU C 107 7.14 -11.53 30.57
N LEU C 108 7.99 -11.08 29.65
CA LEU C 108 8.36 -11.90 28.50
C LEU C 108 9.08 -13.17 28.95
N ASN C 109 10.01 -13.05 29.89
CA ASN C 109 10.76 -14.23 30.34
C ASN C 109 9.90 -15.17 31.16
N ASP C 110 8.97 -14.65 31.96
CA ASP C 110 8.04 -15.52 32.68
C ASP C 110 7.17 -16.30 31.69
N ARG C 111 6.64 -15.63 30.68
CA ARG C 111 5.84 -16.30 29.67
C ARG C 111 6.66 -17.33 28.91
N LEU C 112 7.91 -16.98 28.57
CA LEU C 112 8.77 -17.90 27.84
C LEU C 112 9.12 -19.12 28.69
N ASN C 113 9.28 -18.94 30.01
CA ASN C 113 9.53 -20.08 30.88
C ASN C 113 8.34 -21.03 30.88
N LYS C 114 7.12 -20.48 30.95
CA LYS C 114 5.93 -21.33 30.89
C LYS C 114 5.81 -22.04 29.56
N ILE C 115 6.09 -21.33 28.47
CA ILE C 115 6.02 -21.93 27.13
C ILE C 115 7.06 -23.02 26.98
N ASP C 116 8.28 -22.78 27.47
CA ASP C 116 9.33 -23.80 27.41
C ASP C 116 8.95 -25.03 28.21
N ASN C 117 8.32 -24.85 29.37
CA ASN C 117 7.83 -26.00 30.12
C ASN C 117 6.77 -26.76 29.33
N THR C 118 5.89 -26.03 28.64
CA THR C 118 4.86 -26.69 27.84
C THR C 118 5.47 -27.48 26.69
N LEU C 119 6.46 -26.89 26.00
CA LEU C 119 7.09 -27.52 24.84
C LEU C 119 8.41 -28.18 25.18
N ASN C 120 8.54 -28.76 26.38
CA ASN C 120 9.82 -29.29 26.81
C ASN C 120 10.32 -30.43 25.92
N ALA C 121 9.41 -31.07 25.18
CA ALA C 121 9.82 -32.14 24.27
C ALA C 121 10.65 -31.63 23.10
N TYR C 122 10.57 -30.35 22.77
CA TYR C 122 11.27 -29.80 21.62
C TYR C 122 12.39 -28.84 22.01
N ASN C 123 12.72 -28.73 23.28
CA ASN C 123 13.83 -27.87 23.71
C ASN C 123 15.16 -28.54 23.44
N ASN C 124 16.12 -27.75 22.94
CA ASN C 124 17.47 -28.23 22.67
C ASN C 124 18.44 -27.18 23.22
N PHE C 125 18.94 -27.43 24.44
CA PHE C 125 19.84 -26.49 25.07
C PHE C 125 21.13 -26.32 24.27
N ARG C 126 21.70 -27.42 23.78
CA ARG C 126 22.96 -27.36 23.05
C ARG C 126 22.79 -26.61 21.74
N ARG C 127 21.77 -26.96 20.95
CA ARG C 127 21.56 -26.29 19.66
C ARG C 127 21.23 -24.82 19.85
N ASP C 128 20.38 -24.49 20.83
CA ASP C 128 20.05 -23.09 21.06
C ASP C 128 21.27 -22.30 21.50
N ARG C 129 22.07 -22.87 22.41
CA ARG C 129 23.27 -22.16 22.88
C ARG C 129 24.25 -21.93 21.75
N TRP C 130 24.50 -22.95 20.94
CA TRP C 130 25.45 -22.79 19.84
C TRP C 130 24.93 -21.86 18.76
N ARG C 131 23.62 -21.89 18.49
CA ARG C 131 23.07 -20.94 17.52
C ARG C 131 23.19 -19.50 18.01
N ALA C 132 22.88 -19.26 19.28
CA ALA C 132 22.97 -17.91 19.82
C ALA C 132 24.41 -17.42 19.84
N LEU C 133 25.33 -18.25 20.34
CA LEU C 133 26.74 -17.88 20.36
C LEU C 133 27.30 -17.73 18.96
N GLY C 134 26.88 -18.58 18.02
CA GLY C 134 27.34 -18.45 16.65
C GLY C 134 26.88 -17.16 16.00
N MET C 135 25.62 -16.80 16.20
CA MET C 135 25.12 -15.54 15.63
C MET C 135 25.85 -14.35 16.22
N ALA C 136 26.04 -14.35 17.55
CA ALA C 136 26.74 -13.24 18.19
C ALA C 136 28.20 -13.18 17.73
N ALA C 137 28.87 -14.33 17.64
CA ALA C 137 30.26 -14.36 17.22
C ALA C 137 30.43 -13.90 15.78
N VAL C 138 29.54 -14.37 14.89
CA VAL C 138 29.63 -13.97 13.49
C VAL C 138 29.38 -12.48 13.33
N SER C 139 28.38 -11.94 14.02
CA SER C 139 28.09 -10.51 13.91
C SER C 139 29.24 -9.67 14.46
N LEU C 140 29.77 -10.04 15.63
CA LEU C 140 30.87 -9.28 16.20
C LEU C 140 32.14 -9.41 15.36
N LEU C 141 32.41 -10.60 14.81
CA LEU C 141 33.57 -10.77 13.96
C LEU C 141 33.42 -9.95 12.68
N ALA C 142 32.23 -9.92 12.10
CA ALA C 142 32.01 -9.15 10.87
C ALA C 142 32.21 -7.66 11.12
N ILE C 143 31.62 -7.13 12.20
CA ILE C 143 31.77 -5.72 12.48
C ILE C 143 33.21 -5.38 12.86
N SER C 144 33.90 -6.27 13.57
CA SER C 144 35.30 -6.03 13.91
C SER C 144 36.16 -5.99 12.66
N ILE C 145 35.97 -6.94 11.75
CA ILE C 145 36.76 -6.96 10.52
C ILE C 145 36.49 -5.74 9.68
N LEU C 146 35.22 -5.36 9.55
CA LEU C 146 34.88 -4.20 8.73
C LEU C 146 35.37 -2.90 9.36
N VAL C 147 35.35 -2.82 10.69
CA VAL C 147 35.91 -1.63 11.35
C VAL C 147 37.41 -1.55 11.11
N GLY C 148 38.12 -2.67 11.20
CA GLY C 148 39.55 -2.65 10.91
C GLY C 148 39.83 -2.27 9.47
N LEU C 149 39.09 -2.83 8.53
CA LEU C 149 39.27 -2.48 7.12
C LEU C 149 38.94 -1.02 6.86
N ASP C 150 37.87 -0.52 7.46
CA ASP C 150 37.46 0.86 7.25
C ASP C 150 38.49 1.84 7.81
N VAL C 151 38.99 1.57 9.02
CA VAL C 151 39.97 2.46 9.62
C VAL C 151 41.29 2.39 8.85
N GLY C 152 41.66 1.21 8.35
CA GLY C 152 42.87 1.12 7.55
C GLY C 152 42.74 1.86 6.22
N THR C 153 41.61 1.70 5.55
CA THR C 153 41.39 2.40 4.29
C THR C 153 41.38 3.91 4.49
N TRP C 154 40.72 4.38 5.55
CA TRP C 154 40.69 5.82 5.81
C TRP C 154 42.05 6.34 6.24
N MET C 155 42.84 5.52 6.95
CA MET C 155 44.21 5.91 7.28
C MET C 155 45.05 6.07 6.02
N ARG C 156 44.89 5.14 5.06
CA ARG C 156 45.61 5.27 3.80
C ARG C 156 45.17 6.51 3.04
N ILE C 157 43.86 6.79 3.02
CA ILE C 157 43.35 7.96 2.33
C ILE C 157 43.90 9.24 2.98
N ALA C 158 43.92 9.28 4.31
CA ALA C 158 44.52 10.41 5.02
C ALA C 158 46.00 10.57 4.73
N GLN C 159 46.75 9.48 4.65
CA GLN C 159 48.17 9.56 4.32
C GLN C 159 48.38 10.11 2.91
N ASP C 160 47.54 9.69 1.96
CA ASP C 160 47.67 10.18 0.60
C ASP C 160 47.43 11.69 0.51
N MET C 161 46.44 12.20 1.25
CA MET C 161 46.13 13.62 1.25
C MET C 161 46.96 14.42 2.25
N ASN C 162 47.85 13.76 2.99
CA ASN C 162 48.59 14.43 4.06
C ASN C 162 49.51 15.51 3.49
N ILE C 163 49.56 16.64 4.19
CA ILE C 163 50.47 17.73 3.87
C ILE C 163 51.37 17.97 5.09
N ALA C 164 52.63 18.32 4.83
CA ALA C 164 53.61 18.42 5.91
C ALA C 164 53.21 19.44 6.96
N GLN C 165 52.34 20.39 6.63
CA GLN C 165 51.93 21.44 7.55
C GLN C 165 50.68 21.09 8.35
N SER C 166 50.30 19.81 8.40
CA SER C 166 49.12 19.40 9.14
C SER C 166 49.17 17.89 9.37
N ASP C 167 48.37 17.41 10.31
CA ASP C 167 48.27 15.98 10.62
C ASP C 167 46.88 15.49 10.27
N THR C 168 46.80 14.44 9.45
CA THR C 168 45.53 13.86 9.05
C THR C 168 45.26 12.52 9.71
N GLU C 169 46.28 11.87 10.29
CA GLU C 169 46.06 10.58 10.94
C GLU C 169 45.21 10.73 12.19
N LEU C 170 45.39 11.83 12.93
CA LEU C 170 44.58 12.06 14.12
C LEU C 170 43.11 12.25 13.75
N ASN C 171 42.83 12.75 12.56
CA ASN C 171 41.45 12.86 12.10
C ASN C 171 40.78 11.50 12.02
N VAL C 172 41.49 10.50 11.50
CA VAL C 172 40.96 9.14 11.49
C VAL C 172 40.92 8.57 12.91
N HIS C 173 41.90 8.88 13.74
CA HIS C 173 41.92 8.39 15.11
C HIS C 173 40.77 8.92 15.95
N TRP C 174 40.19 10.06 15.57
CA TRP C 174 39.07 10.62 16.30
C TRP C 174 37.73 10.01 15.92
N TYR C 175 37.71 9.09 14.96
CA TYR C 175 36.50 8.39 14.56
C TYR C 175 36.33 7.05 15.27
N ILE C 176 37.21 6.74 16.22
CA ILE C 176 37.13 5.51 17.00
C ILE C 176 35.81 5.43 17.77
N PRO C 177 35.35 6.50 18.44
CA PRO C 177 34.04 6.40 19.10
C PRO C 177 32.90 6.07 18.15
N PHE C 178 32.97 6.52 16.90
CA PHE C 178 31.94 6.17 15.93
C PHE C 178 31.91 4.66 15.68
N TYR C 179 33.08 4.05 15.56
CA TYR C 179 33.14 2.60 15.36
C TYR C 179 32.71 1.84 16.60
N SER C 180 32.99 2.38 17.79
CA SER C 180 32.47 1.77 19.01
C SER C 180 30.94 1.84 19.02
N LEU C 181 30.37 2.94 18.54
CA LEU C 181 28.92 3.00 18.39
C LEU C 181 28.41 1.96 17.41
N TYR C 182 29.20 1.67 16.37
CA TYR C 182 28.84 0.56 15.49
C TYR C 182 28.83 -0.77 16.24
N PHE C 183 29.79 -0.97 17.16
CA PHE C 183 29.77 -2.18 17.97
C PHE C 183 28.53 -2.26 18.84
N ILE C 184 28.14 -1.14 19.46
CA ILE C 184 26.93 -1.12 20.27
C ILE C 184 25.70 -1.41 19.42
N LEU C 185 25.65 -0.85 18.21
CA LEU C 185 24.55 -1.14 17.31
C LEU C 185 24.50 -2.61 16.93
N THR C 186 25.66 -3.22 16.68
CA THR C 186 25.70 -4.64 16.36
C THR C 186 25.19 -5.48 17.54
N GLY C 187 25.59 -5.13 18.76
CA GLY C 187 25.08 -5.85 19.92
C GLY C 187 23.59 -5.69 20.10
N LEU C 188 23.08 -4.48 19.89
CA LEU C 188 21.64 -4.26 19.99
C LEU C 188 20.87 -5.06 18.96
N GLN C 189 21.36 -5.09 17.72
CA GLN C 189 20.72 -5.88 16.68
C GLN C 189 20.79 -7.37 16.99
N VAL C 190 21.90 -7.84 17.54
CA VAL C 190 22.01 -9.24 17.93
C VAL C 190 20.99 -9.59 19.01
N ASN C 191 20.84 -8.71 20.00
CA ASN C 191 19.89 -8.97 21.08
C ASN C 191 18.46 -9.01 20.56
N ILE C 192 18.10 -8.03 19.71
CA ILE C 192 16.75 -7.99 19.16
C ILE C 192 16.49 -9.21 18.28
N ALA C 193 17.47 -9.55 17.44
CA ALA C 193 17.32 -10.72 16.57
C ALA C 193 17.21 -12.00 17.38
N ASN C 194 17.98 -12.12 18.46
CA ASN C 194 17.89 -13.31 19.29
C ASN C 194 16.50 -13.47 19.90
N THR C 195 15.94 -12.38 20.43
CA THR C 195 14.60 -12.46 21.03
C THR C 195 13.55 -12.80 19.97
N ALA C 196 13.59 -12.12 18.83
CA ALA C 196 12.58 -12.34 17.80
C ALA C 196 12.73 -13.73 17.18
N TYR C 197 13.96 -14.20 16.97
CA TYR C 197 14.18 -15.54 16.47
C TYR C 197 13.70 -16.59 17.47
N GLY C 198 13.89 -16.34 18.76
CA GLY C 198 13.37 -17.26 19.76
C GLY C 198 11.86 -17.35 19.73
N LEU C 199 11.19 -16.21 19.57
CA LEU C 199 9.73 -16.22 19.47
C LEU C 199 9.26 -16.99 18.25
N GLY C 200 9.89 -16.77 17.09
CA GLY C 200 9.53 -17.50 15.89
C GLY C 200 9.83 -18.99 16.01
N ARG C 201 10.96 -19.33 16.63
CA ARG C 201 11.33 -20.73 16.83
C ARG C 201 10.32 -21.43 17.74
N ARG C 202 9.88 -20.76 18.80
CA ARG C 202 8.90 -21.35 19.69
C ARG C 202 7.54 -21.50 19.00
N PHE C 203 7.20 -20.55 18.13
CA PHE C 203 5.99 -20.71 17.32
C PHE C 203 6.09 -21.94 16.43
N GLY C 204 7.25 -22.15 15.80
CA GLY C 204 7.44 -23.33 14.98
C GLY C 204 7.39 -24.62 15.79
N ARG C 205 7.96 -24.59 16.99
CA ARG C 205 7.89 -25.76 17.87
C ARG C 205 6.45 -26.06 18.27
N LEU C 206 5.66 -25.02 18.52
CA LEU C 206 4.24 -25.21 18.84
C LEU C 206 3.50 -25.83 17.66
N ASN C 207 3.78 -25.37 16.45
CA ASN C 207 3.16 -25.96 15.27
C ASN C 207 3.56 -27.41 15.10
N ARG C 208 4.84 -27.72 15.32
CA ARG C 208 5.30 -29.10 15.22
C ARG C 208 4.62 -29.98 16.27
N MET C 209 4.49 -29.46 17.50
CA MET C 209 3.83 -30.22 18.55
C MET C 209 2.36 -30.46 18.22
N LEU C 210 1.68 -29.46 17.68
CA LEU C 210 0.29 -29.62 17.27
C LEU C 210 0.15 -30.71 16.22
N SER C 211 1.01 -30.69 15.21
CA SER C 211 0.93 -31.68 14.14
C SER C 211 1.34 -33.06 14.60
N SER C 212 2.26 -33.16 15.57
CA SER C 212 2.73 -34.44 16.06
C SER C 212 1.85 -35.04 17.15
N SER C 213 0.96 -34.25 17.74
CA SER C 213 0.07 -34.73 18.79
C SER C 213 -1.38 -34.79 18.36
N PHE C 214 -1.72 -34.22 17.19
CA PHE C 214 -3.10 -34.23 16.73
C PHE C 214 -3.26 -34.59 15.27
N LEU C 215 -2.19 -34.90 14.54
CA LEU C 215 -2.30 -35.27 13.14
C LEU C 215 -1.40 -36.44 12.78
N ALA C 216 -0.80 -37.10 13.77
CA ALA C 216 0.08 -38.23 13.51
C ALA C 216 0.11 -39.19 14.70
N ALA C 262 -10.62 -40.63 29.70
CA ALA C 262 -9.31 -40.92 30.28
C ALA C 262 -8.20 -40.27 29.46
N ALA C 263 -7.79 -40.95 28.38
CA ALA C 263 -6.75 -40.40 27.51
C ALA C 263 -7.22 -39.13 26.82
N ALA C 264 -8.50 -39.08 26.43
CA ALA C 264 -9.03 -37.90 25.76
C ALA C 264 -9.00 -36.67 26.65
N LYS C 265 -9.21 -36.83 27.96
CA LYS C 265 -9.11 -35.69 28.88
C LYS C 265 -7.69 -35.13 28.90
N ASN C 266 -6.69 -36.00 28.96
CA ASN C 266 -5.30 -35.54 28.93
C ASN C 266 -4.97 -34.88 27.60
N LYS C 267 -5.47 -35.44 26.49
CA LYS C 267 -5.21 -34.83 25.18
C LYS C 267 -5.86 -33.46 25.08
N GLY C 268 -7.08 -33.30 25.60
CA GLY C 268 -7.71 -32.00 25.63
C GLY C 268 -6.97 -31.01 26.50
N LEU C 269 -6.44 -31.47 27.64
CA LEU C 269 -5.62 -30.60 28.48
C LEU C 269 -4.35 -30.18 27.74
N LEU C 270 -3.77 -31.10 26.98
CA LEU C 270 -2.58 -30.76 26.18
C LEU C 270 -2.91 -29.70 25.14
N LEU C 271 -4.05 -29.83 24.48
CA LEU C 271 -4.45 -28.81 23.51
C LEU C 271 -4.72 -27.47 24.18
N LYS C 272 -5.30 -27.48 25.39
CA LYS C 272 -5.49 -26.24 26.13
C LYS C 272 -4.16 -25.58 26.44
N SER C 273 -3.16 -26.38 26.82
CA SER C 273 -1.83 -25.84 27.04
C SER C 273 -1.24 -25.25 25.77
N LEU C 274 -1.43 -25.92 24.64
CA LEU C 274 -0.91 -25.40 23.37
C LEU C 274 -1.60 -24.09 22.99
N ALA C 275 -2.91 -24.00 23.19
CA ALA C 275 -3.63 -22.75 22.91
C ALA C 275 -3.15 -21.62 23.81
N ASP C 276 -2.96 -21.91 25.10
CA ASP C 276 -2.43 -20.90 26.01
C ASP C 276 -1.02 -20.49 25.61
N SER C 277 -0.21 -21.45 25.16
CA SER C 277 1.14 -21.12 24.72
C SER C 277 1.13 -20.23 23.49
N HIS C 278 0.21 -20.49 22.55
CA HIS C 278 0.13 -19.65 21.36
C HIS C 278 -0.29 -18.23 21.72
N GLU C 279 -1.29 -18.09 22.60
CA GLU C 279 -1.70 -16.76 23.03
C GLU C 279 -0.57 -16.06 23.77
N SER C 280 0.14 -16.78 24.63
CA SER C 280 1.28 -16.21 25.35
C SER C 280 2.41 -15.81 24.41
N LEU C 281 2.66 -16.61 23.36
CA LEU C 281 3.69 -16.25 22.39
C LEU C 281 3.31 -14.99 21.63
N GLY C 282 2.03 -14.85 21.28
CA GLY C 282 1.58 -13.61 20.65
C GLY C 282 1.75 -12.41 21.56
N LYS C 283 1.43 -12.59 22.85
CA LYS C 283 1.67 -11.52 23.82
C LYS C 283 3.15 -11.24 23.97
N CYS C 284 4.01 -12.26 23.85
CA CYS C 284 5.44 -12.04 23.89
C CYS C 284 5.91 -11.23 22.69
N VAL C 285 5.35 -11.49 21.51
CA VAL C 285 5.68 -10.70 20.34
C VAL C 285 5.27 -9.25 20.56
N HIS C 286 4.09 -9.04 21.14
CA HIS C 286 3.65 -7.68 21.46
C HIS C 286 4.54 -7.04 22.52
N LEU C 287 5.03 -7.82 23.49
CA LEU C 287 5.94 -7.28 24.48
C LEU C 287 7.26 -6.83 23.85
N LEU C 288 7.80 -7.65 22.95
CA LEU C 288 9.03 -7.26 22.25
C LEU C 288 8.80 -6.03 21.40
N SER C 289 7.66 -5.97 20.71
CA SER C 289 7.34 -4.79 19.90
C SER C 289 7.19 -3.55 20.78
N ASN C 290 6.47 -3.65 21.89
CA ASN C 290 6.27 -2.50 22.76
C ASN C 290 7.56 -2.05 23.41
N SER C 291 8.49 -2.98 23.65
CA SER C 291 9.74 -2.62 24.32
C SER C 291 10.76 -2.05 23.34
N PHE C 292 10.97 -2.70 22.21
CA PHE C 292 12.03 -2.32 21.27
C PHE C 292 11.49 -1.88 19.92
N GLY C 293 10.26 -1.36 19.87
CA GLY C 293 9.72 -0.89 18.61
C GLY C 293 10.44 0.31 18.05
N ILE C 294 10.75 1.30 18.90
CA ILE C 294 11.47 2.47 18.43
C ILE C 294 12.92 2.12 18.08
N ALA C 295 13.49 1.15 18.80
CA ALA C 295 14.83 0.68 18.44
C ALA C 295 14.83 0.01 17.08
N VAL C 296 13.82 -0.82 16.80
CA VAL C 296 13.73 -1.47 15.49
C VAL C 296 13.46 -0.44 14.41
N LEU C 297 12.61 0.55 14.70
CA LEU C 297 12.32 1.60 13.73
C LEU C 297 13.56 2.40 13.37
N PHE C 298 14.36 2.76 14.37
CA PHE C 298 15.58 3.50 14.10
C PHE C 298 16.65 2.62 13.45
N ILE C 299 16.64 1.31 13.73
CA ILE C 299 17.53 0.40 13.01
C ILE C 299 17.15 0.36 11.54
N LEU C 300 15.85 0.30 11.25
CA LEU C 300 15.39 0.30 9.86
C LEU C 300 15.76 1.62 9.16
N VAL C 301 15.57 2.75 9.85
CA VAL C 301 15.97 4.04 9.28
C VAL C 301 17.47 4.08 9.04
N SER C 302 18.25 3.57 9.98
CA SER C 302 19.69 3.52 9.82
C SER C 302 20.08 2.66 8.63
N CYS C 303 19.44 1.50 8.48
CA CYS C 303 19.75 0.61 7.36
C CYS C 303 19.43 1.28 6.03
N LEU C 304 18.28 1.95 5.94
CA LEU C 304 17.90 2.61 4.70
C LEU C 304 18.88 3.71 4.34
N LEU C 305 19.16 4.60 5.30
CA LEU C 305 20.08 5.71 5.03
C LEU C 305 21.49 5.20 4.73
N HIS C 306 21.94 4.18 5.47
CA HIS C 306 23.27 3.64 5.24
C HIS C 306 23.39 3.03 3.85
N LEU C 307 22.40 2.24 3.43
CA LEU C 307 22.46 1.64 2.11
C LEU C 307 22.47 2.70 1.02
N VAL C 308 21.59 3.70 1.13
CA VAL C 308 21.56 4.74 0.11
C VAL C 308 22.86 5.54 0.09
N ALA C 309 23.36 5.97 1.24
CA ALA C 309 24.55 6.79 1.29
C ALA C 309 25.80 6.02 0.87
N THR C 310 25.95 4.79 1.35
CA THR C 310 27.13 4.00 0.99
C THR C 310 27.13 3.65 -0.49
N ALA C 311 25.95 3.31 -1.04
CA ALA C 311 25.87 3.04 -2.47
C ALA C 311 26.18 4.29 -3.28
N TYR C 312 25.72 5.46 -2.81
CA TYR C 312 26.03 6.70 -3.49
C TYR C 312 27.53 6.99 -3.48
N PHE C 313 28.18 6.78 -2.33
CA PHE C 313 29.63 6.95 -2.27
C PHE C 313 30.35 5.92 -3.15
N LEU C 314 29.83 4.70 -3.21
CA LEU C 314 30.44 3.69 -4.08
C LEU C 314 30.32 4.12 -5.53
N PHE C 315 29.19 4.70 -5.93
CA PHE C 315 29.05 5.20 -7.29
C PHE C 315 30.02 6.35 -7.55
N LEU C 316 30.19 7.24 -6.57
CA LEU C 316 31.13 8.34 -6.74
C LEU C 316 32.55 7.84 -6.92
N GLU C 317 32.97 6.88 -6.09
CA GLU C 317 34.32 6.34 -6.21
C GLU C 317 34.48 5.56 -7.51
N LEU C 318 33.43 4.84 -7.93
CA LEU C 318 33.49 4.12 -9.19
C LEU C 318 33.61 5.07 -10.37
N LEU C 319 32.91 6.21 -10.31
CA LEU C 319 33.03 7.22 -11.35
C LEU C 319 34.41 7.84 -11.36
N SER C 320 34.97 8.11 -10.17
CA SER C 320 36.29 8.72 -10.08
C SER C 320 37.39 7.71 -10.36
N LYS C 321 37.20 6.46 -9.94
CA LYS C 321 38.20 5.40 -10.09
C LYS C 321 39.52 5.80 -9.42
N ARG C 322 39.41 6.44 -8.25
CA ARG C 322 40.58 6.92 -7.54
C ARG C 322 41.22 5.84 -6.67
N ASP C 323 40.43 4.96 -6.07
CA ASP C 323 40.95 3.90 -5.22
C ASP C 323 40.10 2.65 -5.39
N ASN C 324 40.75 1.49 -5.38
CA ASN C 324 40.07 0.21 -5.54
C ASN C 324 39.75 -0.44 -4.21
N GLY C 325 40.67 -0.38 -3.25
CA GLY C 325 40.40 -0.91 -1.93
C GLY C 325 39.23 -0.23 -1.25
N TYR C 326 39.07 1.08 -1.49
CA TYR C 326 37.91 1.79 -0.99
C TYR C 326 36.63 1.23 -1.59
N LEU C 327 36.66 0.89 -2.89
CA LEU C 327 35.49 0.30 -3.52
C LEU C 327 35.13 -1.04 -2.89
N TRP C 328 36.13 -1.89 -2.62
CA TRP C 328 35.85 -3.17 -2.00
C TRP C 328 35.31 -3.00 -0.58
N VAL C 329 35.86 -2.03 0.18
CA VAL C 329 35.36 -1.79 1.52
C VAL C 329 33.91 -1.29 1.49
N GLN C 330 33.59 -0.42 0.54
CA GLN C 330 32.21 0.05 0.41
C GLN C 330 31.27 -1.09 0.03
N MET C 331 31.73 -2.00 -0.83
CA MET C 331 30.91 -3.16 -1.17
C MET C 331 30.67 -4.04 0.06
N LEU C 332 31.70 -4.22 0.89
CA LEU C 332 31.52 -4.95 2.14
C LEU C 332 30.55 -4.24 3.07
N TRP C 333 30.60 -2.91 3.10
CA TRP C 333 29.65 -2.15 3.91
C TRP C 333 28.23 -2.33 3.41
N ILE C 334 28.04 -2.37 2.09
CA ILE C 334 26.71 -2.67 1.54
C ILE C 334 26.25 -4.04 1.99
N CYS C 335 27.13 -5.03 1.93
CA CYS C 335 26.78 -6.37 2.38
C CYS C 335 26.41 -6.37 3.86
N PHE C 336 27.17 -5.65 4.69
CA PHE C 336 26.89 -5.61 6.11
C PHE C 336 25.55 -4.95 6.41
N HIS C 337 25.27 -3.83 5.75
CA HIS C 337 24.00 -3.14 5.98
C HIS C 337 22.82 -3.98 5.50
N PHE C 338 22.96 -4.65 4.36
CA PHE C 338 21.91 -5.54 3.89
C PHE C 338 21.72 -6.72 4.85
N LEU C 339 22.82 -7.26 5.37
CA LEU C 339 22.72 -8.40 6.28
C LEU C 339 22.06 -8.01 7.60
N ARG C 340 22.40 -6.84 8.14
CA ARG C 340 21.74 -6.40 9.37
C ARG C 340 20.28 -6.01 9.12
N LEU C 341 19.96 -5.49 7.94
CA LEU C 341 18.56 -5.29 7.58
C LEU C 341 17.80 -6.61 7.57
N LEU C 342 18.40 -7.66 6.99
CA LEU C 342 17.78 -8.98 7.04
C LEU C 342 17.70 -9.50 8.46
N MET C 343 18.75 -9.27 9.27
CA MET C 343 18.77 -9.73 10.65
C MET C 343 17.68 -9.09 11.49
N VAL C 344 17.22 -7.89 11.14
CA VAL C 344 16.11 -7.27 11.82
C VAL C 344 14.77 -7.56 11.16
N VAL C 345 14.76 -7.93 9.88
CA VAL C 345 13.49 -8.15 9.18
C VAL C 345 13.04 -9.62 9.20
N GLU C 346 13.94 -10.55 8.90
CA GLU C 346 13.64 -11.97 8.80
C GLU C 346 13.03 -12.58 10.06
N PRO C 347 13.55 -12.33 11.26
CA PRO C 347 12.94 -12.94 12.45
C PRO C 347 11.47 -12.58 12.64
N CYS C 348 11.11 -11.31 12.39
CA CYS C 348 9.72 -10.90 12.54
C CYS C 348 8.83 -11.57 11.50
N HIS C 349 9.31 -11.66 10.26
CA HIS C 349 8.54 -12.34 9.21
C HIS C 349 8.37 -13.82 9.54
N LEU C 350 9.43 -14.45 10.04
CA LEU C 350 9.36 -15.87 10.42
C LEU C 350 8.36 -16.09 11.54
N ALA C 351 8.37 -15.21 12.56
CA ALA C 351 7.43 -15.34 13.66
C ALA C 351 5.99 -15.19 13.19
N ALA C 352 5.75 -14.22 12.31
CA ALA C 352 4.40 -14.01 11.79
C ALA C 352 3.92 -15.21 10.98
N ARG C 353 4.79 -15.75 10.12
CA ARG C 353 4.40 -16.89 9.31
C ARG C 353 4.12 -18.13 10.16
N GLU C 354 4.99 -18.40 11.13
CA GLU C 354 4.80 -19.56 12.00
C GLU C 354 3.52 -19.42 12.81
N SER C 355 3.24 -18.22 13.31
CA SER C 355 2.01 -18.01 14.07
C SER C 355 0.77 -18.05 13.20
N ARG C 356 0.88 -17.75 11.92
CA ARG C 356 -0.28 -17.71 11.03
C ARG C 356 -0.61 -19.06 10.40
N LYS C 357 0.31 -20.03 10.42
CA LYS C 357 -0.02 -21.36 9.92
C LYS C 357 -0.66 -22.25 10.98
N THR C 358 -0.69 -21.80 12.24
CA THR C 358 -1.30 -22.59 13.30
C THR C 358 -2.80 -22.76 13.06
N ILE C 359 -3.46 -21.74 12.51
CA ILE C 359 -4.90 -21.84 12.26
C ILE C 359 -5.20 -22.88 11.19
N GLN C 360 -4.34 -23.00 10.18
CA GLN C 360 -4.52 -24.06 9.19
C GLN C 360 -4.37 -25.44 9.82
N ILE C 361 -3.38 -25.60 10.71
CA ILE C 361 -3.22 -26.87 11.41
C ILE C 361 -4.46 -27.17 12.24
N VAL C 362 -4.99 -26.16 12.93
CA VAL C 362 -6.18 -26.35 13.74
C VAL C 362 -7.40 -26.67 12.89
N CYS C 363 -7.49 -26.07 11.69
CA CYS C 363 -8.59 -26.42 10.79
C CYS C 363 -8.54 -27.90 10.40
N GLU C 364 -7.33 -28.41 10.13
CA GLU C 364 -7.19 -29.84 9.85
C GLU C 364 -7.60 -30.67 11.07
N ILE C 365 -7.23 -30.22 12.27
CA ILE C 365 -7.61 -30.93 13.48
C ILE C 365 -9.13 -30.95 13.63
N GLU C 366 -9.79 -29.84 13.32
CA GLU C 366 -11.25 -29.79 13.32
C GLU C 366 -11.82 -30.83 12.37
N ARG C 367 -11.22 -30.95 11.18
CA ARG C 367 -11.69 -31.88 10.17
C ARG C 367 -11.37 -33.32 10.56
N LYS C 368 -10.56 -33.51 11.61
CA LYS C 368 -10.16 -34.85 12.03
C LYS C 368 -10.70 -35.23 13.41
N VAL C 369 -11.16 -34.27 14.21
CA VAL C 369 -11.56 -34.51 15.59
C VAL C 369 -13.00 -35.00 15.61
N HIS C 370 -13.31 -35.88 16.57
CA HIS C 370 -14.67 -36.38 16.75
C HIS C 370 -15.09 -36.35 18.21
N GLU C 371 -14.13 -36.37 19.13
CA GLU C 371 -14.45 -36.38 20.55
C GLU C 371 -15.13 -35.07 20.94
N PRO C 372 -16.17 -35.12 21.77
CA PRO C 372 -16.94 -33.90 22.07
C PRO C 372 -16.13 -32.82 22.77
N ILE C 373 -15.50 -33.18 23.90
CA ILE C 373 -14.71 -32.20 24.64
C ILE C 373 -13.50 -31.77 23.82
N LEU C 374 -12.88 -32.71 23.10
CA LEU C 374 -11.74 -32.35 22.25
C LEU C 374 -12.16 -31.42 21.12
N ALA C 375 -13.30 -31.71 20.49
CA ALA C 375 -13.78 -30.85 19.40
C ALA C 375 -14.11 -29.46 19.91
N GLU C 376 -14.71 -29.38 21.11
CA GLU C 376 -14.97 -28.07 21.70
C GLU C 376 -13.69 -27.30 21.97
N ALA C 377 -12.66 -27.99 22.47
CA ALA C 377 -11.37 -27.33 22.71
C ALA C 377 -10.75 -26.84 21.42
N VAL C 378 -10.83 -27.64 20.35
CA VAL C 378 -10.30 -27.23 19.06
C VAL C 378 -11.09 -26.06 18.50
N LYS C 379 -12.41 -26.05 18.73
CA LYS C 379 -13.23 -24.92 18.31
C LYS C 379 -12.81 -23.64 19.03
N LYS C 380 -12.53 -23.74 20.34
CA LYS C 380 -12.05 -22.58 21.08
C LYS C 380 -10.71 -22.10 20.54
N PHE C 381 -9.81 -23.03 20.23
CA PHE C 381 -8.51 -22.66 19.69
C PHE C 381 -8.66 -21.97 18.33
N TRP C 382 -9.53 -22.49 17.47
CA TRP C 382 -9.75 -21.86 16.17
C TRP C 382 -10.32 -20.47 16.32
N GLN C 383 -11.27 -20.30 17.26
CA GLN C 383 -11.84 -18.98 17.52
C GLN C 383 -10.77 -18.01 18.00
N GLN C 384 -9.86 -18.46 18.87
CA GLN C 384 -8.77 -17.60 19.33
C GLN C 384 -7.85 -17.23 18.18
N LEU C 385 -7.53 -18.18 17.31
CA LEU C 385 -6.63 -17.94 16.19
C LEU C 385 -7.26 -17.09 15.10
N LEU C 386 -8.58 -16.88 15.15
CA LEU C 386 -9.23 -16.04 14.14
C LEU C 386 -8.75 -14.60 14.20
N VAL C 387 -8.46 -14.09 15.40
CA VAL C 387 -8.23 -12.66 15.59
C VAL C 387 -6.87 -12.37 16.21
N VAL C 388 -5.90 -13.23 15.93
CA VAL C 388 -4.56 -13.05 16.49
C VAL C 388 -3.83 -11.96 15.72
N ASP C 389 -3.24 -11.02 16.45
CA ASP C 389 -2.38 -9.99 15.87
C ASP C 389 -0.97 -10.54 15.84
N ALA C 390 -0.51 -10.93 14.65
CA ALA C 390 0.74 -11.67 14.53
C ALA C 390 1.92 -10.80 14.11
N ASP C 391 1.69 -9.82 13.23
CA ASP C 391 2.78 -9.07 12.65
C ASP C 391 3.47 -8.19 13.69
N PHE C 392 4.79 -8.13 13.62
CA PHE C 392 5.58 -7.26 14.47
C PHE C 392 5.44 -5.82 13.99
N SER C 393 5.18 -4.90 14.91
CA SER C 393 4.94 -3.51 14.59
C SER C 393 6.00 -2.64 15.25
N ALA C 394 6.61 -1.75 14.48
CA ALA C 394 7.60 -0.79 14.99
C ALA C 394 6.88 0.50 15.33
N CYS C 395 6.27 0.51 16.52
CA CYS C 395 5.49 1.64 17.03
C CYS C 395 4.32 2.01 16.14
N GLY C 396 3.83 1.08 15.32
CA GLY C 396 2.74 1.36 14.42
C GLY C 396 3.13 2.08 13.15
N LEU C 397 4.40 2.49 13.02
CA LEU C 397 4.85 3.16 11.80
C LEU C 397 4.82 2.22 10.60
N CYS C 398 5.24 0.97 10.80
CA CYS C 398 5.25 -0.01 9.73
C CYS C 398 5.22 -1.41 10.34
N ARG C 399 4.82 -2.38 9.53
CA ARG C 399 4.82 -3.77 9.92
C ARG C 399 6.10 -4.43 9.43
N VAL C 400 6.85 -5.03 10.35
CA VAL C 400 8.18 -5.54 10.06
C VAL C 400 8.02 -6.95 9.50
N ASN C 401 8.16 -7.07 8.18
CA ASN C 401 8.16 -8.35 7.49
C ASN C 401 9.00 -8.19 6.22
N ARG C 402 8.94 -9.19 5.34
CA ARG C 402 9.76 -9.14 4.13
C ARG C 402 9.22 -8.13 3.11
N THR C 403 8.00 -7.64 3.30
CA THR C 403 7.50 -6.55 2.47
C THR C 403 8.32 -5.28 2.67
N ILE C 404 8.87 -5.07 3.87
CA ILE C 404 9.76 -3.95 4.12
C ILE C 404 10.96 -3.99 3.19
N LEU C 405 11.43 -5.19 2.83
CA LEU C 405 12.53 -5.29 1.89
C LEU C 405 12.16 -4.72 0.53
N THR C 406 10.95 -5.02 0.05
CA THR C 406 10.50 -4.47 -1.23
C THR C 406 10.37 -2.96 -1.15
N SER C 407 9.79 -2.44 -0.07
CA SER C 407 9.68 -1.00 0.10
C SER C 407 11.05 -0.34 0.18
N PHE C 408 11.98 -0.97 0.90
CA PHE C 408 13.34 -0.46 0.99
C PHE C 408 14.02 -0.44 -0.37
N ALA C 409 13.84 -1.51 -1.16
CA ALA C 409 14.47 -1.55 -2.47
C ALA C 409 13.93 -0.45 -3.38
N SER C 410 12.62 -0.23 -3.37
CA SER C 410 12.04 0.83 -4.17
C SER C 410 12.53 2.20 -3.73
N ALA C 411 12.56 2.44 -2.42
CA ALA C 411 13.03 3.72 -1.90
C ALA C 411 14.51 3.94 -2.21
N ILE C 412 15.31 2.89 -2.06
CA ILE C 412 16.74 3.00 -2.35
C ILE C 412 16.96 3.36 -3.81
N ALA C 413 16.25 2.69 -4.72
CA ALA C 413 16.40 2.98 -6.14
C ALA C 413 15.99 4.41 -6.46
N THR C 414 14.87 4.86 -5.89
CA THR C 414 14.39 6.21 -6.17
C THR C 414 15.38 7.26 -5.67
N TYR C 415 15.79 7.16 -4.40
CA TYR C 415 16.70 8.16 -3.84
C TYR C 415 18.07 8.10 -4.51
N LEU C 416 18.55 6.90 -4.83
CA LEU C 416 19.85 6.77 -5.49
C LEU C 416 19.84 7.45 -6.85
N VAL C 417 18.81 7.19 -7.66
CA VAL C 417 18.75 7.81 -8.99
C VAL C 417 18.65 9.33 -8.86
N ALA C 418 17.86 9.80 -7.91
CA ALA C 418 17.76 11.24 -7.68
C ALA C 418 19.11 11.83 -7.28
N LEU C 419 19.88 11.10 -6.47
CA LEU C 419 21.21 11.58 -6.08
C LEU C 419 22.16 11.61 -7.27
N ILE C 420 22.01 10.66 -8.20
CA ILE C 420 22.84 10.68 -9.41
C ILE C 420 22.55 11.93 -10.22
N GLN C 421 21.27 12.27 -10.37
CA GLN C 421 20.91 13.51 -11.07
C GLN C 421 21.41 14.73 -10.30
N PHE C 422 21.43 14.63 -8.97
CA PHE C 422 22.01 15.70 -8.15
C PHE C 422 23.49 15.89 -8.46
N GLN C 423 24.23 14.80 -8.57
CA GLN C 423 25.68 14.91 -8.78
C GLN C 423 26.01 15.43 -10.16
N ARG C 424 25.28 14.97 -11.18
CA ARG C 424 25.58 15.41 -12.54
C ARG C 424 25.31 16.90 -12.71
N THR C 425 24.23 17.41 -12.12
CA THR C 425 23.87 18.82 -12.24
C THR C 425 24.92 19.71 -11.57
N MET D 1 -17.89 16.46 17.58
CA MET D 1 -17.17 17.40 18.43
C MET D 1 -17.65 17.29 19.88
N GLU D 2 -16.70 17.19 20.80
CA GLU D 2 -17.01 16.97 22.21
C GLU D 2 -17.04 18.29 22.96
N ILE D 3 -18.13 18.53 23.69
CA ILE D 3 -18.24 19.68 24.61
C ILE D 3 -18.69 19.12 25.96
N SER D 4 -17.72 18.87 26.84
CA SER D 4 -17.99 18.44 28.20
C SER D 4 -17.53 19.51 29.18
N GLN D 5 -18.01 19.39 30.42
CA GLN D 5 -17.66 20.35 31.46
C GLN D 5 -16.15 20.37 31.73
N PRO D 6 -15.46 19.23 31.83
CA PRO D 6 -14.00 19.29 32.00
C PRO D 6 -13.29 19.99 30.86
N SER D 7 -13.77 19.83 29.63
CA SER D 7 -13.15 20.40 28.45
C SER D 7 -13.91 21.62 27.93
N ILE D 8 -14.66 22.31 28.79
CA ILE D 8 -15.42 23.47 28.35
C ILE D 8 -14.52 24.61 27.94
N GLY D 9 -13.29 24.65 28.47
CA GLY D 9 -12.36 25.69 28.07
C GLY D 9 -11.95 25.58 26.62
N ILE D 10 -11.70 24.36 26.15
CA ILE D 10 -11.38 24.15 24.74
C ILE D 10 -12.56 24.54 23.87
N PHE D 11 -13.78 24.24 24.32
CA PHE D 11 -14.96 24.64 23.56
C PHE D 11 -15.08 26.16 23.47
N TYR D 12 -14.82 26.87 24.56
CA TYR D 12 -14.87 28.33 24.52
C TYR D 12 -13.81 28.89 23.60
N ILE D 13 -12.60 28.32 23.62
CA ILE D 13 -11.54 28.76 22.72
C ILE D 13 -11.96 28.55 21.27
N SER D 14 -12.54 27.38 20.98
CA SER D 14 -13.02 27.11 19.62
C SER D 14 -14.19 28.01 19.25
N LYS D 15 -15.02 28.38 20.23
CA LYS D 15 -16.18 29.22 19.94
C LYS D 15 -15.75 30.64 19.58
N VAL D 16 -14.80 31.20 20.31
CA VAL D 16 -14.31 32.54 19.99
C VAL D 16 -13.44 32.55 18.74
N LEU D 17 -12.97 31.37 18.30
CA LEU D 17 -12.17 31.25 17.09
C LEU D 17 -12.99 30.82 15.89
N ALA D 18 -14.31 31.02 15.93
CA ALA D 18 -15.23 30.76 14.82
C ALA D 18 -15.29 29.28 14.43
N LEU D 19 -15.10 28.36 15.37
CA LEU D 19 -15.11 26.94 15.06
C LEU D 19 -16.23 26.17 15.73
N ALA D 20 -16.83 26.71 16.79
CA ALA D 20 -17.90 26.02 17.52
C ALA D 20 -19.07 26.98 17.70
N PRO D 21 -19.89 27.16 16.66
CA PRO D 21 -21.04 28.08 16.76
C PRO D 21 -22.23 27.45 17.46
N TYR D 22 -22.03 27.02 18.70
CA TYR D 22 -23.06 26.38 19.49
C TYR D 22 -23.23 27.11 20.82
N ALA D 23 -24.48 27.24 21.25
CA ALA D 23 -24.80 27.83 22.54
C ALA D 23 -25.10 26.72 23.53
N THR D 24 -24.35 26.67 24.62
CA THR D 24 -24.47 25.62 25.62
C THR D 24 -24.85 26.23 26.96
N VAL D 25 -25.90 25.72 27.57
CA VAL D 25 -26.33 26.10 28.92
C VAL D 25 -26.21 24.89 29.82
N ARG D 26 -25.48 25.02 30.91
CA ARG D 26 -25.27 23.92 31.83
C ARG D 26 -26.52 23.66 32.65
N ASN D 27 -26.94 22.39 32.72
CA ASN D 27 -28.11 22.01 33.50
C ASN D 27 -27.77 21.94 34.99
N SER D 28 -28.79 21.84 35.82
CA SER D 28 -28.56 21.65 37.25
C SER D 28 -28.00 20.26 37.56
N LYS D 29 -28.14 19.31 36.64
CA LYS D 29 -27.62 17.95 36.82
C LYS D 29 -26.17 17.82 36.39
N GLY D 30 -25.55 18.88 35.88
CA GLY D 30 -24.19 18.82 35.38
C GLY D 30 -24.07 18.47 33.91
N ARG D 31 -25.18 18.15 33.24
CA ARG D 31 -25.18 17.83 31.83
C ARG D 31 -25.21 19.12 31.02
N VAL D 32 -24.48 19.14 29.91
CA VAL D 32 -24.36 20.31 29.06
C VAL D 32 -25.23 20.10 27.83
N GLU D 33 -26.28 20.92 27.70
CA GLU D 33 -27.09 20.92 26.50
C GLU D 33 -26.44 21.76 25.42
N ILE D 34 -26.67 21.39 24.17
CA ILE D 34 -26.05 22.05 23.02
C ILE D 34 -27.14 22.47 22.04
N GLY D 35 -27.06 23.71 21.57
CA GLY D 35 -27.98 24.20 20.57
C GLY D 35 -27.28 25.18 19.65
N ARG D 36 -27.85 25.35 18.47
CA ARG D 36 -27.27 26.28 17.50
C ARG D 36 -27.36 27.71 18.02
N SER D 37 -26.26 28.45 17.88
CA SER D 37 -26.19 29.86 18.25
C SER D 37 -26.10 30.66 16.97
N TRP D 38 -27.23 31.22 16.53
CA TRP D 38 -27.26 31.96 15.27
C TRP D 38 -26.39 33.20 15.33
N LEU D 39 -26.27 33.83 16.51
CA LEU D 39 -25.36 34.96 16.66
C LEU D 39 -23.93 34.53 16.37
N PHE D 40 -23.48 33.45 17.01
CA PHE D 40 -22.13 32.94 16.75
C PHE D 40 -22.03 32.21 15.42
N THR D 41 -23.15 31.74 14.87
CA THR D 41 -23.11 31.14 13.53
C THR D 41 -22.78 32.19 12.48
N VAL D 42 -23.50 33.32 12.49
CA VAL D 42 -23.18 34.39 11.56
C VAL D 42 -21.85 35.03 11.91
N TYR D 43 -21.49 35.07 13.20
CA TYR D 43 -20.17 35.58 13.58
C TYR D 43 -19.06 34.72 13.00
N SER D 44 -19.21 33.40 13.06
CA SER D 44 -18.18 32.50 12.53
C SER D 44 -18.07 32.64 11.01
N ALA D 45 -19.20 32.66 10.31
CA ALA D 45 -19.15 32.81 8.86
C ALA D 45 -18.56 34.16 8.46
N THR D 46 -19.00 35.24 9.11
CA THR D 46 -18.49 36.56 8.79
C THR D 46 -17.01 36.68 9.09
N LEU D 47 -16.57 36.19 10.25
CA LEU D 47 -15.16 36.28 10.60
C LEU D 47 -14.29 35.48 9.64
N THR D 48 -14.73 34.28 9.27
CA THR D 48 -13.96 33.46 8.34
C THR D 48 -13.81 34.15 7.00
N VAL D 49 -14.92 34.66 6.44
CA VAL D 49 -14.87 35.31 5.14
C VAL D 49 -14.01 36.56 5.21
N VAL D 50 -14.20 37.37 6.26
CA VAL D 50 -13.50 38.65 6.35
C VAL D 50 -12.00 38.43 6.49
N MET D 51 -11.58 37.55 7.39
CA MET D 51 -10.15 37.39 7.62
C MET D 51 -9.46 36.62 6.51
N VAL D 52 -10.18 35.71 5.83
CA VAL D 52 -9.62 35.09 4.64
C VAL D 52 -9.40 36.14 3.55
N PHE D 53 -10.37 37.01 3.36
CA PHE D 53 -10.22 38.09 2.38
C PHE D 53 -9.07 39.01 2.76
N LEU D 54 -8.94 39.33 4.05
CA LEU D 54 -7.85 40.17 4.51
C LEU D 54 -6.49 39.51 4.31
N THR D 55 -6.40 38.20 4.56
CA THR D 55 -5.14 37.50 4.36
C THR D 55 -4.70 37.53 2.91
N TYR D 56 -5.62 37.25 1.99
CA TYR D 56 -5.29 37.33 0.56
C TYR D 56 -5.08 38.77 0.09
N ARG D 57 -5.78 39.74 0.69
CA ARG D 57 -5.52 41.14 0.37
C ARG D 57 -4.12 41.53 0.76
N GLY D 58 -3.66 41.11 1.94
CA GLY D 58 -2.27 41.36 2.33
C GLY D 58 -1.28 40.65 1.44
N LEU D 59 -1.61 39.43 1.00
CA LEU D 59 -0.74 38.72 0.07
C LEU D 59 -0.60 39.49 -1.25
N LEU D 60 -1.72 39.97 -1.80
CA LEU D 60 -1.68 40.74 -3.03
C LEU D 60 -0.95 42.06 -2.82
N PHE D 61 -1.17 42.70 -1.67
CA PHE D 61 -0.48 43.94 -1.37
C PHE D 61 1.03 43.74 -1.31
N ASP D 62 1.48 42.66 -0.69
CA ASP D 62 2.90 42.34 -0.66
C ASP D 62 3.43 42.09 -2.07
N ALA D 63 2.66 41.38 -2.89
CA ALA D 63 3.09 41.12 -4.26
C ALA D 63 3.12 42.40 -5.10
N ASN D 64 2.24 43.35 -4.81
CA ASN D 64 2.13 44.58 -5.58
C ASN D 64 2.82 45.76 -4.90
N SER D 65 3.54 45.53 -3.81
CA SER D 65 4.24 46.61 -3.13
C SER D 65 5.50 46.99 -3.89
N GLU D 66 6.05 48.16 -3.56
CA GLU D 66 7.28 48.62 -4.19
C GLU D 66 8.43 47.66 -3.89
N ILE D 67 8.59 47.30 -2.63
CA ILE D 67 9.61 46.32 -2.22
C ILE D 67 8.91 45.16 -1.52
N PRO D 68 8.62 44.06 -2.22
CA PRO D 68 8.00 42.91 -1.55
C PRO D 68 8.92 42.32 -0.49
N VAL D 69 8.31 41.78 0.56
CA VAL D 69 9.08 41.19 1.65
C VAL D 69 9.10 39.66 1.52
N ARG D 70 7.93 39.06 1.33
CA ARG D 70 7.82 37.61 1.17
C ARG D 70 7.59 37.18 -0.27
N MET D 71 6.84 37.95 -1.05
CA MET D 71 6.55 37.61 -2.43
C MET D 71 7.54 38.32 -3.34
N LYS D 72 8.81 37.95 -3.19
CA LYS D 72 9.90 38.56 -3.93
C LYS D 72 10.22 37.82 -5.22
N SER D 73 10.59 36.55 -5.12
CA SER D 73 10.92 35.77 -6.31
C SER D 73 9.73 34.91 -6.72
N ALA D 74 9.78 34.42 -7.96
CA ALA D 74 8.70 33.57 -8.46
C ALA D 74 8.58 32.29 -7.62
N THR D 75 9.71 31.67 -7.28
CA THR D 75 9.69 30.53 -6.37
C THR D 75 9.16 30.94 -5.01
N SER D 76 9.63 32.10 -4.51
CA SER D 76 9.13 32.60 -3.24
C SER D 76 7.65 32.94 -3.31
N LYS D 77 7.21 33.51 -4.44
CA LYS D 77 5.80 33.84 -4.60
C LYS D 77 4.94 32.58 -4.57
N VAL D 78 5.35 31.53 -5.27
CA VAL D 78 4.57 30.30 -5.30
C VAL D 78 4.56 29.64 -3.92
N VAL D 79 5.72 29.59 -3.26
CA VAL D 79 5.79 28.95 -1.94
C VAL D 79 4.95 29.72 -0.93
N THR D 80 5.05 31.04 -0.92
CA THR D 80 4.25 31.84 0.02
C THR D 80 2.76 31.73 -0.27
N ALA D 81 2.37 31.75 -1.54
CA ALA D 81 0.96 31.60 -1.88
C ALA D 81 0.44 30.24 -1.45
N LEU D 82 1.21 29.18 -1.67
CA LEU D 82 0.80 27.84 -1.21
C LEU D 82 0.74 27.78 0.31
N ASP D 83 1.70 28.42 0.99
CA ASP D 83 1.69 28.46 2.45
C ASP D 83 0.42 29.11 2.99
N VAL D 84 0.00 30.22 2.37
CA VAL D 84 -1.24 30.86 2.78
C VAL D 84 -2.44 30.00 2.39
N SER D 85 -2.39 29.37 1.21
CA SER D 85 -3.54 28.63 0.71
C SER D 85 -3.87 27.43 1.59
N VAL D 86 -2.85 26.68 2.03
CA VAL D 86 -3.13 25.50 2.84
C VAL D 86 -3.75 25.89 4.18
N VAL D 87 -3.26 26.97 4.78
CA VAL D 87 -3.86 27.46 6.02
C VAL D 87 -5.30 27.89 5.78
N VAL D 88 -5.55 28.60 4.68
CA VAL D 88 -6.90 29.07 4.39
C VAL D 88 -7.84 27.90 4.18
N MET D 89 -7.41 26.89 3.40
CA MET D 89 -8.27 25.72 3.19
C MET D 89 -8.52 24.97 4.48
N ALA D 90 -7.50 24.84 5.34
CA ALA D 90 -7.67 24.13 6.60
C ALA D 90 -8.66 24.84 7.51
N ILE D 91 -8.50 26.16 7.67
CA ILE D 91 -9.39 26.89 8.58
C ILE D 91 -10.80 26.98 8.01
N VAL D 92 -10.92 27.15 6.68
CA VAL D 92 -12.25 27.20 6.06
C VAL D 92 -12.96 25.86 6.21
N SER D 93 -12.23 24.76 6.00
CA SER D 93 -12.82 23.44 6.19
C SER D 93 -13.22 23.22 7.64
N GLY D 94 -12.40 23.69 8.58
CA GLY D 94 -12.76 23.56 9.98
C GLY D 94 -14.00 24.35 10.35
N VAL D 95 -14.11 25.59 9.86
CA VAL D 95 -15.28 26.40 10.14
C VAL D 95 -16.52 25.78 9.48
N TYR D 96 -16.37 25.31 8.24
CA TYR D 96 -17.48 24.64 7.56
C TYR D 96 -17.92 23.40 8.32
N CYS D 97 -16.96 22.63 8.85
CA CYS D 97 -17.30 21.47 9.66
C CYS D 97 -18.05 21.87 10.91
N GLY D 98 -17.59 22.92 11.60
CA GLY D 98 -18.26 23.38 12.80
C GLY D 98 -19.64 23.94 12.55
N LEU D 99 -19.89 24.50 11.37
CA LEU D 99 -21.19 25.08 11.06
C LEU D 99 -22.23 24.00 10.77
N PHE D 100 -21.84 22.92 10.10
CA PHE D 100 -22.77 21.90 9.61
C PHE D 100 -22.57 20.56 10.31
N SER D 101 -22.27 20.57 11.60
CA SER D 101 -22.13 19.34 12.37
C SER D 101 -22.81 19.46 13.72
N LEU D 102 -23.94 20.18 13.77
CA LEU D 102 -24.66 20.30 15.03
C LEU D 102 -25.36 19.01 15.41
N ASN D 103 -26.00 18.35 14.44
CA ASN D 103 -26.71 17.11 14.73
C ASN D 103 -25.75 16.00 15.16
N ASP D 104 -24.62 15.88 14.48
CA ASP D 104 -23.62 14.88 14.86
C ASP D 104 -23.00 15.22 16.21
N THR D 105 -22.82 16.51 16.49
CA THR D 105 -22.32 16.91 17.80
C THR D 105 -23.30 16.51 18.91
N LEU D 106 -24.60 16.72 18.67
CA LEU D 106 -25.60 16.32 19.64
C LEU D 106 -25.57 14.81 19.87
N GLU D 107 -25.52 14.03 18.78
CA GLU D 107 -25.48 12.58 18.91
C GLU D 107 -24.21 12.13 19.63
N LEU D 108 -23.07 12.72 19.28
CA LEU D 108 -21.81 12.33 19.90
C LEU D 108 -21.82 12.62 21.40
N ASN D 109 -22.33 13.78 21.81
CA ASN D 109 -22.36 14.12 23.23
C ASN D 109 -23.37 13.30 24.00
N ASP D 110 -24.51 12.97 23.39
CA ASP D 110 -25.47 12.08 24.05
C ASP D 110 -24.86 10.71 24.28
N ARG D 111 -24.19 10.17 23.26
CA ARG D 111 -23.54 8.88 23.40
C ARG D 111 -22.43 8.93 24.44
N LEU D 112 -21.65 10.02 24.45
CA LEU D 112 -20.58 10.15 25.42
C LEU D 112 -21.12 10.28 26.84
N ASN D 113 -22.27 10.93 27.01
CA ASN D 113 -22.88 11.01 28.33
C ASN D 113 -23.28 9.62 28.82
N LYS D 114 -23.87 8.81 27.94
CA LYS D 114 -24.23 7.45 28.32
C LYS D 114 -23.00 6.61 28.65
N ILE D 115 -21.94 6.76 27.84
CA ILE D 115 -20.70 6.01 28.08
C ILE D 115 -20.07 6.44 29.40
N ASP D 116 -20.05 7.74 29.67
CA ASP D 116 -19.49 8.23 30.93
C ASP D 116 -20.28 7.71 32.13
N ASN D 117 -21.61 7.62 32.00
CA ASN D 117 -22.41 7.03 33.07
C ASN D 117 -22.04 5.55 33.25
N THR D 118 -21.82 4.84 32.15
CA THR D 118 -21.44 3.43 32.24
C THR D 118 -20.09 3.26 32.92
N LEU D 119 -19.11 4.09 32.54
CA LEU D 119 -17.75 4.00 33.07
C LEU D 119 -17.48 5.00 34.18
N ASN D 120 -18.48 5.29 35.02
CA ASN D 120 -18.33 6.35 36.02
C ASN D 120 -17.23 6.03 37.03
N ALA D 121 -16.86 4.75 37.17
CA ALA D 121 -15.79 4.38 38.08
C ALA D 121 -14.42 4.90 37.63
N TYR D 122 -14.25 5.21 36.34
CA TYR D 122 -12.96 5.63 35.81
C TYR D 122 -12.94 7.09 35.37
N ASN D 123 -13.99 7.85 35.66
CA ASN D 123 -14.01 9.27 35.32
C ASN D 123 -13.18 10.07 36.31
N ASN D 124 -12.41 11.02 35.79
CA ASN D 124 -11.58 11.91 36.61
C ASN D 124 -11.78 13.32 36.07
N PHE D 125 -12.67 14.07 36.74
CA PHE D 125 -12.97 15.44 36.30
C PHE D 125 -11.74 16.33 36.39
N ARG D 126 -10.98 16.22 37.48
CA ARG D 126 -9.82 17.08 37.67
C ARG D 126 -8.73 16.78 36.63
N ARG D 127 -8.40 15.49 36.45
CA ARG D 127 -7.36 15.13 35.49
C ARG D 127 -7.77 15.48 34.07
N ASP D 128 -9.03 15.21 33.70
CA ASP D 128 -9.48 15.54 32.36
C ASP D 128 -9.47 17.05 32.12
N ARG D 129 -9.93 17.82 33.11
CA ARG D 129 -9.95 19.28 32.94
C ARG D 129 -8.54 19.83 32.81
N TRP D 130 -7.62 19.38 33.65
CA TRP D 130 -6.25 19.88 33.57
C TRP D 130 -5.53 19.41 32.31
N ARG D 131 -5.81 18.20 31.83
CA ARG D 131 -5.22 17.75 30.58
C ARG D 131 -5.72 18.57 29.41
N ALA D 132 -7.03 18.84 29.36
CA ALA D 132 -7.60 19.61 28.26
C ALA D 132 -7.07 21.05 28.28
N LEU D 133 -7.11 21.68 29.46
CA LEU D 133 -6.59 23.04 29.57
C LEU D 133 -5.09 23.10 29.31
N GLY D 134 -4.34 22.09 29.75
CA GLY D 134 -2.92 22.08 29.49
C GLY D 134 -2.61 21.96 28.01
N MET D 135 -3.31 21.08 27.30
CA MET D 135 -3.09 20.94 25.87
C MET D 135 -3.44 22.22 25.13
N ALA D 136 -4.58 22.83 25.48
CA ALA D 136 -4.96 24.08 24.83
C ALA D 136 -3.97 25.19 25.15
N ALA D 137 -3.54 25.30 26.41
CA ALA D 137 -2.60 26.35 26.79
C ALA D 137 -1.26 26.17 26.10
N VAL D 138 -0.75 24.93 26.06
CA VAL D 138 0.54 24.69 25.41
C VAL D 138 0.47 24.99 23.92
N SER D 139 -0.60 24.57 23.26
CA SER D 139 -0.73 24.82 21.82
C SER D 139 -0.84 26.32 21.54
N LEU D 140 -1.67 27.04 22.31
CA LEU D 140 -1.81 28.46 22.10
C LEU D 140 -0.53 29.22 22.44
N LEU D 141 0.16 28.82 23.50
CA LEU D 141 1.43 29.45 23.84
C LEU D 141 2.48 29.21 22.76
N ALA D 142 2.53 27.99 22.22
CA ALA D 142 3.50 27.68 21.17
C ALA D 142 3.24 28.50 19.92
N ILE D 143 1.97 28.57 19.48
CA ILE D 143 1.67 29.34 18.29
C ILE D 143 1.87 30.83 18.53
N SER D 144 1.56 31.32 19.72
CA SER D 144 1.79 32.73 20.03
C SER D 144 3.27 33.07 20.00
N ILE D 145 4.10 32.22 20.61
CA ILE D 145 5.54 32.47 20.62
C ILE D 145 6.10 32.42 19.21
N LEU D 146 5.69 31.43 18.43
CA LEU D 146 6.22 31.31 17.07
C LEU D 146 5.73 32.44 16.18
N VAL D 147 4.51 32.92 16.38
CA VAL D 147 4.03 34.07 15.62
C VAL D 147 4.84 35.31 15.97
N GLY D 148 5.13 35.52 17.26
CA GLY D 148 5.96 36.65 17.64
C GLY D 148 7.35 36.56 17.06
N LEU D 149 7.96 35.38 17.13
CA LEU D 149 9.30 35.19 16.57
C LEU D 149 9.29 35.38 15.06
N ASP D 150 8.27 34.85 14.38
CA ASP D 150 8.20 34.96 12.93
C ASP D 150 8.02 36.41 12.48
N VAL D 151 7.13 37.14 13.16
CA VAL D 151 6.91 38.54 12.79
C VAL D 151 8.14 39.38 13.11
N GLY D 152 8.84 39.08 14.21
CA GLY D 152 10.06 39.80 14.51
C GLY D 152 11.17 39.53 13.50
N THR D 153 11.34 38.26 13.12
CA THR D 153 12.35 37.92 12.13
C THR D 153 12.04 38.55 10.78
N TRP D 154 10.78 38.53 10.36
CA TRP D 154 10.42 39.14 9.10
C TRP D 154 10.52 40.66 9.15
N MET D 155 10.25 41.26 10.32
CA MET D 155 10.46 42.70 10.48
C MET D 155 11.93 43.05 10.32
N ARG D 156 12.82 42.24 10.92
CA ARG D 156 14.25 42.47 10.76
C ARG D 156 14.68 42.31 9.30
N ILE D 157 14.15 41.28 8.62
CA ILE D 157 14.49 41.07 7.21
C ILE D 157 14.01 42.24 6.37
N ALA D 158 12.81 42.74 6.63
CA ALA D 158 12.30 43.92 5.93
C ALA D 158 13.15 45.16 6.20
N GLN D 159 13.60 45.35 7.44
CA GLN D 159 14.46 46.50 7.74
C GLN D 159 15.79 46.40 7.01
N ASP D 160 16.36 45.19 6.90
CA ASP D 160 17.61 45.03 6.19
C ASP D 160 17.48 45.37 4.71
N MET D 161 16.37 44.97 4.08
CA MET D 161 16.14 45.24 2.68
C MET D 161 15.50 46.61 2.43
N ASN D 162 15.22 47.37 3.48
CA ASN D 162 14.49 48.63 3.35
C ASN D 162 15.28 49.64 2.53
N ILE D 163 14.58 50.35 1.66
CA ILE D 163 15.15 51.45 0.88
C ILE D 163 14.38 52.72 1.21
N ALA D 164 15.08 53.85 1.25
CA ALA D 164 14.48 55.10 1.71
C ALA D 164 13.28 55.51 0.86
N GLN D 165 13.16 55.00 -0.36
CA GLN D 165 12.07 55.37 -1.26
C GLN D 165 10.87 54.44 -1.16
N SER D 166 10.78 53.64 -0.11
CA SER D 166 9.66 52.72 0.06
C SER D 166 9.60 52.26 1.51
N ASP D 167 8.45 51.71 1.90
CA ASP D 167 8.24 51.19 3.24
C ASP D 167 8.05 49.68 3.18
N THR D 168 8.85 48.93 3.94
CA THR D 168 8.75 47.48 3.97
C THR D 168 8.14 46.96 5.26
N GLU D 169 8.08 47.79 6.32
CA GLU D 169 7.49 47.32 7.58
C GLU D 169 5.99 47.07 7.44
N LEU D 170 5.30 47.91 6.65
CA LEU D 170 3.88 47.71 6.43
C LEU D 170 3.61 46.39 5.70
N ASN D 171 4.56 45.94 4.88
CA ASN D 171 4.42 44.63 4.24
C ASN D 171 4.33 43.51 5.26
N VAL D 172 5.17 43.56 6.29
CA VAL D 172 5.08 42.58 7.37
C VAL D 172 3.80 42.81 8.20
N HIS D 173 3.41 44.06 8.40
CA HIS D 173 2.21 44.36 9.16
C HIS D 173 0.94 43.86 8.48
N TRP D 174 0.97 43.66 7.17
CA TRP D 174 -0.20 43.17 6.45
C TRP D 174 -0.33 41.65 6.50
N TYR D 175 0.61 40.95 7.13
CA TYR D 175 0.55 39.51 7.29
C TYR D 175 -0.07 39.09 8.62
N ILE D 176 -0.56 40.05 9.40
CA ILE D 176 -1.21 39.78 10.68
C ILE D 176 -2.43 38.88 10.50
N PRO D 177 -3.31 39.12 9.50
CA PRO D 177 -4.43 38.19 9.31
C PRO D 177 -3.99 36.75 9.05
N PHE D 178 -2.85 36.56 8.38
CA PHE D 178 -2.34 35.21 8.16
C PHE D 178 -2.01 34.53 9.48
N TYR D 179 -1.39 35.25 10.40
CA TYR D 179 -1.06 34.68 11.70
C TYR D 179 -2.32 34.44 12.54
N SER D 180 -3.33 35.30 12.39
CA SER D 180 -4.61 35.03 13.05
C SER D 180 -5.23 33.75 12.50
N LEU D 181 -5.10 33.51 11.19
CA LEU D 181 -5.55 32.25 10.63
C LEU D 181 -4.77 31.08 11.21
N TYR D 182 -3.49 31.28 11.51
CA TYR D 182 -2.74 30.25 12.22
C TYR D 182 -3.33 29.99 13.60
N PHE D 183 -3.77 31.05 14.30
CA PHE D 183 -4.41 30.85 15.59
C PHE D 183 -5.71 30.05 15.45
N ILE D 184 -6.51 30.35 14.42
CA ILE D 184 -7.74 29.60 14.20
C ILE D 184 -7.43 28.14 13.88
N LEU D 185 -6.38 27.90 13.08
CA LEU D 185 -5.98 26.54 12.79
C LEU D 185 -5.53 25.80 14.05
N THR D 186 -4.80 26.48 14.93
CA THR D 186 -4.39 25.87 16.18
C THR D 186 -5.60 25.50 17.04
N GLY D 187 -6.58 26.39 17.12
CA GLY D 187 -7.78 26.08 17.87
C GLY D 187 -8.56 24.92 17.29
N LEU D 188 -8.65 24.87 15.96
CA LEU D 188 -9.34 23.76 15.31
C LEU D 188 -8.64 22.44 15.58
N GLN D 189 -7.31 22.43 15.48
CA GLN D 189 -6.56 21.22 15.78
C GLN D 189 -6.69 20.81 17.24
N VAL D 190 -6.73 21.77 18.15
CA VAL D 190 -6.92 21.46 19.57
C VAL D 190 -8.28 20.82 19.79
N ASN D 191 -9.33 21.37 19.15
CA ASN D 191 -10.67 20.82 19.31
C ASN D 191 -10.75 19.40 18.77
N ILE D 192 -10.20 19.17 17.57
CA ILE D 192 -10.24 17.84 16.98
C ILE D 192 -9.44 16.86 17.83
N ALA D 193 -8.25 17.28 18.27
CA ALA D 193 -7.43 16.41 19.11
C ALA D 193 -8.11 16.10 20.43
N ASN D 194 -8.79 17.08 21.02
CA ASN D 194 -9.49 16.84 22.28
C ASN D 194 -10.59 15.79 22.10
N THR D 195 -11.38 15.90 21.04
CA THR D 195 -12.45 14.93 20.81
C THR D 195 -11.88 13.53 20.55
N ALA D 196 -10.87 13.43 19.68
CA ALA D 196 -10.31 12.14 19.34
C ALA D 196 -9.58 11.52 20.53
N TYR D 197 -8.86 12.34 21.30
CA TYR D 197 -8.21 11.83 22.51
C TYR D 197 -9.23 11.35 23.53
N GLY D 198 -10.36 12.06 23.65
CA GLY D 198 -11.40 11.60 24.54
C GLY D 198 -11.97 10.26 24.14
N LEU D 199 -12.18 10.06 22.83
CA LEU D 199 -12.67 8.77 22.35
C LEU D 199 -11.68 7.66 22.64
N GLY D 200 -10.39 7.90 22.38
CA GLY D 200 -9.38 6.89 22.68
C GLY D 200 -9.25 6.62 24.17
N ARG D 201 -9.34 7.67 24.98
CA ARG D 201 -9.27 7.51 26.44
C ARG D 201 -10.44 6.69 26.95
N ARG D 202 -11.64 6.93 26.43
CA ARG D 202 -12.81 6.16 26.85
C ARG D 202 -12.71 4.71 26.39
N PHE D 203 -12.11 4.48 25.22
CA PHE D 203 -11.84 3.11 24.80
C PHE D 203 -10.89 2.42 25.76
N GLY D 204 -9.84 3.12 26.20
CA GLY D 204 -8.92 2.55 27.17
C GLY D 204 -9.58 2.29 28.51
N ARG D 205 -10.46 3.21 28.94
CA ARG D 205 -11.20 2.99 30.18
C ARG D 205 -12.11 1.77 30.08
N LEU D 206 -12.74 1.58 28.92
CA LEU D 206 -13.57 0.41 28.70
C LEU D 206 -12.75 -0.87 28.78
N ASN D 207 -11.56 -0.87 28.18
CA ASN D 207 -10.69 -2.03 28.26
C ASN D 207 -10.25 -2.30 29.69
N ARG D 208 -9.92 -1.25 30.44
CA ARG D 208 -9.55 -1.41 31.84
C ARG D 208 -10.70 -1.98 32.65
N MET D 209 -11.92 -1.48 32.40
CA MET D 209 -13.09 -1.97 33.11
C MET D 209 -13.35 -3.44 32.79
N LEU D 210 -13.20 -3.82 31.53
CA LEU D 210 -13.37 -5.21 31.14
C LEU D 210 -12.38 -6.11 31.87
N SER D 211 -11.11 -5.71 31.90
CA SER D 211 -10.09 -6.52 32.56
C SER D 211 -10.25 -6.54 34.07
N SER D 212 -10.75 -5.46 34.66
CA SER D 212 -10.92 -5.39 36.10
C SER D 212 -12.21 -6.00 36.61
N SER D 213 -13.18 -6.25 35.72
CA SER D 213 -14.45 -6.84 36.11
C SER D 213 -14.62 -8.26 35.59
N PHE D 214 -13.74 -8.73 34.71
CA PHE D 214 -13.87 -10.08 34.17
C PHE D 214 -12.56 -10.86 34.13
N LEU D 215 -11.45 -10.30 34.60
CA LEU D 215 -10.19 -11.02 34.59
C LEU D 215 -9.40 -10.81 35.88
N ALA D 216 -10.02 -10.22 36.91
CA ALA D 216 -9.34 -9.98 38.17
C ALA D 216 -10.35 -9.91 39.33
N ALA D 262 -28.21 -14.56 40.47
CA ALA D 262 -28.20 -13.36 41.29
C ALA D 262 -27.06 -12.43 40.86
N ALA D 263 -25.86 -12.71 41.38
CA ALA D 263 -24.69 -11.91 41.03
C ALA D 263 -24.34 -12.05 39.55
N ALA D 264 -24.50 -13.26 39.01
CA ALA D 264 -24.19 -13.50 37.60
C ALA D 264 -25.09 -12.69 36.68
N LYS D 265 -26.36 -12.48 37.04
CA LYS D 265 -27.24 -11.66 36.23
C LYS D 265 -26.75 -10.21 36.18
N ASN D 266 -26.33 -9.67 37.31
CA ASN D 266 -25.79 -8.32 37.34
C ASN D 266 -24.49 -8.22 36.54
N LYS D 267 -23.63 -9.24 36.65
CA LYS D 267 -22.38 -9.25 35.89
C LYS D 267 -22.65 -9.30 34.39
N GLY D 268 -23.63 -10.12 33.97
CA GLY D 268 -24.01 -10.15 32.57
C GLY D 268 -24.59 -8.84 32.09
N LEU D 269 -25.38 -8.17 32.93
CA LEU D 269 -25.88 -6.84 32.58
C LEU D 269 -24.74 -5.85 32.45
N LEU D 270 -23.74 -5.96 33.31
CA LEU D 270 -22.57 -5.08 33.22
C LEU D 270 -21.83 -5.31 31.91
N LEU D 271 -21.67 -6.57 31.51
CA LEU D 271 -21.03 -6.85 30.23
C LEU D 271 -21.85 -6.33 29.06
N LYS D 272 -23.18 -6.43 29.14
CA LYS D 272 -24.03 -5.87 28.10
C LYS D 272 -23.84 -4.37 27.99
N SER D 273 -23.72 -3.69 29.13
CA SER D 273 -23.44 -2.26 29.12
C SER D 273 -22.09 -1.96 28.49
N LEU D 274 -21.07 -2.76 28.80
CA LEU D 274 -19.75 -2.55 28.20
C LEU D 274 -19.78 -2.77 26.69
N ALA D 275 -20.49 -3.79 26.23
CA ALA D 275 -20.62 -4.03 24.79
C ALA D 275 -21.34 -2.88 24.10
N ASP D 276 -22.42 -2.39 24.71
CA ASP D 276 -23.12 -1.24 24.15
C ASP D 276 -22.23 0.00 24.15
N SER D 277 -21.43 0.18 25.19
CA SER D 277 -20.50 1.31 25.23
C SER D 277 -19.45 1.22 24.14
N HIS D 278 -18.94 0.01 23.87
CA HIS D 278 -17.95 -0.14 22.81
C HIS D 278 -18.55 0.16 21.45
N GLU D 279 -19.77 -0.34 21.18
CA GLU D 279 -20.43 -0.03 19.92
C GLU D 279 -20.71 1.46 19.80
N SER D 280 -21.15 2.08 20.89
CA SER D 280 -21.41 3.52 20.89
C SER D 280 -20.13 4.33 20.69
N LEU D 281 -19.02 3.89 21.27
CA LEU D 281 -17.74 4.57 21.06
C LEU D 281 -17.29 4.46 19.61
N GLY D 282 -17.49 3.30 18.99
CA GLY D 282 -17.19 3.18 17.57
C GLY D 282 -18.05 4.09 16.72
N LYS D 283 -19.34 4.19 17.06
CA LYS D 283 -20.21 5.13 16.37
C LYS D 283 -19.78 6.57 16.61
N CYS D 284 -19.26 6.87 17.81
CA CYS D 284 -18.74 8.19 18.08
C CYS D 284 -17.52 8.50 17.23
N VAL D 285 -16.64 7.52 17.03
CA VAL D 285 -15.50 7.71 16.14
C VAL D 285 -15.98 7.99 14.73
N HIS D 286 -17.00 7.25 14.28
CA HIS D 286 -17.57 7.51 12.96
C HIS D 286 -18.23 8.88 12.89
N LEU D 287 -18.87 9.32 13.97
CA LEU D 287 -19.46 10.66 13.99
C LEU D 287 -18.39 11.74 13.87
N LEU D 288 -17.28 11.59 14.60
CA LEU D 288 -16.19 12.55 14.48
C LEU D 288 -15.59 12.53 13.09
N SER D 289 -15.42 11.35 12.51
CA SER D 289 -14.91 11.26 11.15
C SER D 289 -15.86 11.89 10.15
N ASN D 290 -17.16 11.62 10.26
CA ASN D 290 -18.12 12.18 9.32
C ASN D 290 -18.24 13.69 9.47
N SER D 291 -18.02 14.22 10.68
CA SER D 291 -18.15 15.64 10.89
C SER D 291 -16.90 16.41 10.48
N PHE D 292 -15.73 15.95 10.90
CA PHE D 292 -14.48 16.69 10.70
C PHE D 292 -13.49 15.93 9.82
N GLY D 293 -13.98 15.06 8.93
CA GLY D 293 -13.08 14.35 8.05
C GLY D 293 -12.37 15.24 7.05
N ILE D 294 -13.11 16.16 6.43
CA ILE D 294 -12.48 17.08 5.48
C ILE D 294 -11.56 18.06 6.20
N ALA D 295 -11.91 18.43 7.43
CA ALA D 295 -11.02 19.28 8.22
C ALA D 295 -9.72 18.55 8.53
N VAL D 296 -9.80 17.28 8.92
CA VAL D 296 -8.59 16.51 9.19
C VAL D 296 -7.79 16.29 7.92
N LEU D 297 -8.47 16.05 6.80
CA LEU D 297 -7.78 15.86 5.52
C LEU D 297 -7.02 17.11 5.12
N PHE D 298 -7.65 18.29 5.27
CA PHE D 298 -6.97 19.53 4.92
C PHE D 298 -5.89 19.88 5.92
N ILE D 299 -6.04 19.47 7.19
CA ILE D 299 -4.96 19.64 8.16
C ILE D 299 -3.76 18.79 7.75
N LEU D 300 -4.01 17.55 7.33
CA LEU D 300 -2.91 16.70 6.86
C LEU D 300 -2.24 17.28 5.63
N VAL D 301 -3.03 17.78 4.67
CA VAL D 301 -2.45 18.41 3.49
C VAL D 301 -1.63 19.64 3.88
N SER D 302 -2.15 20.43 4.82
CA SER D 302 -1.43 21.61 5.29
C SER D 302 -0.11 21.20 5.94
N CYS D 303 -0.14 20.15 6.77
CA CYS D 303 1.08 19.70 7.45
C CYS D 303 2.12 19.23 6.43
N LEU D 304 1.69 18.46 5.43
CA LEU D 304 2.62 17.97 4.42
C LEU D 304 3.25 19.11 3.65
N LEU D 305 2.42 20.02 3.13
CA LEU D 305 2.94 21.14 2.35
C LEU D 305 3.81 22.05 3.21
N HIS D 306 3.40 22.30 4.46
CA HIS D 306 4.18 23.15 5.33
C HIS D 306 5.54 22.55 5.63
N LEU D 307 5.59 21.26 5.93
CA LEU D 307 6.88 20.63 6.23
C LEU D 307 7.79 20.67 5.02
N VAL D 308 7.27 20.34 3.83
CA VAL D 308 8.10 20.36 2.64
C VAL D 308 8.59 21.78 2.33
N ALA D 309 7.69 22.76 2.35
CA ALA D 309 8.06 24.13 1.98
C ALA D 309 8.99 24.75 3.00
N THR D 310 8.72 24.58 4.29
CA THR D 310 9.57 25.16 5.32
C THR D 310 10.95 24.52 5.32
N ALA D 311 11.02 23.19 5.13
CA ALA D 311 12.32 22.53 5.03
C ALA D 311 13.08 23.00 3.81
N TYR D 312 12.38 23.22 2.69
CA TYR D 312 13.03 23.73 1.49
C TYR D 312 13.59 25.13 1.72
N PHE D 313 12.82 26.00 2.38
CA PHE D 313 13.32 27.33 2.71
C PHE D 313 14.48 27.26 3.69
N LEU D 314 14.43 26.32 4.64
CA LEU D 314 15.55 26.16 5.56
C LEU D 314 16.80 25.72 4.82
N PHE D 315 16.66 24.84 3.83
CA PHE D 315 17.81 24.45 3.02
C PHE D 315 18.34 25.63 2.23
N LEU D 316 17.45 26.46 1.67
CA LEU D 316 17.89 27.62 0.92
C LEU D 316 18.66 28.59 1.81
N GLU D 317 18.14 28.86 3.01
CA GLU D 317 18.83 29.77 3.92
C GLU D 317 20.15 29.17 4.40
N LEU D 318 20.17 27.85 4.63
CA LEU D 318 21.40 27.19 5.04
C LEU D 318 22.45 27.26 3.94
N LEU D 319 22.02 27.12 2.68
CA LEU D 319 22.95 27.25 1.56
C LEU D 319 23.46 28.68 1.44
N SER D 320 22.57 29.66 1.63
CA SER D 320 22.97 31.06 1.52
C SER D 320 23.74 31.53 2.74
N LYS D 321 23.38 31.02 3.92
CA LYS D 321 23.98 31.43 5.19
C LYS D 321 23.87 32.94 5.39
N ARG D 322 22.71 33.49 5.03
CA ARG D 322 22.49 34.92 5.12
C ARG D 322 22.03 35.36 6.51
N ASP D 323 21.24 34.54 7.20
CA ASP D 323 20.75 34.88 8.53
C ASP D 323 20.67 33.61 9.37
N ASN D 324 21.01 33.72 10.65
CA ASN D 324 20.98 32.60 11.57
C ASN D 324 19.68 32.52 12.35
N GLY D 325 19.18 33.67 12.80
CA GLY D 325 17.90 33.67 13.50
C GLY D 325 16.76 33.16 12.64
N TYR D 326 16.81 33.45 11.34
CA TYR D 326 15.84 32.89 10.42
C TYR D 326 15.92 31.37 10.38
N LEU D 327 17.15 30.83 10.42
CA LEU D 327 17.31 29.37 10.44
C LEU D 327 16.69 28.78 11.70
N TRP D 328 16.91 29.40 12.86
CA TRP D 328 16.33 28.88 14.09
C TRP D 328 14.80 28.97 14.07
N VAL D 329 14.25 30.07 13.53
CA VAL D 329 12.81 30.19 13.43
C VAL D 329 12.23 29.13 12.50
N GLN D 330 12.90 28.86 11.38
CA GLN D 330 12.43 27.81 10.47
C GLN D 330 12.49 26.44 11.13
N MET D 331 13.53 26.19 11.94
CA MET D 331 13.61 24.93 12.67
C MET D 331 12.46 24.80 13.66
N LEU D 332 12.12 25.90 14.34
CA LEU D 332 10.96 25.89 15.23
C LEU D 332 9.67 25.65 14.47
N TRP D 333 9.56 26.21 13.27
CA TRP D 333 8.38 25.96 12.44
C TRP D 333 8.29 24.50 12.03
N ILE D 334 9.42 23.87 11.72
CA ILE D 334 9.42 22.43 11.44
C ILE D 334 8.93 21.66 12.65
N CYS D 335 9.42 22.02 13.84
CA CYS D 335 8.97 21.36 15.05
C CYS D 335 7.47 21.55 15.27
N PHE D 336 6.96 22.76 15.03
CA PHE D 336 5.54 23.02 15.22
C PHE D 336 4.68 22.22 14.24
N HIS D 337 5.09 22.18 12.97
CA HIS D 337 4.32 21.43 11.97
C HIS D 337 4.36 19.94 12.25
N PHE D 338 5.51 19.42 12.67
CA PHE D 338 5.58 18.01 13.05
C PHE D 338 4.73 17.73 14.28
N LEU D 339 4.73 18.64 15.25
CA LEU D 339 3.95 18.43 16.46
C LEU D 339 2.45 18.45 16.18
N ARG D 340 2.00 19.38 15.33
CA ARG D 340 0.58 19.40 14.98
C ARG D 340 0.19 18.22 14.10
N LEU D 341 1.11 17.73 13.25
CA LEU D 341 0.86 16.49 12.54
C LEU D 341 0.67 15.33 13.51
N LEU D 342 1.52 15.24 14.54
CA LEU D 342 1.33 14.23 15.57
C LEU D 342 0.04 14.45 16.33
N MET D 343 -0.29 15.70 16.63
CA MET D 343 -1.51 16.02 17.38
C MET D 343 -2.77 15.61 16.61
N VAL D 344 -2.72 15.55 15.28
CA VAL D 344 -3.83 15.08 14.50
C VAL D 344 -3.74 13.58 14.18
N VAL D 345 -2.55 12.99 14.24
CA VAL D 345 -2.40 11.58 13.88
C VAL D 345 -2.49 10.65 15.09
N GLU D 346 -1.77 10.96 16.18
CA GLU D 346 -1.69 10.12 17.36
C GLU D 346 -3.03 9.79 18.00
N PRO D 347 -3.95 10.75 18.20
CA PRO D 347 -5.23 10.39 18.83
C PRO D 347 -6.02 9.34 18.05
N CYS D 348 -6.02 9.43 16.72
CA CYS D 348 -6.75 8.44 15.93
C CYS D 348 -6.10 7.06 16.03
N HIS D 349 -4.77 7.02 15.99
CA HIS D 349 -4.07 5.74 16.14
C HIS D 349 -4.32 5.14 17.52
N LEU D 350 -4.31 5.98 18.56
CA LEU D 350 -4.57 5.50 19.92
C LEU D 350 -5.98 4.95 20.04
N ALA D 351 -6.97 5.63 19.46
CA ALA D 351 -8.35 5.16 19.52
C ALA D 351 -8.48 3.82 18.81
N ALA D 352 -7.85 3.68 17.64
CA ALA D 352 -7.94 2.42 16.90
C ALA D 352 -7.30 1.28 17.67
N ARG D 353 -6.12 1.52 18.27
CA ARG D 353 -5.44 0.47 19.01
C ARG D 353 -6.24 0.05 20.24
N GLU D 354 -6.76 1.03 20.99
CA GLU D 354 -7.54 0.72 22.19
C GLU D 354 -8.80 -0.05 21.82
N SER D 355 -9.46 0.33 20.74
CA SER D 355 -10.66 -0.38 20.30
C SER D 355 -10.36 -1.76 19.75
N ARG D 356 -9.16 -1.99 19.23
CA ARG D 356 -8.81 -3.27 18.63
C ARG D 356 -8.26 -4.28 19.63
N LYS D 357 -7.85 -3.86 20.82
CA LYS D 357 -7.42 -4.82 21.82
C LYS D 357 -8.57 -5.35 22.67
N THR D 358 -9.77 -4.77 22.52
CA THR D 358 -10.92 -5.24 23.28
C THR D 358 -11.28 -6.68 22.90
N ILE D 359 -11.13 -7.04 21.63
CA ILE D 359 -11.46 -8.39 21.20
C ILE D 359 -10.52 -9.42 21.82
N GLN D 360 -9.25 -9.06 22.00
CA GLN D 360 -8.33 -9.97 22.70
C GLN D 360 -8.73 -10.15 24.15
N ILE D 361 -9.14 -9.06 24.81
CA ILE D 361 -9.62 -9.17 26.19
C ILE D 361 -10.85 -10.07 26.25
N VAL D 362 -11.77 -9.90 25.29
CA VAL D 362 -12.98 -10.71 25.26
C VAL D 362 -12.66 -12.18 24.97
N CYS D 363 -11.64 -12.44 24.13
CA CYS D 363 -11.23 -13.82 23.90
C CYS D 363 -10.73 -14.48 25.19
N GLU D 364 -9.96 -13.73 25.99
CA GLU D 364 -9.55 -14.25 27.29
C GLU D 364 -10.76 -14.51 28.19
N ILE D 365 -11.74 -13.61 28.16
CA ILE D 365 -12.95 -13.79 28.96
C ILE D 365 -13.68 -15.05 28.52
N GLU D 366 -13.75 -15.30 27.21
CA GLU D 366 -14.33 -16.54 26.69
C GLU D 366 -13.61 -17.75 27.25
N ARG D 367 -12.28 -17.68 27.29
CA ARG D 367 -11.47 -18.78 27.79
C ARG D 367 -11.58 -18.93 29.30
N LYS D 368 -12.21 -17.95 29.97
CA LYS D 368 -12.33 -17.97 31.42
C LYS D 368 -13.77 -18.11 31.90
N VAL D 369 -14.76 -17.87 31.04
CA VAL D 369 -16.16 -17.83 31.44
C VAL D 369 -16.72 -19.25 31.42
N HIS D 370 -17.65 -19.53 32.35
CA HIS D 370 -18.31 -20.83 32.40
C HIS D 370 -19.82 -20.68 32.56
N GLU D 371 -20.28 -19.54 33.09
CA GLU D 371 -21.70 -19.35 33.31
C GLU D 371 -22.43 -19.29 31.97
N PRO D 372 -23.60 -19.93 31.86
CA PRO D 372 -24.27 -20.02 30.55
C PRO D 372 -24.68 -18.66 29.98
N ILE D 373 -25.43 -17.87 30.76
CA ILE D 373 -25.87 -16.57 30.27
C ILE D 373 -24.67 -15.64 30.08
N LEU D 374 -23.69 -15.72 31.00
CA LEU D 374 -22.50 -14.89 30.86
C LEU D 374 -21.70 -15.29 29.61
N ALA D 375 -21.55 -16.59 29.37
CA ALA D 375 -20.81 -17.04 28.19
C ALA D 375 -21.52 -16.62 26.91
N GLU D 376 -22.86 -16.69 26.91
CA GLU D 376 -23.61 -16.22 25.74
C GLU D 376 -23.40 -14.73 25.51
N ALA D 377 -23.40 -13.92 26.59
CA ALA D 377 -23.16 -12.50 26.45
C ALA D 377 -21.77 -12.22 25.91
N VAL D 378 -20.76 -12.96 26.39
CA VAL D 378 -19.40 -12.77 25.91
C VAL D 378 -19.29 -13.20 24.45
N LYS D 379 -20.03 -14.25 24.06
CA LYS D 379 -20.06 -14.67 22.66
C LYS D 379 -20.65 -13.57 21.78
N LYS D 380 -21.73 -12.92 22.25
CA LYS D 380 -22.31 -11.81 21.51
C LYS D 380 -21.32 -10.66 21.37
N PHE D 381 -20.61 -10.35 22.46
CA PHE D 381 -19.62 -9.28 22.41
C PHE D 381 -18.49 -9.60 21.43
N TRP D 382 -18.01 -10.84 21.44
CA TRP D 382 -16.95 -11.24 20.52
C TRP D 382 -17.44 -11.14 19.07
N GLN D 383 -18.68 -11.57 18.82
CA GLN D 383 -19.25 -11.46 17.48
C GLN D 383 -19.34 -10.01 17.04
N GLN D 384 -19.74 -9.11 17.94
CA GLN D 384 -19.79 -7.69 17.60
C GLN D 384 -18.40 -7.14 17.30
N LEU D 385 -17.40 -7.54 18.09
CA LEU D 385 -16.04 -7.05 17.91
C LEU D 385 -15.36 -7.64 16.69
N LEU D 386 -15.95 -8.67 16.08
CA LEU D 386 -15.34 -9.25 14.87
C LEU D 386 -15.33 -8.26 13.72
N VAL D 387 -16.35 -7.42 13.60
CA VAL D 387 -16.54 -6.61 12.40
C VAL D 387 -16.58 -5.12 12.72
N VAL D 388 -15.88 -4.70 13.76
CA VAL D 388 -15.88 -3.30 14.15
C VAL D 388 -14.97 -2.52 13.21
N ASP D 389 -15.48 -1.40 12.70
CA ASP D 389 -14.67 -0.46 11.90
C ASP D 389 -14.04 0.53 12.86
N ALA D 390 -12.75 0.37 13.11
CA ALA D 390 -12.07 1.12 14.16
C ALA D 390 -11.30 2.32 13.65
N ASP D 391 -10.66 2.19 12.49
CA ASP D 391 -9.76 3.23 12.02
C ASP D 391 -10.50 4.51 11.66
N PHE D 392 -9.91 5.65 12.02
CA PHE D 392 -10.45 6.94 11.66
C PHE D 392 -10.17 7.21 10.18
N SER D 393 -11.20 7.65 9.45
CA SER D 393 -11.10 7.87 8.02
C SER D 393 -11.36 9.34 7.71
N ALA D 394 -10.47 9.94 6.93
CA ALA D 394 -10.62 11.33 6.49
C ALA D 394 -11.32 11.32 5.12
N CYS D 395 -12.65 11.21 5.18
CA CYS D 395 -13.52 11.15 4.01
C CYS D 395 -13.19 9.97 3.09
N GLY D 396 -12.57 8.92 3.60
CA GLY D 396 -12.20 7.78 2.79
C GLY D 396 -10.95 7.98 1.98
N LEU D 397 -10.35 9.17 1.99
CA LEU D 397 -9.11 9.40 1.25
C LEU D 397 -7.95 8.60 1.84
N CYS D 398 -7.87 8.55 3.17
CA CYS D 398 -6.81 7.82 3.84
C CYS D 398 -7.26 7.47 5.25
N ARG D 399 -6.61 6.48 5.83
CA ARG D 399 -6.86 6.07 7.21
C ARG D 399 -5.85 6.75 8.12
N VAL D 400 -6.35 7.48 9.11
CA VAL D 400 -5.51 8.33 9.96
C VAL D 400 -4.95 7.46 11.08
N ASN D 401 -3.68 7.08 10.94
CA ASN D 401 -2.95 6.36 11.97
C ASN D 401 -1.48 6.71 11.81
N ARG D 402 -0.62 5.98 12.52
CA ARG D 402 0.81 6.28 12.48
C ARG D 402 1.45 5.86 11.15
N THR D 403 0.76 5.06 10.34
CA THR D 403 1.23 4.77 9.00
C THR D 403 1.28 6.03 8.14
N ILE D 404 0.38 6.99 8.39
CA ILE D 404 0.42 8.27 7.70
C ILE D 404 1.75 8.97 7.92
N LEU D 405 2.35 8.79 9.09
CA LEU D 405 3.67 9.38 9.35
C LEU D 405 4.72 8.81 8.40
N THR D 406 4.70 7.49 8.18
CA THR D 406 5.65 6.88 7.24
C THR D 406 5.41 7.38 5.83
N SER D 407 4.14 7.44 5.40
CA SER D 407 3.84 7.96 4.07
C SER D 407 4.25 9.42 3.93
N PHE D 408 4.02 10.22 4.97
CA PHE D 408 4.44 11.61 4.96
C PHE D 408 5.95 11.74 4.87
N ALA D 409 6.68 10.91 5.62
CA ALA D 409 8.13 10.98 5.57
C ALA D 409 8.66 10.64 4.18
N SER D 410 8.12 9.59 3.56
CA SER D 410 8.54 9.23 2.22
C SER D 410 8.22 10.33 1.22
N ALA D 411 7.01 10.89 1.29
CA ALA D 411 6.63 11.97 0.38
C ALA D 411 7.48 13.21 0.59
N ILE D 412 7.75 13.55 1.85
CA ILE D 412 8.58 14.72 2.14
C ILE D 412 9.97 14.55 1.57
N ALA D 413 10.57 13.37 1.76
CA ALA D 413 11.91 13.13 1.22
C ALA D 413 11.92 13.22 -0.30
N THR D 414 10.92 12.62 -0.95
CA THR D 414 10.88 12.63 -2.41
C THR D 414 10.73 14.06 -2.95
N TYR D 415 9.74 14.80 -2.44
CA TYR D 415 9.52 16.15 -2.94
C TYR D 415 10.68 17.08 -2.59
N LEU D 416 11.26 16.92 -1.40
CA LEU D 416 12.39 17.76 -1.01
C LEU D 416 13.57 17.55 -1.93
N VAL D 417 13.92 16.29 -2.21
CA VAL D 417 15.06 16.02 -3.08
C VAL D 417 14.79 16.57 -4.48
N ALA D 418 13.57 16.39 -4.97
CA ALA D 418 13.21 16.94 -6.27
C ALA D 418 13.33 18.46 -6.29
N LEU D 419 12.96 19.12 -5.20
CA LEU D 419 13.09 20.57 -5.12
C LEU D 419 14.55 20.99 -5.10
N ILE D 420 15.42 20.19 -4.48
CA ILE D 420 16.85 20.50 -4.50
C ILE D 420 17.38 20.45 -5.92
N GLN D 421 16.99 19.42 -6.68
CA GLN D 421 17.38 19.36 -8.08
C GLN D 421 16.79 20.51 -8.88
N PHE D 422 15.58 20.95 -8.49
CA PHE D 422 14.99 22.13 -9.12
C PHE D 422 15.84 23.37 -8.88
N GLN D 423 16.32 23.56 -7.65
CA GLN D 423 17.07 24.77 -7.33
C GLN D 423 18.43 24.78 -8.01
N ARG D 424 19.11 23.62 -8.04
CA ARG D 424 20.44 23.59 -8.65
C ARG D 424 20.37 23.87 -10.14
N THR D 425 19.37 23.33 -10.84
CA THR D 425 19.22 23.54 -12.27
C THR D 425 18.95 25.01 -12.60
#